data_2KBG
#
_entry.id   2KBG
#
_entity_poly.entity_id   1
_entity_poly.type   'polypeptide(L)'
_entity_poly.pdbx_seq_one_letter_code
;EAEASMREPSPPSIHGQPSSGKSFKLSITKQDDGGAPILEYIVKYRSKDKEDQWLEKKVQGNKDHIILEHLQWTMGYEVQ
ITAANRLGYSEPTVYEFSMPPKPNIIKDHHHHHH
;
_entity_poly.pdbx_strand_id   A
#
# COMPACT_ATOMS: atom_id res chain seq x y z
N ARG A 7 9.22 -11.43 17.39
CA ARG A 7 8.50 -10.91 16.21
C ARG A 7 7.05 -11.39 16.25
N GLU A 8 6.10 -10.46 16.16
CA GLU A 8 4.69 -10.80 16.20
C GLU A 8 3.91 -10.06 15.10
N PRO A 9 3.92 -10.56 13.90
CA PRO A 9 3.22 -9.96 12.74
C PRO A 9 1.93 -10.72 12.47
N SER A 10 1.34 -10.52 11.30
CA SER A 10 0.10 -11.24 10.98
C SER A 10 -0.25 -11.11 9.49
N PRO A 11 -1.34 -11.70 9.05
CA PRO A 11 -1.76 -11.64 7.61
C PRO A 11 -1.99 -10.20 7.13
N PRO A 12 -2.18 -10.00 5.84
CA PRO A 12 -2.40 -8.65 5.27
C PRO A 12 -3.27 -7.73 6.12
N SER A 13 -3.22 -6.44 5.78
CA SER A 13 -3.96 -5.42 6.53
C SER A 13 -4.05 -4.13 5.72
N ILE A 14 -4.44 -4.25 4.46
CA ILE A 14 -4.57 -3.11 3.56
C ILE A 14 -5.95 -3.04 2.95
N HIS A 15 -6.59 -1.88 3.06
CA HIS A 15 -7.93 -1.69 2.50
C HIS A 15 -7.84 -0.67 1.37
N GLY A 16 -8.09 -1.10 0.14
CA GLY A 16 -8.05 -0.20 -1.01
C GLY A 16 -9.42 0.36 -1.33
N GLN A 17 -9.45 1.64 -1.71
CA GLN A 17 -10.72 2.29 -2.03
C GLN A 17 -10.52 3.38 -3.09
N PRO A 18 -11.50 3.63 -3.93
CA PRO A 18 -11.40 4.69 -4.98
C PRO A 18 -11.59 6.09 -4.41
N SER A 19 -10.49 6.71 -3.96
CA SER A 19 -10.57 8.05 -3.39
C SER A 19 -11.15 9.01 -4.43
N SER A 20 -10.27 9.57 -5.26
CA SER A 20 -10.68 10.50 -6.31
C SER A 20 -9.90 10.22 -7.58
N GLY A 21 -10.62 10.06 -8.69
CA GLY A 21 -9.98 9.77 -9.96
C GLY A 21 -9.45 8.34 -10.00
N LYS A 22 -8.20 8.17 -10.41
CA LYS A 22 -7.60 6.85 -10.50
C LYS A 22 -6.85 6.50 -9.22
N SER A 23 -6.67 7.47 -8.34
CA SER A 23 -5.95 7.22 -7.10
C SER A 23 -6.71 6.23 -6.22
N PHE A 24 -5.96 5.42 -5.47
CA PHE A 24 -6.57 4.41 -4.58
C PHE A 24 -6.07 4.60 -3.15
N LYS A 25 -7.01 4.64 -2.21
CA LYS A 25 -6.67 4.81 -0.80
C LYS A 25 -6.40 3.46 -0.15
N LEU A 26 -5.14 3.15 0.08
CA LEU A 26 -4.78 1.90 0.73
C LEU A 26 -4.51 2.18 2.21
N SER A 27 -5.51 1.95 3.05
CA SER A 27 -5.37 2.20 4.48
C SER A 27 -4.50 1.15 5.13
N ILE A 28 -3.47 1.60 5.86
CA ILE A 28 -2.60 0.67 6.55
C ILE A 28 -3.23 0.42 7.92
N THR A 29 -3.74 -0.79 8.16
CA THR A 29 -4.37 -1.06 9.46
C THR A 29 -3.34 -1.58 10.44
N LYS A 30 -3.12 -0.78 11.50
CA LYS A 30 -2.17 -1.11 12.54
C LYS A 30 -2.15 -2.61 12.84
N GLN A 31 -1.09 -3.27 12.37
CA GLN A 31 -0.95 -4.70 12.59
C GLN A 31 -0.15 -4.95 13.86
N ASP A 32 -0.09 -6.20 14.30
CA ASP A 32 0.67 -6.53 15.49
C ASP A 32 2.13 -6.18 15.25
N ASP A 33 2.60 -5.13 15.91
CA ASP A 33 3.98 -4.69 15.75
C ASP A 33 4.96 -5.76 16.20
N GLY A 34 6.06 -5.88 15.48
CA GLY A 34 7.08 -6.87 15.79
C GLY A 34 7.41 -6.90 17.28
N GLY A 35 7.07 -5.80 17.97
CA GLY A 35 7.34 -5.70 19.41
C GLY A 35 7.77 -4.29 19.80
N ALA A 36 7.82 -3.39 18.81
CA ALA A 36 8.23 -2.00 19.08
C ALA A 36 7.41 -1.05 18.21
N PRO A 37 7.19 0.16 18.65
CA PRO A 37 6.40 1.15 17.88
C PRO A 37 7.08 1.51 16.57
N ILE A 38 6.28 1.60 15.51
CA ILE A 38 6.82 1.93 14.19
C ILE A 38 6.97 3.44 14.01
N LEU A 39 8.14 3.85 13.54
CA LEU A 39 8.41 5.27 13.30
C LEU A 39 7.92 5.68 11.92
N GLU A 40 8.15 4.83 10.92
CA GLU A 40 7.73 5.13 9.54
C GLU A 40 7.36 3.86 8.80
N TYR A 41 6.61 4.04 7.71
CA TYR A 41 6.18 2.94 6.88
C TYR A 41 6.81 3.05 5.49
N ILE A 42 7.50 2.00 5.07
CA ILE A 42 8.11 1.99 3.75
C ILE A 42 7.22 1.23 2.78
N VAL A 43 6.68 1.95 1.80
CA VAL A 43 5.78 1.36 0.82
C VAL A 43 6.45 1.34 -0.54
N LYS A 44 6.47 0.18 -1.17
CA LYS A 44 7.05 0.04 -2.49
C LYS A 44 6.06 -0.66 -3.41
N TYR A 45 5.79 -0.06 -4.56
CA TYR A 45 4.83 -0.65 -5.50
C TYR A 45 5.37 -0.59 -6.93
N ARG A 46 4.92 -1.52 -7.77
CA ARG A 46 5.37 -1.57 -9.16
C ARG A 46 4.22 -1.96 -10.08
N SER A 47 4.47 -1.89 -11.39
CA SER A 47 3.45 -2.27 -12.36
C SER A 47 3.49 -3.78 -12.58
N LYS A 48 2.32 -4.39 -12.66
CA LYS A 48 2.23 -5.82 -12.87
C LYS A 48 2.83 -6.21 -14.21
N ASP A 49 2.61 -5.39 -15.22
CA ASP A 49 3.16 -5.67 -16.54
C ASP A 49 4.68 -5.64 -16.52
N LYS A 50 5.24 -4.64 -15.82
CA LYS A 50 6.69 -4.49 -15.71
C LYS A 50 7.19 -4.98 -14.35
N GLU A 51 8.03 -6.01 -14.40
CA GLU A 51 8.61 -6.59 -13.19
C GLU A 51 10.12 -6.38 -13.16
N ASP A 52 10.55 -5.12 -13.27
CA ASP A 52 11.98 -4.80 -13.26
C ASP A 52 12.24 -3.50 -12.51
N GLN A 53 11.21 -2.92 -11.90
CA GLN A 53 11.35 -1.67 -11.16
C GLN A 53 10.45 -1.66 -9.93
N TRP A 54 10.86 -0.90 -8.91
CA TRP A 54 10.08 -0.78 -7.67
C TRP A 54 10.14 0.65 -7.14
N LEU A 55 8.99 1.32 -7.21
CA LEU A 55 8.87 2.70 -6.73
C LEU A 55 8.88 2.72 -5.21
N GLU A 56 9.19 3.87 -4.60
CA GLU A 56 9.24 3.99 -3.14
C GLU A 56 8.28 5.06 -2.62
N LYS A 57 7.74 4.82 -1.42
CA LYS A 57 6.80 5.75 -0.79
C LYS A 57 6.91 5.61 0.73
N LYS A 58 7.38 6.66 1.40
CA LYS A 58 7.54 6.63 2.86
C LYS A 58 6.35 7.29 3.55
N VAL A 59 5.98 6.78 4.73
CA VAL A 59 4.85 7.34 5.48
C VAL A 59 5.17 7.41 6.98
N GLN A 60 4.40 8.24 7.68
CA GLN A 60 4.55 8.42 9.11
C GLN A 60 3.81 7.31 9.85
N GLY A 61 4.44 6.74 10.88
CA GLY A 61 3.83 5.64 11.63
C GLY A 61 2.46 6.00 12.17
N ASN A 62 2.09 7.26 12.05
CA ASN A 62 0.79 7.72 12.53
C ASN A 62 -0.15 7.99 11.35
N LYS A 63 0.41 7.95 10.14
CA LYS A 63 -0.40 8.22 8.95
C LYS A 63 -1.46 7.13 8.78
N ASP A 64 -1.02 5.88 8.87
CA ASP A 64 -1.93 4.74 8.74
C ASP A 64 -2.77 4.84 7.46
N HIS A 65 -2.20 5.41 6.41
CA HIS A 65 -2.91 5.56 5.13
C HIS A 65 -2.03 6.24 4.08
N ILE A 66 -2.29 5.97 2.81
CA ILE A 66 -1.54 6.59 1.72
C ILE A 66 -2.41 6.70 0.47
N ILE A 67 -2.25 7.82 -0.23
CA ILE A 67 -2.98 8.07 -1.47
C ILE A 67 -2.02 8.06 -2.64
N LEU A 68 -2.16 7.06 -3.50
CA LEU A 68 -1.30 6.93 -4.67
C LEU A 68 -2.05 7.50 -5.87
N GLU A 69 -1.34 8.27 -6.69
CA GLU A 69 -1.95 8.91 -7.86
C GLU A 69 -1.35 8.38 -9.16
N HIS A 70 -2.09 8.56 -10.26
CA HIS A 70 -1.65 8.13 -11.58
C HIS A 70 -1.67 6.61 -11.68
N LEU A 71 -2.87 6.03 -11.55
CA LEU A 71 -3.05 4.57 -11.62
C LEU A 71 -3.97 4.21 -12.79
N GLN A 72 -3.42 4.14 -14.00
CA GLN A 72 -4.23 3.81 -15.18
C GLN A 72 -5.31 2.77 -14.85
N TRP A 73 -6.40 2.81 -15.62
CA TRP A 73 -7.52 1.90 -15.40
C TRP A 73 -7.30 0.55 -16.09
N THR A 74 -6.26 0.46 -16.92
CA THR A 74 -6.00 -0.79 -17.67
C THR A 74 -4.69 -1.45 -17.22
N MET A 75 -4.14 -1.01 -16.09
CA MET A 75 -2.89 -1.60 -15.60
C MET A 75 -2.93 -1.79 -14.09
N GLY A 76 -2.45 -2.95 -13.65
CA GLY A 76 -2.39 -3.28 -12.25
C GLY A 76 -1.00 -3.07 -11.69
N TYR A 77 -0.92 -2.97 -10.37
CA TYR A 77 0.36 -2.77 -9.68
C TYR A 77 0.31 -3.38 -8.30
N GLU A 78 1.39 -4.02 -7.91
CA GLU A 78 1.47 -4.65 -6.59
C GLU A 78 1.97 -3.61 -5.58
N VAL A 79 1.54 -3.73 -4.33
CA VAL A 79 1.96 -2.79 -3.29
C VAL A 79 2.55 -3.58 -2.12
N GLN A 80 3.71 -3.14 -1.64
CA GLN A 80 4.38 -3.81 -0.52
C GLN A 80 4.62 -2.85 0.62
N ILE A 81 3.93 -3.09 1.73
CA ILE A 81 4.06 -2.27 2.93
C ILE A 81 5.04 -2.89 3.89
N THR A 82 5.91 -2.07 4.46
CA THR A 82 6.87 -2.55 5.46
C THR A 82 6.97 -1.53 6.58
N ALA A 83 6.56 -1.96 7.76
CA ALA A 83 6.58 -1.08 8.93
C ALA A 83 7.95 -1.16 9.60
N ALA A 84 8.60 0.00 9.80
CA ALA A 84 9.94 0.02 10.39
C ALA A 84 9.93 0.48 11.85
N ASN A 85 10.24 -0.45 12.74
CA ASN A 85 10.31 -0.17 14.18
C ASN A 85 11.76 -0.25 14.62
N ARG A 86 11.97 -0.33 15.93
CA ARG A 86 13.32 -0.44 16.47
C ARG A 86 14.03 -1.62 15.83
N LEU A 87 13.26 -2.65 15.47
CA LEU A 87 13.81 -3.84 14.83
C LEU A 87 14.37 -3.46 13.47
N GLY A 88 13.63 -2.63 12.75
CA GLY A 88 14.02 -2.18 11.42
C GLY A 88 12.88 -2.41 10.42
N TYR A 89 12.32 -3.61 10.46
CA TYR A 89 11.22 -3.96 9.57
C TYR A 89 10.37 -5.05 10.21
N SER A 90 9.05 -4.92 10.12
CA SER A 90 8.17 -5.92 10.70
C SER A 90 6.77 -5.83 10.12
N GLU A 91 5.96 -6.82 10.45
CA GLU A 91 4.58 -6.88 9.99
C GLU A 91 4.41 -6.31 8.58
N PRO A 92 5.11 -6.85 7.62
CA PRO A 92 5.02 -6.39 6.20
C PRO A 92 3.70 -6.80 5.58
N THR A 93 3.22 -6.02 4.61
CA THR A 93 1.96 -6.31 3.93
C THR A 93 2.15 -6.34 2.43
N VAL A 94 2.04 -7.53 1.86
CA VAL A 94 2.15 -7.68 0.42
C VAL A 94 0.75 -7.66 -0.17
N TYR A 95 0.32 -6.48 -0.62
CA TYR A 95 -1.01 -6.31 -1.20
C TYR A 95 -0.94 -6.23 -2.71
N GLU A 96 -1.88 -6.89 -3.39
CA GLU A 96 -1.89 -6.90 -4.85
C GLU A 96 -3.32 -6.77 -5.37
N PHE A 97 -3.50 -5.92 -6.39
CA PHE A 97 -4.83 -5.71 -6.96
C PHE A 97 -4.77 -4.88 -8.23
N SER A 98 -5.40 -5.37 -9.30
CA SER A 98 -5.42 -4.65 -10.56
C SER A 98 -6.50 -3.58 -10.54
N MET A 99 -6.41 -2.61 -11.46
CA MET A 99 -7.39 -1.53 -11.53
C MET A 99 -8.58 -1.92 -12.42
N PRO A 100 -9.76 -1.40 -12.14
CA PRO A 100 -10.97 -1.67 -12.97
C PRO A 100 -10.93 -0.83 -14.24
N PRO A 101 -11.72 -1.17 -15.23
CA PRO A 101 -11.78 -0.39 -16.49
C PRO A 101 -12.36 1.01 -16.26
N LYS A 102 -12.00 1.96 -17.13
CA LYS A 102 -12.48 3.33 -16.99
C LYS A 102 -13.94 3.35 -16.50
N PRO A 103 -14.28 4.12 -15.49
CA PRO A 103 -15.69 4.18 -14.98
C PRO A 103 -16.65 4.80 -15.99
N ASN A 104 -17.85 4.22 -16.06
CA ASN A 104 -18.89 4.72 -16.96
C ASN A 104 -19.92 5.52 -16.15
N ILE A 105 -19.83 5.37 -14.83
CA ILE A 105 -20.72 6.08 -13.91
C ILE A 105 -19.97 7.22 -13.24
N ILE A 106 -18.66 7.26 -13.48
CA ILE A 106 -17.78 8.28 -12.92
C ILE A 106 -18.14 8.64 -11.49
N LYS A 107 -18.90 7.78 -10.85
CA LYS A 107 -19.32 7.99 -9.47
C LYS A 107 -18.28 7.43 -8.51
N ASP A 108 -18.22 6.10 -8.43
CA ASP A 108 -17.26 5.42 -7.56
C ASP A 108 -15.91 5.32 -8.25
N ARG A 7 10.06 -9.90 12.94
CA ARG A 7 9.76 -10.45 14.29
C ARG A 7 8.25 -10.56 14.47
N GLU A 8 7.77 -11.78 14.76
CA GLU A 8 6.32 -12.00 14.96
C GLU A 8 5.48 -11.11 14.06
N PRO A 9 5.22 -11.51 12.84
CA PRO A 9 4.41 -10.74 11.89
C PRO A 9 2.99 -11.29 11.88
N SER A 10 2.20 -10.96 10.87
CA SER A 10 0.85 -11.48 10.82
C SER A 10 0.20 -11.19 9.46
N PRO A 11 -1.02 -11.61 9.25
CA PRO A 11 -1.73 -11.41 7.94
C PRO A 11 -1.77 -9.95 7.48
N PRO A 12 -2.02 -9.70 6.22
CA PRO A 12 -2.09 -8.32 5.64
C PRO A 12 -2.80 -7.30 6.54
N SER A 13 -2.80 -6.05 6.09
CA SER A 13 -3.40 -4.94 6.83
C SER A 13 -3.67 -3.78 5.88
N ILE A 14 -4.12 -4.09 4.67
CA ILE A 14 -4.36 -3.06 3.66
C ILE A 14 -5.78 -3.14 3.11
N HIS A 15 -6.44 -2.00 3.12
CA HIS A 15 -7.80 -1.87 2.59
C HIS A 15 -7.82 -0.76 1.55
N GLY A 16 -8.13 -1.12 0.30
CA GLY A 16 -8.14 -0.14 -0.79
C GLY A 16 -9.55 0.34 -1.13
N GLN A 17 -9.62 1.59 -1.54
CA GLN A 17 -10.88 2.23 -1.94
C GLN A 17 -10.60 3.21 -3.08
N PRO A 18 -11.35 3.19 -4.15
CA PRO A 18 -11.11 4.12 -5.30
C PRO A 18 -11.54 5.55 -4.99
N SER A 19 -10.58 6.40 -4.64
CA SER A 19 -10.88 7.79 -4.36
C SER A 19 -11.01 8.56 -5.67
N SER A 20 -11.53 9.79 -5.60
CA SER A 20 -11.70 10.59 -6.80
C SER A 20 -10.46 10.50 -7.69
N GLY A 21 -10.61 9.86 -8.86
CA GLY A 21 -9.50 9.70 -9.80
C GLY A 21 -8.93 8.29 -9.76
N LYS A 22 -7.82 8.10 -10.45
CA LYS A 22 -7.17 6.79 -10.51
C LYS A 22 -6.46 6.46 -9.21
N SER A 23 -6.33 7.44 -8.32
CA SER A 23 -5.66 7.21 -7.06
C SER A 23 -6.43 6.21 -6.20
N PHE A 24 -5.71 5.35 -5.47
CA PHE A 24 -6.33 4.35 -4.60
C PHE A 24 -5.89 4.58 -3.16
N LYS A 25 -6.86 4.72 -2.25
CA LYS A 25 -6.55 4.94 -0.85
C LYS A 25 -6.36 3.61 -0.14
N LEU A 26 -5.09 3.22 0.06
CA LEU A 26 -4.78 1.97 0.74
C LEU A 26 -4.51 2.25 2.21
N SER A 27 -5.52 2.04 3.05
CA SER A 27 -5.38 2.28 4.47
C SER A 27 -4.49 1.25 5.13
N ILE A 28 -3.50 1.70 5.89
CA ILE A 28 -2.60 0.79 6.59
C ILE A 28 -3.19 0.55 7.98
N THR A 29 -3.67 -0.66 8.25
CA THR A 29 -4.26 -0.92 9.57
C THR A 29 -3.16 -1.12 10.60
N LYS A 30 -3.26 -0.37 11.71
CA LYS A 30 -2.29 -0.44 12.79
C LYS A 30 -1.76 -1.85 12.95
N GLN A 31 -0.53 -2.04 12.51
CA GLN A 31 0.11 -3.35 12.61
C GLN A 31 0.71 -3.51 14.01
N ASP A 32 0.22 -4.50 14.75
CA ASP A 32 0.71 -4.74 16.10
C ASP A 32 2.22 -4.81 16.12
N ASP A 33 2.81 -4.88 14.94
CA ASP A 33 4.26 -4.95 14.82
C ASP A 33 4.78 -6.17 15.57
N GLY A 34 6.07 -6.44 15.42
CA GLY A 34 6.66 -7.60 16.09
C GLY A 34 6.63 -7.43 17.60
N GLY A 35 7.07 -6.26 18.07
CA GLY A 35 7.08 -6.00 19.50
C GLY A 35 7.65 -4.62 19.80
N ALA A 36 7.54 -3.70 18.84
CA ALA A 36 8.03 -2.34 19.02
C ALA A 36 7.21 -1.38 18.15
N PRO A 37 7.10 -0.13 18.55
CA PRO A 37 6.31 0.87 17.78
C PRO A 37 7.01 1.22 16.46
N ILE A 38 6.22 1.50 15.45
CA ILE A 38 6.75 1.83 14.13
C ILE A 38 6.96 3.33 13.95
N LEU A 39 8.17 3.70 13.55
CA LEU A 39 8.49 5.10 13.32
C LEU A 39 7.88 5.57 12.01
N GLU A 40 8.03 4.75 10.97
CA GLU A 40 7.50 5.08 9.63
C GLU A 40 7.17 3.81 8.85
N TYR A 41 6.45 3.99 7.76
CA TYR A 41 6.09 2.88 6.90
C TYR A 41 6.73 3.02 5.52
N ILE A 42 7.47 2.01 5.11
CA ILE A 42 8.12 2.02 3.81
C ILE A 42 7.22 1.28 2.83
N VAL A 43 6.61 2.03 1.91
CA VAL A 43 5.71 1.45 0.93
C VAL A 43 6.32 1.51 -0.46
N LYS A 44 6.33 0.37 -1.15
CA LYS A 44 6.86 0.30 -2.49
C LYS A 44 5.83 -0.30 -3.42
N TYR A 45 5.66 0.25 -4.62
CA TYR A 45 4.67 -0.27 -5.56
C TYR A 45 5.21 -0.25 -6.99
N ARG A 46 4.66 -1.12 -7.84
CA ARG A 46 5.09 -1.21 -9.23
C ARG A 46 3.93 -1.62 -10.14
N SER A 47 4.19 -1.64 -11.45
CA SER A 47 3.17 -2.04 -12.42
C SER A 47 3.21 -3.55 -12.64
N LYS A 48 2.03 -4.18 -12.71
CA LYS A 48 1.96 -5.62 -12.91
C LYS A 48 2.49 -6.03 -14.29
N ASP A 49 2.29 -5.19 -15.29
CA ASP A 49 2.74 -5.51 -16.65
C ASP A 49 4.26 -5.66 -16.68
N LYS A 50 4.91 -5.27 -15.59
CA LYS A 50 6.35 -5.36 -15.48
C LYS A 50 6.75 -5.80 -14.10
N GLU A 51 7.98 -6.28 -13.97
CA GLU A 51 8.49 -6.75 -12.68
C GLU A 51 10.00 -6.54 -12.58
N ASP A 52 10.45 -5.32 -12.85
CA ASP A 52 11.88 -5.00 -12.77
C ASP A 52 12.11 -3.62 -12.16
N GLN A 53 11.02 -2.99 -11.72
CA GLN A 53 11.11 -1.65 -11.10
C GLN A 53 10.20 -1.57 -9.88
N TRP A 54 10.66 -0.83 -8.86
CA TRP A 54 9.88 -0.66 -7.62
C TRP A 54 10.02 0.76 -7.10
N LEU A 55 8.92 1.50 -7.15
CA LEU A 55 8.90 2.88 -6.65
C LEU A 55 8.85 2.86 -5.13
N GLU A 56 9.24 3.96 -4.48
CA GLU A 56 9.23 4.04 -3.01
C GLU A 56 8.31 5.13 -2.49
N LYS A 57 7.77 4.89 -1.29
CA LYS A 57 6.87 5.84 -0.64
C LYS A 57 6.96 5.67 0.87
N LYS A 58 7.45 6.70 1.57
CA LYS A 58 7.58 6.65 3.02
C LYS A 58 6.35 7.30 3.68
N VAL A 59 5.91 6.75 4.82
CA VAL A 59 4.74 7.29 5.50
C VAL A 59 4.96 7.35 7.01
N GLN A 60 4.18 8.18 7.68
CA GLN A 60 4.28 8.34 9.13
C GLN A 60 3.57 7.18 9.82
N GLY A 61 4.13 6.73 10.94
CA GLY A 61 3.56 5.62 11.68
C GLY A 61 2.12 5.91 12.11
N ASN A 62 1.78 7.19 12.25
CA ASN A 62 0.44 7.59 12.67
C ASN A 62 -0.47 7.91 11.48
N LYS A 63 0.10 8.02 10.29
CA LYS A 63 -0.71 8.32 9.11
C LYS A 63 -1.68 7.19 8.82
N ASP A 64 -1.18 5.96 8.88
CA ASP A 64 -1.99 4.78 8.64
C ASP A 64 -2.83 4.92 7.37
N HIS A 65 -2.25 5.52 6.33
CA HIS A 65 -2.97 5.69 5.06
C HIS A 65 -2.09 6.39 4.01
N ILE A 66 -2.37 6.14 2.74
CA ILE A 66 -1.62 6.77 1.65
C ILE A 66 -2.45 6.84 0.38
N ILE A 67 -2.17 7.86 -0.43
CA ILE A 67 -2.87 8.04 -1.71
C ILE A 67 -1.85 7.96 -2.84
N LEU A 68 -1.92 6.89 -3.62
CA LEU A 68 -0.99 6.70 -4.74
C LEU A 68 -1.63 7.22 -6.03
N GLU A 69 -1.15 8.37 -6.49
CA GLU A 69 -1.69 8.98 -7.70
C GLU A 69 -1.05 8.41 -8.96
N HIS A 70 -1.82 8.38 -10.04
CA HIS A 70 -1.36 7.90 -11.35
C HIS A 70 -1.37 6.37 -11.41
N LEU A 71 -2.56 5.79 -11.45
CA LEU A 71 -2.73 4.34 -11.55
C LEU A 71 -3.63 4.01 -12.73
N GLN A 72 -3.07 3.99 -13.94
CA GLN A 72 -3.85 3.71 -15.13
C GLN A 72 -4.90 2.63 -14.86
N TRP A 73 -6.07 2.84 -15.45
CA TRP A 73 -7.21 1.93 -15.27
C TRP A 73 -6.99 0.57 -15.94
N THR A 74 -6.20 0.54 -17.02
CA THR A 74 -5.97 -0.71 -17.76
C THR A 74 -4.67 -1.38 -17.35
N MET A 75 -4.18 -1.05 -16.16
CA MET A 75 -2.94 -1.63 -15.67
C MET A 75 -2.99 -1.78 -14.15
N GLY A 76 -2.68 -2.98 -13.67
CA GLY A 76 -2.69 -3.23 -12.24
C GLY A 76 -1.40 -2.74 -11.60
N TYR A 77 -1.41 -2.68 -10.27
CA TYR A 77 -0.25 -2.22 -9.51
C TYR A 77 -0.11 -3.00 -8.21
N GLU A 78 1.09 -3.48 -7.93
CA GLU A 78 1.34 -4.22 -6.68
C GLU A 78 1.80 -3.24 -5.61
N VAL A 79 1.51 -3.55 -4.35
CA VAL A 79 1.93 -2.69 -3.24
C VAL A 79 2.58 -3.51 -2.14
N GLN A 80 3.72 -3.05 -1.67
CA GLN A 80 4.44 -3.74 -0.60
C GLN A 80 4.64 -2.80 0.57
N ILE A 81 3.92 -3.09 1.65
CA ILE A 81 3.97 -2.27 2.86
C ILE A 81 4.91 -2.89 3.87
N THR A 82 5.81 -2.09 4.43
CA THR A 82 6.74 -2.56 5.43
C THR A 82 6.80 -1.56 6.57
N ALA A 83 6.45 -2.02 7.76
CA ALA A 83 6.45 -1.16 8.94
C ALA A 83 7.83 -1.23 9.60
N ALA A 84 8.45 -0.08 9.82
CA ALA A 84 9.79 -0.04 10.41
C ALA A 84 9.78 0.37 11.88
N ASN A 85 10.08 -0.60 12.74
CA ASN A 85 10.14 -0.37 14.18
C ASN A 85 11.57 -0.59 14.66
N ARG A 86 11.76 -0.60 15.98
CA ARG A 86 13.09 -0.83 16.54
C ARG A 86 13.80 -1.94 15.79
N LEU A 87 13.03 -2.95 15.35
CA LEU A 87 13.59 -4.07 14.60
C LEU A 87 14.16 -3.56 13.28
N GLY A 88 13.43 -2.64 12.66
CA GLY A 88 13.82 -2.07 11.37
C GLY A 88 12.73 -2.33 10.35
N TYR A 89 12.20 -3.55 10.38
CA TYR A 89 11.13 -3.95 9.48
C TYR A 89 10.34 -5.10 10.10
N SER A 90 9.02 -5.04 10.06
CA SER A 90 8.23 -6.12 10.65
C SER A 90 6.79 -6.11 10.14
N GLU A 91 6.15 -7.27 10.22
CA GLU A 91 4.77 -7.41 9.80
C GLU A 91 4.53 -6.73 8.45
N PRO A 92 5.28 -7.10 7.44
CA PRO A 92 5.13 -6.51 6.07
C PRO A 92 3.86 -7.02 5.40
N THR A 93 3.33 -6.25 4.45
CA THR A 93 2.15 -6.68 3.72
C THR A 93 2.34 -6.53 2.23
N VAL A 94 2.22 -7.64 1.54
CA VAL A 94 2.33 -7.68 0.10
C VAL A 94 0.92 -7.67 -0.47
N TYR A 95 0.42 -6.48 -0.80
CA TYR A 95 -0.94 -6.34 -1.32
C TYR A 95 -0.92 -6.22 -2.84
N GLU A 96 -1.68 -7.08 -3.52
CA GLU A 96 -1.73 -7.06 -5.00
C GLU A 96 -3.18 -6.99 -5.47
N PHE A 97 -3.44 -6.06 -6.38
CA PHE A 97 -4.79 -5.90 -6.92
C PHE A 97 -4.76 -5.07 -8.20
N SER A 98 -5.47 -5.53 -9.22
CA SER A 98 -5.52 -4.81 -10.48
C SER A 98 -6.51 -3.65 -10.42
N MET A 99 -6.41 -2.74 -11.38
CA MET A 99 -7.29 -1.57 -11.42
C MET A 99 -8.49 -1.83 -12.32
N PRO A 100 -9.65 -1.29 -12.00
CA PRO A 100 -10.88 -1.46 -12.84
C PRO A 100 -10.79 -0.63 -14.11
N PRO A 101 -11.62 -0.93 -15.09
CA PRO A 101 -11.62 -0.16 -16.38
C PRO A 101 -12.09 1.28 -16.18
N LYS A 102 -11.66 2.16 -17.09
CA LYS A 102 -12.00 3.58 -17.01
C LYS A 102 -13.48 3.75 -16.57
N PRO A 103 -13.76 4.61 -15.61
CA PRO A 103 -15.16 4.85 -15.17
C PRO A 103 -15.95 5.67 -16.18
N ASN A 104 -17.27 5.51 -16.18
CA ASN A 104 -18.12 6.26 -17.09
C ASN A 104 -18.34 7.67 -16.57
N ILE A 105 -19.20 7.79 -15.56
CA ILE A 105 -19.51 9.08 -14.95
C ILE A 105 -19.90 8.90 -13.49
N ILE A 106 -20.80 7.97 -13.23
CA ILE A 106 -21.26 7.70 -11.88
C ILE A 106 -20.08 7.65 -10.92
N LYS A 107 -20.35 7.97 -9.65
CA LYS A 107 -19.31 7.96 -8.64
C LYS A 107 -18.54 6.64 -8.65
N ASP A 108 -17.51 6.58 -7.81
CA ASP A 108 -16.67 5.39 -7.71
C ASP A 108 -16.02 5.06 -9.05
N ARG A 7 8.46 -10.43 17.36
CA ARG A 7 8.17 -10.46 15.91
C ARG A 7 6.66 -10.56 15.71
N GLU A 8 5.95 -10.90 16.80
CA GLU A 8 4.48 -11.04 16.79
C GLU A 8 3.82 -10.21 15.68
N PRO A 9 3.71 -10.74 14.49
CA PRO A 9 3.09 -10.06 13.34
C PRO A 9 1.67 -10.56 13.11
N SER A 10 1.10 -10.28 11.94
CA SER A 10 -0.24 -10.76 11.66
C SER A 10 -0.62 -10.56 10.18
N PRO A 11 -1.53 -11.37 9.67
CA PRO A 11 -1.98 -11.28 8.25
C PRO A 11 -2.06 -9.83 7.73
N PRO A 12 -2.11 -9.63 6.43
CA PRO A 12 -2.19 -8.28 5.81
C PRO A 12 -3.07 -7.30 6.61
N SER A 13 -2.91 -6.01 6.30
CA SER A 13 -3.64 -4.96 6.98
C SER A 13 -3.80 -3.75 6.04
N ILE A 14 -4.35 -4.00 4.85
CA ILE A 14 -4.52 -2.95 3.86
C ILE A 14 -5.93 -2.94 3.31
N HIS A 15 -6.57 -1.78 3.34
CA HIS A 15 -7.92 -1.61 2.81
C HIS A 15 -7.91 -0.60 1.67
N GLY A 16 -8.20 -1.05 0.46
CA GLY A 16 -8.20 -0.16 -0.70
C GLY A 16 -9.56 0.45 -0.95
N GLN A 17 -9.57 1.70 -1.41
CA GLN A 17 -10.81 2.39 -1.72
C GLN A 17 -10.57 3.37 -2.88
N PRO A 18 -11.22 3.19 -4.02
CA PRO A 18 -11.00 4.11 -5.18
C PRO A 18 -11.12 5.58 -4.79
N SER A 19 -9.99 6.26 -4.68
CA SER A 19 -9.99 7.67 -4.34
C SER A 19 -10.29 8.49 -5.59
N SER A 20 -10.59 9.78 -5.42
CA SER A 20 -10.89 10.62 -6.57
C SER A 20 -9.92 10.36 -7.70
N GLY A 21 -10.44 9.91 -8.84
CA GLY A 21 -9.61 9.62 -10.00
C GLY A 21 -9.14 8.16 -9.99
N LYS A 22 -7.96 7.93 -10.56
CA LYS A 22 -7.40 6.58 -10.63
C LYS A 22 -6.70 6.23 -9.32
N SER A 23 -6.59 7.21 -8.43
CA SER A 23 -5.94 7.01 -7.16
C SER A 23 -6.71 6.01 -6.28
N PHE A 24 -5.98 5.18 -5.53
CA PHE A 24 -6.59 4.20 -4.64
C PHE A 24 -6.09 4.44 -3.21
N LYS A 25 -7.02 4.68 -2.29
CA LYS A 25 -6.64 4.92 -0.90
C LYS A 25 -6.44 3.61 -0.16
N LEU A 26 -5.20 3.29 0.15
CA LEU A 26 -4.89 2.05 0.89
C LEU A 26 -4.63 2.38 2.35
N SER A 27 -5.56 2.01 3.22
CA SER A 27 -5.44 2.30 4.64
C SER A 27 -4.57 1.25 5.33
N ILE A 28 -3.48 1.70 5.97
CA ILE A 28 -2.61 0.78 6.69
C ILE A 28 -3.20 0.61 8.09
N THR A 29 -3.64 -0.59 8.43
CA THR A 29 -4.22 -0.81 9.75
C THR A 29 -3.13 -1.15 10.75
N LYS A 30 -3.10 -0.41 11.85
CA LYS A 30 -2.12 -0.62 12.89
C LYS A 30 -1.99 -2.09 13.23
N GLN A 31 -0.92 -2.70 12.76
CA GLN A 31 -0.68 -4.11 13.01
C GLN A 31 -0.08 -4.30 14.41
N ASP A 32 -0.21 -5.51 14.95
CA ASP A 32 0.31 -5.78 16.29
C ASP A 32 1.78 -5.36 16.38
N ASP A 33 2.37 -5.01 15.24
CA ASP A 33 3.76 -4.59 15.21
C ASP A 33 4.68 -5.74 15.61
N GLY A 34 5.71 -5.99 14.82
CA GLY A 34 6.65 -7.06 15.09
C GLY A 34 6.96 -7.19 16.58
N GLY A 35 6.70 -6.12 17.33
CA GLY A 35 6.95 -6.12 18.78
C GLY A 35 7.57 -4.81 19.25
N ALA A 36 7.45 -3.77 18.43
CA ALA A 36 8.01 -2.47 18.78
C ALA A 36 7.29 -1.38 17.99
N PRO A 37 7.22 -0.17 18.51
CA PRO A 37 6.53 0.95 17.82
C PRO A 37 7.22 1.31 16.51
N ILE A 38 6.42 1.57 15.48
CA ILE A 38 6.94 1.93 14.17
C ILE A 38 7.14 3.45 14.04
N LEU A 39 8.30 3.84 13.53
CA LEU A 39 8.60 5.26 13.34
C LEU A 39 8.13 5.71 11.95
N GLU A 40 8.05 4.77 11.01
CA GLU A 40 7.62 5.10 9.65
C GLU A 40 7.23 3.84 8.87
N TYR A 41 6.53 4.05 7.75
CA TYR A 41 6.10 2.94 6.89
C TYR A 41 6.71 3.10 5.50
N ILE A 42 7.54 2.14 5.11
CA ILE A 42 8.15 2.16 3.78
C ILE A 42 7.25 1.38 2.83
N VAL A 43 6.71 2.09 1.84
CA VAL A 43 5.80 1.47 0.88
C VAL A 43 6.41 1.49 -0.52
N LYS A 44 6.40 0.34 -1.17
CA LYS A 44 6.94 0.23 -2.51
C LYS A 44 5.91 -0.45 -3.42
N TYR A 45 5.61 0.16 -4.56
CA TYR A 45 4.64 -0.40 -5.49
C TYR A 45 5.16 -0.36 -6.92
N ARG A 46 4.64 -1.25 -7.77
CA ARG A 46 5.06 -1.31 -9.16
C ARG A 46 3.94 -1.78 -10.08
N SER A 47 4.17 -1.69 -11.39
CA SER A 47 3.19 -2.12 -12.36
C SER A 47 3.26 -3.64 -12.53
N LYS A 48 2.10 -4.30 -12.62
CA LYS A 48 2.07 -5.75 -12.79
C LYS A 48 2.69 -6.17 -14.12
N ASP A 49 2.55 -5.32 -15.13
CA ASP A 49 3.07 -5.63 -16.45
C ASP A 49 4.59 -5.81 -16.43
N LYS A 50 5.26 -5.13 -15.50
CA LYS A 50 6.70 -5.19 -15.41
C LYS A 50 7.15 -5.46 -13.98
N GLU A 51 8.41 -5.81 -13.83
CA GLU A 51 9.00 -6.11 -12.52
C GLU A 51 10.45 -5.65 -12.47
N ASP A 52 10.83 -4.78 -13.40
CA ASP A 52 12.20 -4.28 -13.46
C ASP A 52 12.38 -3.00 -12.64
N GLN A 53 11.30 -2.53 -12.01
CA GLN A 53 11.39 -1.31 -11.21
C GLN A 53 10.40 -1.34 -10.04
N TRP A 54 10.76 -0.62 -8.98
CA TRP A 54 9.92 -0.52 -7.78
C TRP A 54 9.98 0.90 -7.22
N LEU A 55 8.84 1.58 -7.26
CA LEU A 55 8.76 2.95 -6.75
C LEU A 55 8.74 2.94 -5.23
N GLU A 56 9.08 4.08 -4.61
CA GLU A 56 9.12 4.18 -3.13
C GLU A 56 8.11 5.20 -2.62
N LYS A 57 7.67 5.00 -1.37
CA LYS A 57 6.71 5.89 -0.74
C LYS A 57 6.82 5.75 0.78
N LYS A 58 7.28 6.81 1.45
CA LYS A 58 7.43 6.78 2.91
C LYS A 58 6.20 7.37 3.59
N VAL A 59 5.82 6.81 4.74
CA VAL A 59 4.65 7.30 5.49
C VAL A 59 4.96 7.37 6.98
N GLN A 60 4.17 8.16 7.68
CA GLN A 60 4.32 8.33 9.12
C GLN A 60 3.73 7.13 9.86
N GLY A 61 4.31 6.80 11.01
CA GLY A 61 3.85 5.67 11.79
C GLY A 61 2.49 5.92 12.43
N ASN A 62 1.90 7.09 12.14
CA ASN A 62 0.59 7.45 12.70
C ASN A 62 -0.41 7.74 11.58
N LYS A 63 0.09 7.93 10.36
CA LYS A 63 -0.78 8.21 9.22
C LYS A 63 -1.71 7.03 8.96
N ASP A 64 -1.13 5.83 8.93
CA ASP A 64 -1.90 4.63 8.72
C ASP A 64 -2.74 4.72 7.43
N HIS A 65 -2.21 5.38 6.40
CA HIS A 65 -2.93 5.52 5.13
C HIS A 65 -2.06 6.22 4.08
N ILE A 66 -2.38 5.99 2.81
CA ILE A 66 -1.65 6.61 1.70
C ILE A 66 -2.51 6.67 0.46
N ILE A 67 -2.18 7.61 -0.41
CA ILE A 67 -2.90 7.80 -1.67
C ILE A 67 -1.94 7.67 -2.85
N LEU A 68 -2.03 6.56 -3.59
CA LEU A 68 -1.16 6.35 -4.74
C LEU A 68 -1.84 6.87 -6.00
N GLU A 69 -1.35 8.00 -6.52
CA GLU A 69 -1.91 8.63 -7.71
C GLU A 69 -1.26 8.10 -8.98
N HIS A 70 -1.99 8.23 -10.09
CA HIS A 70 -1.52 7.80 -11.40
C HIS A 70 -1.52 6.28 -11.54
N LEU A 71 -2.73 5.71 -11.57
CA LEU A 71 -2.88 4.25 -11.71
C LEU A 71 -3.78 3.94 -12.91
N GLN A 72 -3.21 3.94 -14.11
CA GLN A 72 -3.97 3.66 -15.34
C GLN A 72 -5.05 2.61 -15.08
N TRP A 73 -6.21 2.82 -15.70
CA TRP A 73 -7.34 1.91 -15.54
C TRP A 73 -7.15 0.60 -16.32
N THR A 74 -6.09 0.54 -17.13
CA THR A 74 -5.82 -0.64 -17.96
C THR A 74 -4.57 -1.36 -17.50
N MET A 75 -4.11 -1.06 -16.29
CA MET A 75 -2.92 -1.70 -15.75
C MET A 75 -3.07 -1.93 -14.26
N GLY A 76 -2.57 -3.06 -13.79
CA GLY A 76 -2.64 -3.39 -12.38
C GLY A 76 -1.37 -2.95 -11.66
N TYR A 77 -1.42 -2.88 -10.34
CA TYR A 77 -0.26 -2.47 -9.56
C TYR A 77 -0.19 -3.19 -8.22
N GLU A 78 1.00 -3.63 -7.83
CA GLU A 78 1.20 -4.32 -6.56
C GLU A 78 1.72 -3.32 -5.52
N VAL A 79 1.38 -3.54 -4.26
CA VAL A 79 1.83 -2.66 -3.17
C VAL A 79 2.49 -3.48 -2.08
N GLN A 80 3.65 -3.01 -1.61
CA GLN A 80 4.37 -3.71 -0.55
C GLN A 80 4.63 -2.77 0.60
N ILE A 81 3.89 -2.99 1.68
CA ILE A 81 3.98 -2.17 2.89
C ILE A 81 4.97 -2.78 3.87
N THR A 82 5.86 -1.95 4.40
CA THR A 82 6.83 -2.42 5.39
C THR A 82 6.89 -1.42 6.54
N ALA A 83 6.61 -1.88 7.74
CA ALA A 83 6.63 -1.02 8.92
C ALA A 83 8.00 -1.10 9.59
N ALA A 84 8.63 0.04 9.82
CA ALA A 84 9.97 0.06 10.43
C ALA A 84 9.91 0.41 11.92
N ASN A 85 10.24 -0.59 12.74
CA ASN A 85 10.26 -0.42 14.19
C ASN A 85 11.68 -0.67 14.69
N ARG A 86 11.81 -0.85 16.00
CA ARG A 86 13.13 -1.12 16.57
C ARG A 86 13.77 -2.28 15.82
N LEU A 87 12.94 -3.17 15.31
CA LEU A 87 13.43 -4.32 14.55
C LEU A 87 14.11 -3.82 13.27
N GLY A 88 13.51 -2.78 12.69
CA GLY A 88 14.01 -2.17 11.45
C GLY A 88 12.96 -2.32 10.38
N TYR A 89 12.41 -3.51 10.28
CA TYR A 89 11.35 -3.81 9.34
C TYR A 89 10.57 -5.01 9.87
N SER A 90 9.25 -4.88 9.95
CA SER A 90 8.41 -5.97 10.46
C SER A 90 7.56 -6.53 9.34
N GLU A 91 7.27 -7.82 9.42
CA GLU A 91 6.45 -8.55 8.42
C GLU A 91 5.72 -7.57 7.47
N PRO A 92 6.24 -7.32 6.29
CA PRO A 92 5.58 -6.36 5.35
C PRO A 92 4.30 -6.95 4.78
N THR A 93 3.41 -6.10 4.29
CA THR A 93 2.16 -6.54 3.71
C THR A 93 2.22 -6.40 2.20
N VAL A 94 2.19 -7.53 1.54
CA VAL A 94 2.21 -7.57 0.09
C VAL A 94 0.77 -7.57 -0.41
N TYR A 95 0.27 -6.39 -0.71
CA TYR A 95 -1.11 -6.24 -1.19
C TYR A 95 -1.11 -6.13 -2.71
N GLU A 96 -1.93 -6.95 -3.37
CA GLU A 96 -2.01 -6.95 -4.82
C GLU A 96 -3.45 -6.81 -5.30
N PHE A 97 -3.65 -5.86 -6.21
CA PHE A 97 -4.97 -5.60 -6.77
C PHE A 97 -4.85 -4.87 -8.10
N SER A 98 -5.46 -5.40 -9.14
CA SER A 98 -5.39 -4.76 -10.45
C SER A 98 -6.40 -3.63 -10.54
N MET A 99 -6.20 -2.71 -11.49
CA MET A 99 -7.12 -1.58 -11.64
C MET A 99 -8.24 -1.92 -12.62
N PRO A 100 -9.47 -1.52 -12.34
CA PRO A 100 -10.63 -1.79 -13.25
C PRO A 100 -10.60 -0.86 -14.46
N PRO A 101 -11.32 -1.18 -15.50
CA PRO A 101 -11.37 -0.32 -16.73
C PRO A 101 -11.99 1.04 -16.42
N LYS A 102 -11.60 2.06 -17.18
CA LYS A 102 -12.10 3.42 -16.97
C LYS A 102 -13.61 3.38 -16.63
N PRO A 103 -14.05 4.07 -15.60
CA PRO A 103 -15.49 4.07 -15.21
C PRO A 103 -16.36 4.79 -16.24
N ASN A 104 -17.57 4.27 -16.44
CA ASN A 104 -18.52 4.87 -17.38
C ASN A 104 -19.77 5.34 -16.65
N ILE A 105 -20.64 4.39 -16.30
CA ILE A 105 -21.87 4.69 -15.58
C ILE A 105 -21.98 3.83 -14.33
N ILE A 106 -20.99 2.97 -14.12
CA ILE A 106 -20.98 2.09 -12.97
C ILE A 106 -20.83 2.88 -11.67
N LYS A 107 -19.97 3.89 -11.70
CA LYS A 107 -19.74 4.72 -10.52
C LYS A 107 -18.91 3.97 -9.48
N ASP A 108 -18.43 4.69 -8.47
CA ASP A 108 -17.63 4.08 -7.42
C ASP A 108 -18.36 2.87 -6.83
N ARG A 7 7.86 -10.91 17.79
CA ARG A 7 7.67 -10.70 16.33
C ARG A 7 6.18 -10.80 15.99
N GLU A 8 5.38 -11.14 17.00
CA GLU A 8 3.93 -11.29 16.86
C GLU A 8 3.34 -10.39 15.77
N PRO A 9 3.22 -10.89 14.55
CA PRO A 9 2.63 -10.14 13.41
C PRO A 9 1.19 -10.61 13.16
N SER A 10 0.62 -10.30 12.00
CA SER A 10 -0.73 -10.72 11.73
C SER A 10 -1.11 -10.53 10.24
N PRO A 11 -2.07 -11.28 9.74
CA PRO A 11 -2.52 -11.20 8.31
C PRO A 11 -2.58 -9.75 7.78
N PRO A 12 -2.78 -9.55 6.48
CA PRO A 12 -2.84 -8.19 5.88
C PRO A 12 -3.86 -7.26 6.55
N SER A 13 -3.53 -5.97 6.48
CA SER A 13 -4.34 -4.92 7.10
C SER A 13 -4.49 -3.75 6.13
N ILE A 14 -4.48 -4.07 4.85
CA ILE A 14 -4.57 -3.05 3.81
C ILE A 14 -5.96 -3.05 3.21
N HIS A 15 -6.62 -1.92 3.31
CA HIS A 15 -7.97 -1.75 2.79
C HIS A 15 -7.94 -0.70 1.67
N GLY A 16 -8.27 -1.12 0.46
CA GLY A 16 -8.26 -0.21 -0.69
C GLY A 16 -9.63 0.36 -0.97
N GLN A 17 -9.65 1.52 -1.61
CA GLN A 17 -10.88 2.20 -1.97
C GLN A 17 -10.60 3.14 -3.13
N PRO A 18 -11.41 3.17 -4.17
CA PRO A 18 -11.16 4.06 -5.34
C PRO A 18 -11.40 5.53 -5.00
N SER A 19 -10.39 6.16 -4.41
CA SER A 19 -10.50 7.56 -4.06
C SER A 19 -10.78 8.38 -5.31
N SER A 20 -10.78 9.71 -5.17
CA SER A 20 -11.03 10.56 -6.32
C SER A 20 -10.04 10.26 -7.44
N GLY A 21 -10.56 9.90 -8.61
CA GLY A 21 -9.72 9.60 -9.76
C GLY A 21 -9.20 8.16 -9.73
N LYS A 22 -8.06 7.95 -10.38
CA LYS A 22 -7.45 6.63 -10.44
C LYS A 22 -6.73 6.28 -9.14
N SER A 23 -6.61 7.27 -8.26
CA SER A 23 -5.92 7.05 -7.00
C SER A 23 -6.68 6.04 -6.14
N PHE A 24 -5.92 5.20 -5.41
CA PHE A 24 -6.53 4.20 -4.52
C PHE A 24 -6.05 4.43 -3.10
N LYS A 25 -6.99 4.56 -2.18
CA LYS A 25 -6.66 4.79 -0.78
C LYS A 25 -6.44 3.48 -0.05
N LEU A 26 -5.19 3.07 0.11
CA LEU A 26 -4.87 1.83 0.81
C LEU A 26 -4.60 2.17 2.28
N SER A 27 -5.59 1.95 3.12
CA SER A 27 -5.46 2.26 4.53
C SER A 27 -4.58 1.24 5.24
N ILE A 28 -3.48 1.72 5.82
CA ILE A 28 -2.59 0.82 6.56
C ILE A 28 -3.13 0.70 7.98
N THR A 29 -3.70 -0.45 8.31
CA THR A 29 -4.26 -0.64 9.65
C THR A 29 -3.17 -1.12 10.61
N LYS A 30 -3.06 -0.44 11.74
CA LYS A 30 -2.07 -0.76 12.76
C LYS A 30 -2.01 -2.27 13.00
N GLN A 31 -0.95 -2.88 12.49
CA GLN A 31 -0.72 -4.32 12.66
C GLN A 31 0.08 -4.58 13.92
N ASP A 32 -0.08 -5.76 14.50
CA ASP A 32 0.68 -6.09 15.68
C ASP A 32 2.16 -5.98 15.35
N ASP A 33 2.78 -4.90 15.80
CA ASP A 33 4.19 -4.67 15.51
C ASP A 33 5.02 -5.84 16.03
N GLY A 34 6.08 -6.17 15.31
CA GLY A 34 6.93 -7.28 15.72
C GLY A 34 7.19 -7.25 17.22
N GLY A 35 7.54 -6.07 17.73
CA GLY A 35 7.80 -5.93 19.16
C GLY A 35 8.25 -4.52 19.53
N ALA A 36 7.99 -3.53 18.67
CA ALA A 36 8.37 -2.16 18.95
C ALA A 36 7.53 -1.19 18.12
N PRO A 37 7.40 0.04 18.55
CA PRO A 37 6.62 1.07 17.81
C PRO A 37 7.26 1.38 16.46
N ILE A 38 6.43 1.63 15.45
CA ILE A 38 6.94 1.91 14.11
C ILE A 38 7.13 3.41 13.90
N LEU A 39 8.35 3.77 13.51
CA LEU A 39 8.67 5.16 13.24
C LEU A 39 8.01 5.61 11.94
N GLU A 40 8.04 4.72 10.95
CA GLU A 40 7.46 5.02 9.65
C GLU A 40 7.09 3.74 8.90
N TYR A 41 6.40 3.92 7.77
CA TYR A 41 5.97 2.80 6.93
C TYR A 41 6.55 2.97 5.53
N ILE A 42 7.44 2.06 5.14
CA ILE A 42 8.03 2.11 3.81
C ILE A 42 7.16 1.31 2.86
N VAL A 43 6.58 2.00 1.88
CA VAL A 43 5.68 1.36 0.93
C VAL A 43 6.31 1.35 -0.46
N LYS A 44 6.34 0.17 -1.07
CA LYS A 44 6.91 0.04 -2.41
C LYS A 44 5.88 -0.58 -3.35
N TYR A 45 5.63 0.06 -4.48
CA TYR A 45 4.65 -0.43 -5.45
C TYR A 45 5.20 -0.37 -6.87
N ARG A 46 4.68 -1.23 -7.75
CA ARG A 46 5.12 -1.28 -9.14
C ARG A 46 3.98 -1.67 -10.07
N SER A 47 4.24 -1.57 -11.37
CA SER A 47 3.26 -1.96 -12.37
C SER A 47 3.32 -3.47 -12.57
N LYS A 48 2.15 -4.11 -12.68
CA LYS A 48 2.11 -5.57 -12.87
C LYS A 48 2.75 -5.98 -14.19
N ASP A 49 2.71 -5.10 -15.18
CA ASP A 49 3.30 -5.41 -16.48
C ASP A 49 4.81 -5.62 -16.37
N LYS A 50 5.42 -4.92 -15.42
CA LYS A 50 6.86 -4.98 -15.23
C LYS A 50 7.23 -5.47 -13.85
N GLU A 51 8.52 -5.72 -13.68
CA GLU A 51 9.06 -6.20 -12.40
C GLU A 51 10.53 -5.76 -12.24
N ASP A 52 11.01 -4.95 -13.18
CA ASP A 52 12.40 -4.48 -13.14
C ASP A 52 12.51 -3.16 -12.39
N GLN A 53 11.38 -2.63 -11.92
CA GLN A 53 11.38 -1.37 -11.18
C GLN A 53 10.40 -1.40 -10.02
N TRP A 54 10.83 -0.85 -8.89
CA TRP A 54 10.00 -0.79 -7.68
C TRP A 54 10.08 0.61 -7.06
N LEU A 55 8.98 1.34 -7.18
CA LEU A 55 8.91 2.69 -6.63
C LEU A 55 8.84 2.63 -5.11
N GLU A 56 9.18 3.73 -4.44
CA GLU A 56 9.15 3.77 -2.97
C GLU A 56 8.28 4.92 -2.48
N LYS A 57 7.63 4.71 -1.33
CA LYS A 57 6.76 5.73 -0.74
C LYS A 57 6.86 5.62 0.79
N LYS A 58 7.46 6.63 1.41
CA LYS A 58 7.62 6.65 2.86
C LYS A 58 6.35 7.20 3.51
N VAL A 59 5.98 6.63 4.66
CA VAL A 59 4.76 7.06 5.37
C VAL A 59 5.01 7.18 6.86
N GLN A 60 4.20 8.01 7.51
CA GLN A 60 4.30 8.23 8.95
C GLN A 60 3.66 7.06 9.69
N GLY A 61 4.21 6.72 10.85
CA GLY A 61 3.67 5.62 11.63
C GLY A 61 2.28 5.94 12.17
N ASN A 62 1.85 7.20 11.98
CA ASN A 62 0.54 7.64 12.45
C ASN A 62 -0.41 7.92 11.28
N LYS A 63 0.13 8.04 10.08
CA LYS A 63 -0.70 8.32 8.91
C LYS A 63 -1.69 7.16 8.68
N ASP A 64 -1.18 5.94 8.71
CA ASP A 64 -2.02 4.77 8.52
C ASP A 64 -2.86 4.89 7.25
N HIS A 65 -2.29 5.47 6.19
CA HIS A 65 -3.01 5.63 4.92
C HIS A 65 -2.11 6.32 3.88
N ILE A 66 -2.40 6.05 2.61
CA ILE A 66 -1.63 6.66 1.51
C ILE A 66 -2.47 6.72 0.24
N ILE A 67 -2.25 7.78 -0.54
CA ILE A 67 -2.95 7.97 -1.80
C ILE A 67 -1.95 7.88 -2.96
N LEU A 68 -2.10 6.88 -3.82
CA LEU A 68 -1.19 6.70 -4.95
C LEU A 68 -1.83 7.19 -6.23
N GLU A 69 -1.41 8.35 -6.71
CA GLU A 69 -1.97 8.91 -7.95
C GLU A 69 -1.32 8.31 -9.19
N HIS A 70 -2.07 8.33 -10.29
CA HIS A 70 -1.60 7.81 -11.57
C HIS A 70 -1.48 6.29 -11.53
N LEU A 71 -2.62 5.61 -11.42
CA LEU A 71 -2.64 4.13 -11.37
C LEU A 71 -3.17 3.55 -12.68
N GLN A 72 -3.69 4.40 -13.55
CA GLN A 72 -4.23 3.96 -14.84
C GLN A 72 -5.31 2.88 -14.66
N TRP A 73 -6.27 2.88 -15.57
CA TRP A 73 -7.39 1.94 -15.50
C TRP A 73 -7.12 0.67 -16.30
N THR A 74 -6.14 0.73 -17.21
CA THR A 74 -5.82 -0.42 -18.06
C THR A 74 -4.50 -1.07 -17.63
N MET A 75 -4.08 -0.79 -16.41
CA MET A 75 -2.84 -1.34 -15.88
C MET A 75 -2.98 -1.59 -14.37
N GLY A 76 -2.46 -2.71 -13.91
CA GLY A 76 -2.55 -3.07 -12.49
C GLY A 76 -1.33 -2.55 -11.73
N TYR A 77 -1.39 -2.64 -10.41
CA TYR A 77 -0.30 -2.19 -9.56
C TYR A 77 -0.23 -3.02 -8.28
N GLU A 78 0.98 -3.43 -7.91
CA GLU A 78 1.19 -4.21 -6.68
C GLU A 78 1.68 -3.28 -5.59
N VAL A 79 1.41 -3.62 -4.33
CA VAL A 79 1.84 -2.77 -3.21
C VAL A 79 2.46 -3.62 -2.11
N GLN A 80 3.59 -3.15 -1.59
CA GLN A 80 4.31 -3.84 -0.54
C GLN A 80 4.58 -2.89 0.63
N ILE A 81 3.86 -3.11 1.72
CA ILE A 81 4.00 -2.29 2.91
C ILE A 81 5.03 -2.89 3.87
N THR A 82 5.87 -2.05 4.44
CA THR A 82 6.86 -2.51 5.40
C THR A 82 6.92 -1.53 6.57
N ALA A 83 6.60 -2.00 7.75
CA ALA A 83 6.60 -1.15 8.94
C ALA A 83 7.98 -1.18 9.58
N ALA A 84 8.58 0.00 9.80
CA ALA A 84 9.93 0.05 10.38
C ALA A 84 9.92 0.46 11.84
N ASN A 85 10.28 -0.48 12.70
CA ASN A 85 10.36 -0.24 14.15
C ASN A 85 11.80 -0.36 14.58
N ARG A 86 12.02 -0.41 15.88
CA ARG A 86 13.38 -0.53 16.39
C ARG A 86 14.08 -1.70 15.70
N LEU A 87 13.29 -2.72 15.32
CA LEU A 87 13.84 -3.88 14.63
C LEU A 87 14.43 -3.42 13.29
N GLY A 88 13.68 -2.54 12.63
CA GLY A 88 14.07 -2.00 11.33
C GLY A 88 12.96 -2.24 10.32
N TYR A 89 12.45 -3.47 10.30
CA TYR A 89 11.36 -3.83 9.41
C TYR A 89 10.62 -5.03 10.01
N SER A 90 9.30 -5.03 9.94
CA SER A 90 8.52 -6.15 10.48
C SER A 90 7.48 -6.64 9.48
N GLU A 91 7.40 -7.97 9.35
CA GLU A 91 6.43 -8.63 8.46
C GLU A 91 5.75 -7.64 7.50
N PRO A 92 6.25 -7.46 6.30
CA PRO A 92 5.63 -6.49 5.35
C PRO A 92 4.29 -7.02 4.81
N THR A 93 3.42 -6.10 4.42
CA THR A 93 2.13 -6.47 3.86
C THR A 93 2.20 -6.40 2.36
N VAL A 94 2.11 -7.56 1.75
CA VAL A 94 2.14 -7.66 0.29
C VAL A 94 0.71 -7.68 -0.23
N TYR A 95 0.24 -6.51 -0.64
CA TYR A 95 -1.12 -6.37 -1.16
C TYR A 95 -1.07 -6.29 -2.69
N GLU A 96 -1.89 -7.10 -3.37
CA GLU A 96 -1.89 -7.12 -4.84
C GLU A 96 -3.30 -7.00 -5.41
N PHE A 97 -3.46 -6.08 -6.36
CA PHE A 97 -4.76 -5.86 -6.99
C PHE A 97 -4.58 -5.02 -8.26
N SER A 98 -5.32 -5.36 -9.32
CA SER A 98 -5.22 -4.61 -10.58
C SER A 98 -6.24 -3.49 -10.61
N MET A 99 -6.15 -2.61 -11.62
CA MET A 99 -7.09 -1.49 -11.74
C MET A 99 -8.23 -1.82 -12.70
N PRO A 100 -9.45 -1.44 -12.40
CA PRO A 100 -10.63 -1.70 -13.29
C PRO A 100 -10.60 -0.78 -14.51
N PRO A 101 -11.34 -1.11 -15.53
CA PRO A 101 -11.41 -0.28 -16.78
C PRO A 101 -11.99 1.11 -16.51
N LYS A 102 -11.51 2.10 -17.26
CA LYS A 102 -11.98 3.48 -17.10
C LYS A 102 -13.49 3.50 -16.89
N PRO A 103 -14.00 4.26 -15.95
CA PRO A 103 -15.47 4.35 -15.73
C PRO A 103 -16.14 5.19 -16.81
N ASN A 104 -17.44 5.00 -16.99
CA ASN A 104 -18.17 5.78 -17.99
C ASN A 104 -18.43 7.18 -17.44
N ILE A 105 -19.26 7.25 -16.40
CA ILE A 105 -19.57 8.53 -15.76
C ILE A 105 -20.51 8.32 -14.56
N ILE A 106 -19.90 8.18 -13.40
CA ILE A 106 -20.64 7.97 -12.17
C ILE A 106 -19.68 7.90 -10.99
N LYS A 107 -20.20 8.10 -9.78
CA LYS A 107 -19.36 8.05 -8.59
C LYS A 107 -18.54 6.76 -8.58
N ASP A 108 -17.21 6.92 -8.70
CA ASP A 108 -16.30 5.78 -8.70
C ASP A 108 -14.92 6.21 -8.23
N ARG A 7 9.99 -10.77 16.99
CA ARG A 7 9.18 -10.27 15.84
C ARG A 7 7.83 -11.00 15.83
N GLU A 8 6.78 -10.28 15.43
CA GLU A 8 5.43 -10.85 15.37
C GLU A 8 4.61 -10.13 14.28
N PRO A 9 4.57 -10.63 13.07
CA PRO A 9 3.81 -10.03 11.96
C PRO A 9 2.48 -10.74 11.83
N SER A 10 1.79 -10.59 10.70
CA SER A 10 0.51 -11.27 10.55
C SER A 10 -0.10 -11.03 9.16
N PRO A 11 -0.96 -11.93 8.71
CA PRO A 11 -1.63 -11.80 7.37
C PRO A 11 -1.95 -10.35 7.00
N PRO A 12 -2.19 -10.06 5.74
CA PRO A 12 -2.49 -8.69 5.24
C PRO A 12 -3.28 -7.77 6.18
N SER A 13 -3.29 -6.48 5.82
CA SER A 13 -3.95 -5.46 6.63
C SER A 13 -4.12 -4.18 5.79
N ILE A 14 -4.59 -4.34 4.56
CA ILE A 14 -4.78 -3.21 3.66
C ILE A 14 -6.19 -3.17 3.08
N HIS A 15 -6.81 -2.00 3.19
CA HIS A 15 -8.15 -1.78 2.66
C HIS A 15 -8.10 -0.67 1.61
N GLY A 16 -8.44 -1.00 0.35
CA GLY A 16 -8.39 -0.01 -0.72
C GLY A 16 -9.77 0.55 -1.06
N GLN A 17 -9.77 1.74 -1.63
CA GLN A 17 -11.02 2.40 -2.02
C GLN A 17 -10.71 3.46 -3.09
N PRO A 18 -11.46 3.52 -4.17
CA PRO A 18 -11.21 4.54 -5.24
C PRO A 18 -11.61 5.94 -4.77
N SER A 19 -10.65 6.64 -4.16
CA SER A 19 -10.90 7.98 -3.64
C SER A 19 -11.31 8.94 -4.75
N SER A 20 -10.32 9.53 -5.43
CA SER A 20 -10.60 10.47 -6.51
C SER A 20 -9.83 10.10 -7.77
N GLY A 21 -10.55 9.98 -8.87
CA GLY A 21 -9.91 9.63 -10.14
C GLY A 21 -9.38 8.20 -10.10
N LYS A 22 -8.11 8.02 -10.46
CA LYS A 22 -7.49 6.71 -10.46
C LYS A 22 -6.86 6.41 -9.10
N SER A 23 -6.87 7.41 -8.22
CA SER A 23 -6.27 7.26 -6.91
C SER A 23 -6.95 6.16 -6.11
N PHE A 24 -6.16 5.45 -5.31
CA PHE A 24 -6.67 4.37 -4.46
C PHE A 24 -6.19 4.59 -3.04
N LYS A 25 -7.11 4.74 -2.10
CA LYS A 25 -6.74 4.97 -0.71
C LYS A 25 -6.55 3.65 0.01
N LEU A 26 -5.29 3.23 0.20
CA LEU A 26 -4.99 1.98 0.87
C LEU A 26 -4.69 2.24 2.35
N SER A 27 -5.69 2.08 3.19
CA SER A 27 -5.52 2.31 4.61
C SER A 27 -4.60 1.24 5.22
N ILE A 28 -3.60 1.67 5.98
CA ILE A 28 -2.69 0.73 6.61
C ILE A 28 -3.24 0.40 8.00
N THR A 29 -3.59 -0.87 8.26
CA THR A 29 -4.12 -1.22 9.57
C THR A 29 -2.98 -1.49 10.53
N LYS A 30 -3.01 -0.83 11.69
CA LYS A 30 -1.98 -1.00 12.69
C LYS A 30 -1.97 -2.44 13.17
N GLN A 31 -0.98 -3.19 12.72
CA GLN A 31 -0.84 -4.60 13.08
C GLN A 31 0.20 -4.76 14.17
N ASP A 32 0.25 -5.94 14.78
CA ASP A 32 1.24 -6.19 15.81
C ASP A 32 2.63 -6.02 15.19
N ASP A 33 3.20 -4.83 15.36
CA ASP A 33 4.51 -4.54 14.79
C ASP A 33 5.47 -5.70 14.98
N GLY A 34 5.79 -5.99 16.23
CA GLY A 34 6.71 -7.07 16.54
C GLY A 34 7.25 -6.92 17.94
N GLY A 35 7.23 -5.69 18.47
CA GLY A 35 7.72 -5.44 19.82
C GLY A 35 8.17 -3.99 20.01
N ALA A 36 7.98 -3.13 19.01
CA ALA A 36 8.39 -1.73 19.15
C ALA A 36 7.60 -0.83 18.19
N PRO A 37 7.22 0.38 18.58
CA PRO A 37 6.47 1.28 17.66
C PRO A 37 7.23 1.55 16.37
N ILE A 38 6.48 1.80 15.30
CA ILE A 38 7.06 2.05 13.98
C ILE A 38 7.29 3.55 13.76
N LEU A 39 8.51 3.88 13.36
CA LEU A 39 8.84 5.28 13.10
C LEU A 39 8.20 5.75 11.79
N GLU A 40 8.25 4.88 10.78
CA GLU A 40 7.69 5.18 9.46
C GLU A 40 7.34 3.91 8.73
N TYR A 41 6.52 4.05 7.69
CA TYR A 41 6.12 2.92 6.86
C TYR A 41 6.74 3.06 5.47
N ILE A 42 7.42 2.00 5.04
CA ILE A 42 8.04 1.98 3.72
C ILE A 42 7.14 1.20 2.78
N VAL A 43 6.52 1.91 1.84
CA VAL A 43 5.62 1.28 0.88
C VAL A 43 6.26 1.26 -0.49
N LYS A 44 6.31 0.09 -1.10
CA LYS A 44 6.89 -0.06 -2.43
C LYS A 44 5.88 -0.74 -3.35
N TYR A 45 5.64 -0.14 -4.51
CA TYR A 45 4.69 -0.68 -5.47
C TYR A 45 5.28 -0.69 -6.87
N ARG A 46 4.84 -1.63 -7.69
CA ARG A 46 5.33 -1.76 -9.06
C ARG A 46 4.19 -2.16 -10.00
N SER A 47 4.48 -2.17 -11.29
CA SER A 47 3.46 -2.55 -12.26
C SER A 47 3.44 -4.08 -12.41
N LYS A 48 2.25 -4.61 -12.67
CA LYS A 48 2.09 -6.06 -12.82
C LYS A 48 2.63 -6.58 -14.15
N ASP A 49 3.25 -5.70 -14.95
CA ASP A 49 3.80 -6.12 -16.26
C ASP A 49 5.29 -5.88 -16.38
N LYS A 50 5.76 -4.68 -16.04
CA LYS A 50 7.18 -4.37 -16.16
C LYS A 50 8.01 -5.28 -15.27
N GLU A 51 7.56 -5.46 -14.02
CA GLU A 51 8.27 -6.31 -13.06
C GLU A 51 9.79 -6.20 -13.23
N ASP A 52 10.40 -5.31 -12.46
CA ASP A 52 11.85 -5.11 -12.52
C ASP A 52 12.24 -3.84 -11.76
N GLN A 53 11.26 -2.97 -11.48
CA GLN A 53 11.53 -1.71 -10.78
C GLN A 53 10.46 -1.44 -9.72
N TRP A 54 10.88 -1.40 -8.45
CA TRP A 54 9.95 -1.12 -7.35
C TRP A 54 10.03 0.34 -6.92
N LEU A 55 8.92 1.05 -7.09
CA LEU A 55 8.85 2.46 -6.70
C LEU A 55 8.78 2.56 -5.18
N GLU A 56 9.12 3.73 -4.62
CA GLU A 56 9.12 3.89 -3.15
C GLU A 56 8.10 4.94 -2.68
N LYS A 57 7.60 4.74 -1.46
CA LYS A 57 6.64 5.66 -0.85
C LYS A 57 6.75 5.53 0.67
N LYS A 58 7.18 6.62 1.32
CA LYS A 58 7.33 6.62 2.78
C LYS A 58 6.10 7.23 3.45
N VAL A 59 5.75 6.72 4.64
CA VAL A 59 4.61 7.23 5.38
C VAL A 59 4.97 7.35 6.87
N GLN A 60 4.26 8.23 7.55
CA GLN A 60 4.48 8.44 8.98
C GLN A 60 3.82 7.33 9.78
N GLY A 61 4.54 6.84 10.79
CA GLY A 61 4.04 5.75 11.63
C GLY A 61 2.75 6.12 12.35
N ASN A 62 2.20 7.29 12.03
CA ASN A 62 0.96 7.76 12.66
C ASN A 62 -0.11 8.02 11.60
N LYS A 63 0.29 8.08 10.33
CA LYS A 63 -0.64 8.33 9.24
C LYS A 63 -1.57 7.13 9.04
N ASP A 64 -0.97 5.95 8.88
CA ASP A 64 -1.74 4.73 8.68
C ASP A 64 -2.65 4.82 7.45
N HIS A 65 -2.15 5.42 6.36
CA HIS A 65 -2.93 5.56 5.13
C HIS A 65 -2.09 6.24 4.04
N ILE A 66 -2.41 5.96 2.77
CA ILE A 66 -1.68 6.58 1.65
C ILE A 66 -2.56 6.69 0.41
N ILE A 67 -2.37 7.79 -0.32
CA ILE A 67 -3.10 8.02 -1.56
C ILE A 67 -2.13 8.02 -2.74
N LEU A 68 -2.28 7.05 -3.63
CA LEU A 68 -1.39 6.95 -4.81
C LEU A 68 -2.13 7.45 -6.04
N GLU A 69 -1.77 8.65 -6.50
CA GLU A 69 -2.43 9.25 -7.67
C GLU A 69 -1.81 8.79 -8.99
N HIS A 70 -2.62 8.77 -10.03
CA HIS A 70 -2.17 8.36 -11.36
C HIS A 70 -1.79 6.87 -11.36
N LEU A 71 -2.81 6.01 -11.39
CA LEU A 71 -2.59 4.56 -11.36
C LEU A 71 -2.97 3.90 -12.70
N GLN A 72 -3.51 4.67 -13.62
CA GLN A 72 -3.91 4.16 -14.94
C GLN A 72 -4.81 2.93 -14.84
N TRP A 73 -6.00 3.08 -15.39
CA TRP A 73 -7.01 2.03 -15.40
C TRP A 73 -6.57 0.76 -16.11
N THR A 74 -5.74 0.90 -17.12
CA THR A 74 -5.28 -0.24 -17.92
C THR A 74 -3.94 -0.78 -17.42
N MET A 75 -3.62 -0.52 -16.16
CA MET A 75 -2.34 -0.99 -15.62
C MET A 75 -2.47 -1.40 -14.15
N GLY A 76 -2.28 -2.70 -13.88
CA GLY A 76 -2.36 -3.20 -12.52
C GLY A 76 -1.03 -2.99 -11.82
N TYR A 77 -1.05 -2.91 -10.50
CA TYR A 77 0.19 -2.69 -9.74
C TYR A 77 0.11 -3.31 -8.35
N GLU A 78 1.20 -3.94 -7.93
CA GLU A 78 1.26 -4.56 -6.61
C GLU A 78 1.72 -3.53 -5.58
N VAL A 79 1.36 -3.76 -4.32
CA VAL A 79 1.76 -2.84 -3.24
C VAL A 79 2.33 -3.63 -2.07
N GLN A 80 3.48 -3.19 -1.56
CA GLN A 80 4.13 -3.88 -0.45
C GLN A 80 4.40 -2.90 0.69
N ILE A 81 3.67 -3.09 1.78
CA ILE A 81 3.81 -2.25 2.96
C ILE A 81 4.82 -2.86 3.91
N THR A 82 5.68 -2.01 4.48
CA THR A 82 6.67 -2.48 5.44
C THR A 82 6.80 -1.47 6.57
N ALA A 83 6.46 -1.91 7.77
CA ALA A 83 6.52 -1.04 8.95
C ALA A 83 7.91 -1.15 9.57
N ALA A 84 8.59 0.00 9.73
CA ALA A 84 9.96 -0.02 10.29
C ALA A 84 10.00 0.45 11.74
N ASN A 85 10.34 -0.47 12.64
CA ASN A 85 10.46 -0.16 14.07
C ASN A 85 11.90 -0.37 14.50
N ARG A 86 12.11 -0.47 15.80
CA ARG A 86 13.45 -0.69 16.33
C ARG A 86 14.08 -1.91 15.63
N LEU A 87 13.24 -2.89 15.30
CA LEU A 87 13.71 -4.10 14.62
C LEU A 87 14.27 -3.72 13.25
N GLY A 88 13.56 -2.82 12.57
CA GLY A 88 13.96 -2.36 11.24
C GLY A 88 12.81 -2.52 10.26
N TYR A 89 12.22 -3.71 10.25
CA TYR A 89 11.10 -4.01 9.38
C TYR A 89 10.26 -5.12 9.99
N SER A 90 8.94 -4.96 10.00
CA SER A 90 8.06 -5.97 10.57
C SER A 90 6.65 -5.82 10.05
N GLU A 91 5.82 -6.82 10.36
CA GLU A 91 4.43 -6.84 9.95
C GLU A 91 4.24 -6.31 8.52
N PRO A 92 4.96 -6.82 7.57
CA PRO A 92 4.85 -6.39 6.15
C PRO A 92 3.48 -6.79 5.58
N THR A 93 2.96 -5.98 4.65
CA THR A 93 1.68 -6.26 4.01
C THR A 93 1.84 -6.28 2.50
N VAL A 94 1.71 -7.47 1.93
CA VAL A 94 1.80 -7.61 0.49
C VAL A 94 0.39 -7.60 -0.09
N TYR A 95 -0.01 -6.44 -0.60
CA TYR A 95 -1.34 -6.28 -1.18
C TYR A 95 -1.25 -6.26 -2.71
N GLU A 96 -2.09 -7.05 -3.37
CA GLU A 96 -2.08 -7.13 -4.84
C GLU A 96 -3.49 -7.01 -5.41
N PHE A 97 -3.63 -6.15 -6.42
CA PHE A 97 -4.91 -5.92 -7.08
C PHE A 97 -4.75 -5.02 -8.29
N SER A 98 -5.22 -5.49 -9.45
CA SER A 98 -5.11 -4.72 -10.67
C SER A 98 -6.21 -3.66 -10.74
N MET A 99 -6.05 -2.70 -11.66
CA MET A 99 -7.03 -1.63 -11.80
C MET A 99 -8.16 -2.01 -12.76
N PRO A 100 -9.36 -1.52 -12.52
CA PRO A 100 -10.52 -1.78 -13.43
C PRO A 100 -10.43 -0.88 -14.65
N PRO A 101 -11.15 -1.19 -15.70
CA PRO A 101 -11.14 -0.36 -16.93
C PRO A 101 -11.76 1.02 -16.66
N LYS A 102 -11.36 2.03 -17.43
CA LYS A 102 -11.87 3.38 -17.26
C LYS A 102 -13.35 3.36 -16.86
N PRO A 103 -13.76 4.11 -15.86
CA PRO A 103 -15.19 4.14 -15.43
C PRO A 103 -16.08 4.84 -16.46
N ASN A 104 -17.31 4.35 -16.61
CA ASN A 104 -18.25 4.95 -17.57
C ASN A 104 -19.20 5.88 -16.83
N ILE A 105 -19.28 5.72 -15.52
CA ILE A 105 -20.15 6.56 -14.68
C ILE A 105 -19.32 7.58 -13.91
N ILE A 106 -18.00 7.44 -14.00
CA ILE A 106 -17.06 8.34 -13.33
C ILE A 106 -17.53 8.75 -11.94
N LYS A 107 -18.50 8.02 -11.42
CA LYS A 107 -19.05 8.32 -10.09
C LYS A 107 -18.18 7.74 -8.99
N ASP A 108 -18.15 6.42 -8.88
CA ASP A 108 -17.36 5.78 -7.84
C ASP A 108 -17.20 4.28 -8.11
N ARG A 7 8.12 -12.18 16.36
CA ARG A 7 7.81 -11.04 15.46
C ARG A 7 6.30 -10.82 15.45
N GLU A 8 5.60 -11.51 16.36
CA GLU A 8 4.12 -11.42 16.49
C GLU A 8 3.47 -10.60 15.37
N PRO A 9 3.35 -11.15 14.19
CA PRO A 9 2.74 -10.47 13.04
C PRO A 9 1.30 -10.92 12.84
N SER A 10 0.75 -10.63 11.68
CA SER A 10 -0.62 -11.05 11.39
C SER A 10 -0.96 -10.82 9.91
N PRO A 11 -1.85 -11.60 9.35
CA PRO A 11 -2.25 -11.47 7.91
C PRO A 11 -2.36 -10.00 7.46
N PRO A 12 -2.35 -9.75 6.17
CA PRO A 12 -2.47 -8.36 5.62
C PRO A 12 -3.46 -7.49 6.40
N SER A 13 -3.40 -6.19 6.12
CA SER A 13 -4.25 -5.22 6.81
C SER A 13 -4.40 -3.97 5.94
N ILE A 14 -4.57 -4.20 4.65
CA ILE A 14 -4.70 -3.12 3.69
C ILE A 14 -6.08 -3.10 3.05
N HIS A 15 -6.75 -1.97 3.16
CA HIS A 15 -8.08 -1.80 2.60
C HIS A 15 -8.04 -0.73 1.51
N GLY A 16 -8.38 -1.11 0.28
CA GLY A 16 -8.35 -0.18 -0.85
C GLY A 16 -9.73 0.33 -1.23
N GLN A 17 -9.80 1.61 -1.56
CA GLN A 17 -11.04 2.25 -1.99
C GLN A 17 -10.73 3.28 -3.08
N PRO A 18 -11.61 3.49 -4.03
CA PRO A 18 -11.37 4.47 -5.12
C PRO A 18 -11.62 5.90 -4.65
N SER A 19 -10.65 6.48 -3.97
CA SER A 19 -10.79 7.85 -3.46
C SER A 19 -11.31 8.77 -4.55
N SER A 20 -10.40 9.28 -5.37
CA SER A 20 -10.77 10.18 -6.46
C SER A 20 -9.95 9.86 -7.70
N GLY A 21 -10.61 9.85 -8.86
CA GLY A 21 -9.92 9.55 -10.10
C GLY A 21 -9.39 8.13 -10.10
N LYS A 22 -8.12 7.97 -10.46
CA LYS A 22 -7.51 6.64 -10.50
C LYS A 22 -6.77 6.35 -9.19
N SER A 23 -6.74 7.33 -8.30
CA SER A 23 -6.06 7.17 -7.02
C SER A 23 -6.79 6.17 -6.13
N PHE A 24 -6.04 5.39 -5.35
CA PHE A 24 -6.63 4.39 -4.46
C PHE A 24 -6.13 4.60 -3.02
N LYS A 25 -7.06 4.69 -2.08
CA LYS A 25 -6.70 4.86 -0.67
C LYS A 25 -6.48 3.51 -0.02
N LEU A 26 -5.22 3.14 0.20
CA LEU A 26 -4.89 1.87 0.83
C LEU A 26 -4.59 2.11 2.31
N SER A 27 -5.61 1.99 3.14
CA SER A 27 -5.46 2.23 4.57
C SER A 27 -4.58 1.17 5.21
N ILE A 28 -3.52 1.60 5.89
CA ILE A 28 -2.65 0.67 6.58
C ILE A 28 -3.24 0.44 7.97
N THR A 29 -3.68 -0.77 8.27
CA THR A 29 -4.28 -1.03 9.59
C THR A 29 -3.23 -1.57 10.56
N LYS A 30 -3.02 -0.83 11.64
CA LYS A 30 -2.05 -1.18 12.65
C LYS A 30 -2.00 -2.67 12.93
N GLN A 31 -0.94 -3.30 12.43
CA GLN A 31 -0.72 -4.74 12.66
C GLN A 31 0.18 -4.91 13.87
N ASP A 32 0.01 -6.00 14.61
CA ASP A 32 0.85 -6.23 15.79
C ASP A 32 2.31 -6.18 15.37
N ASP A 33 2.94 -5.01 15.55
CA ASP A 33 4.34 -4.86 15.18
C ASP A 33 5.16 -6.02 15.73
N GLY A 34 6.41 -6.11 15.28
CA GLY A 34 7.29 -7.18 15.72
C GLY A 34 7.52 -7.12 17.22
N GLY A 35 7.54 -5.90 17.76
CA GLY A 35 7.75 -5.71 19.19
C GLY A 35 8.22 -4.30 19.52
N ALA A 36 7.94 -3.35 18.63
CA ALA A 36 8.35 -1.97 18.86
C ALA A 36 7.49 -1.03 18.01
N PRO A 37 7.29 0.19 18.44
CA PRO A 37 6.48 1.15 17.66
C PRO A 37 7.18 1.52 16.36
N ILE A 38 6.40 1.64 15.29
CA ILE A 38 6.96 1.96 13.98
C ILE A 38 7.18 3.45 13.81
N LEU A 39 8.39 3.81 13.42
CA LEU A 39 8.72 5.21 13.18
C LEU A 39 8.11 5.69 11.86
N GLU A 40 8.22 4.84 10.83
CA GLU A 40 7.69 5.18 9.49
C GLU A 40 7.32 3.93 8.71
N TYR A 41 6.52 4.12 7.66
CA TYR A 41 6.12 3.02 6.79
C TYR A 41 6.76 3.17 5.42
N ILE A 42 7.51 2.16 5.01
CA ILE A 42 8.14 2.17 3.70
C ILE A 42 7.26 1.42 2.73
N VAL A 43 6.61 2.15 1.84
CA VAL A 43 5.71 1.56 0.86
C VAL A 43 6.34 1.59 -0.52
N LYS A 44 6.41 0.41 -1.13
CA LYS A 44 6.97 0.29 -2.47
C LYS A 44 5.92 -0.34 -3.36
N TYR A 45 5.77 0.18 -4.58
CA TYR A 45 4.76 -0.36 -5.49
C TYR A 45 5.27 -0.34 -6.92
N ARG A 46 4.77 -1.27 -7.74
CA ARG A 46 5.20 -1.35 -9.13
C ARG A 46 4.08 -1.86 -10.04
N SER A 47 4.33 -1.83 -11.34
CA SER A 47 3.36 -2.31 -12.32
C SER A 47 3.39 -3.84 -12.38
N LYS A 48 2.25 -4.44 -12.66
CA LYS A 48 2.16 -5.90 -12.76
C LYS A 48 2.89 -6.43 -13.99
N ASP A 49 2.90 -5.63 -15.07
CA ASP A 49 3.54 -6.05 -16.31
C ASP A 49 5.07 -5.95 -16.22
N LYS A 50 5.58 -4.82 -15.71
CA LYS A 50 7.02 -4.63 -15.60
C LYS A 50 7.69 -5.72 -14.77
N GLU A 51 7.57 -5.61 -13.45
CA GLU A 51 8.19 -6.58 -12.55
C GLU A 51 9.69 -6.64 -12.79
N ASP A 52 10.36 -5.63 -12.27
CA ASP A 52 11.81 -5.50 -12.41
C ASP A 52 12.32 -4.29 -11.61
N GLN A 53 11.41 -3.34 -11.35
CA GLN A 53 11.76 -2.13 -10.59
C GLN A 53 10.66 -1.78 -9.61
N TRP A 54 11.01 -1.02 -8.56
CA TRP A 54 10.02 -0.64 -7.53
C TRP A 54 10.12 0.83 -7.15
N LEU A 55 8.97 1.48 -7.08
CA LEU A 55 8.89 2.89 -6.68
C LEU A 55 8.85 2.95 -5.15
N GLU A 56 9.18 4.11 -4.57
CA GLU A 56 9.19 4.24 -3.09
C GLU A 56 8.18 5.28 -2.60
N LYS A 57 7.65 5.05 -1.40
CA LYS A 57 6.68 5.95 -0.77
C LYS A 57 6.80 5.81 0.75
N LYS A 58 7.22 6.87 1.43
CA LYS A 58 7.39 6.84 2.89
C LYS A 58 6.19 7.47 3.59
N VAL A 59 5.82 6.92 4.77
CA VAL A 59 4.70 7.44 5.55
C VAL A 59 5.04 7.48 7.03
N GLN A 60 4.33 8.34 7.77
CA GLN A 60 4.54 8.46 9.21
C GLN A 60 4.04 7.21 9.91
N GLY A 61 4.66 6.86 11.03
CA GLY A 61 4.26 5.66 11.76
C GLY A 61 2.83 5.75 12.29
N ASN A 62 2.21 6.92 12.14
CA ASN A 62 0.84 7.12 12.62
C ASN A 62 -0.10 7.53 11.48
N LYS A 63 0.43 7.65 10.26
CA LYS A 63 -0.41 8.04 9.13
C LYS A 63 -1.50 6.99 8.93
N ASP A 64 -1.08 5.74 8.94
CA ASP A 64 -1.98 4.62 8.77
C ASP A 64 -2.84 4.75 7.51
N HIS A 65 -2.29 5.39 6.47
CA HIS A 65 -3.04 5.58 5.21
C HIS A 65 -2.19 6.32 4.17
N ILE A 66 -2.45 6.04 2.90
CA ILE A 66 -1.71 6.71 1.81
C ILE A 66 -2.57 6.82 0.55
N ILE A 67 -2.36 7.91 -0.19
CA ILE A 67 -3.08 8.13 -1.44
C ILE A 67 -2.09 8.08 -2.60
N LEU A 68 -2.28 7.12 -3.50
CA LEU A 68 -1.37 6.97 -4.64
C LEU A 68 -2.05 7.48 -5.91
N GLU A 69 -1.64 8.65 -6.37
CA GLU A 69 -2.21 9.26 -7.57
C GLU A 69 -1.36 8.96 -8.80
N HIS A 70 -1.98 8.28 -9.79
CA HIS A 70 -1.36 7.90 -11.07
C HIS A 70 -1.41 6.39 -11.28
N LEU A 71 -2.61 5.81 -11.19
CA LEU A 71 -2.78 4.36 -11.40
C LEU A 71 -3.57 4.15 -12.69
N GLN A 72 -2.90 3.72 -13.76
CA GLN A 72 -3.59 3.52 -15.04
C GLN A 72 -4.72 2.50 -14.92
N TRP A 73 -5.86 2.85 -15.51
CA TRP A 73 -7.05 1.98 -15.48
C TRP A 73 -6.83 0.67 -16.23
N THR A 74 -5.89 0.67 -17.19
CA THR A 74 -5.65 -0.53 -18.01
C THR A 74 -4.39 -1.24 -17.59
N MET A 75 -3.91 -0.97 -16.39
CA MET A 75 -2.70 -1.62 -15.90
C MET A 75 -2.73 -1.76 -14.40
N GLY A 76 -2.46 -2.98 -13.93
CA GLY A 76 -2.46 -3.24 -12.50
C GLY A 76 -1.12 -2.86 -11.88
N TYR A 77 -1.08 -2.83 -10.56
CA TYR A 77 0.15 -2.47 -9.86
C TYR A 77 0.11 -3.01 -8.43
N GLU A 78 1.20 -3.66 -8.02
CA GLU A 78 1.28 -4.25 -6.68
C GLU A 78 1.78 -3.23 -5.67
N VAL A 79 1.41 -3.44 -4.40
CA VAL A 79 1.83 -2.55 -3.31
C VAL A 79 2.48 -3.39 -2.21
N GLN A 80 3.62 -2.92 -1.71
CA GLN A 80 4.33 -3.62 -0.65
C GLN A 80 4.55 -2.68 0.52
N ILE A 81 3.85 -2.95 1.60
CA ILE A 81 3.92 -2.14 2.81
C ILE A 81 4.91 -2.75 3.78
N THR A 82 5.80 -1.92 4.32
CA THR A 82 6.79 -2.39 5.29
C THR A 82 6.89 -1.40 6.43
N ALA A 83 6.56 -1.85 7.64
CA ALA A 83 6.59 -1.01 8.82
C ALA A 83 7.97 -1.09 9.46
N ALA A 84 8.61 0.08 9.68
CA ALA A 84 9.96 0.10 10.25
C ALA A 84 9.97 0.47 11.73
N ASN A 85 10.24 -0.52 12.58
CA ASN A 85 10.33 -0.31 14.02
C ASN A 85 11.75 -0.53 14.49
N ARG A 86 11.96 -0.48 15.79
CA ARG A 86 13.29 -0.69 16.36
C ARG A 86 14.00 -1.84 15.64
N LEU A 87 13.21 -2.82 15.21
CA LEU A 87 13.76 -3.97 14.49
C LEU A 87 14.37 -3.52 13.17
N GLY A 88 13.65 -2.62 12.50
CA GLY A 88 14.07 -2.08 11.20
C GLY A 88 12.97 -2.24 10.18
N TYR A 89 12.43 -3.46 10.12
CA TYR A 89 11.34 -3.77 9.20
C TYR A 89 10.56 -4.97 9.74
N SER A 90 9.24 -4.86 9.79
CA SER A 90 8.45 -5.96 10.31
C SER A 90 6.98 -5.81 9.93
N GLU A 91 6.26 -6.91 10.04
CA GLU A 91 4.84 -6.90 9.73
C GLU A 91 4.61 -6.31 8.34
N PRO A 92 5.31 -6.82 7.35
CA PRO A 92 5.16 -6.34 5.94
C PRO A 92 3.85 -6.83 5.32
N THR A 93 3.31 -6.09 4.36
CA THR A 93 2.09 -6.52 3.67
C THR A 93 2.23 -6.38 2.18
N VAL A 94 2.14 -7.50 1.50
CA VAL A 94 2.22 -7.52 0.04
C VAL A 94 0.81 -7.54 -0.51
N TYR A 95 0.30 -6.36 -0.83
CA TYR A 95 -1.07 -6.23 -1.36
C TYR A 95 -1.01 -6.10 -2.89
N GLU A 96 -1.87 -6.84 -3.59
CA GLU A 96 -1.89 -6.82 -5.04
C GLU A 96 -3.31 -6.78 -5.60
N PHE A 97 -3.55 -5.85 -6.51
CA PHE A 97 -4.86 -5.73 -7.13
C PHE A 97 -4.81 -4.88 -8.40
N SER A 98 -5.40 -5.40 -9.47
CA SER A 98 -5.40 -4.71 -10.75
C SER A 98 -6.47 -3.61 -10.76
N MET A 99 -6.42 -2.74 -11.77
CA MET A 99 -7.36 -1.63 -11.88
C MET A 99 -8.51 -1.95 -12.84
N PRO A 100 -9.67 -1.36 -12.62
CA PRO A 100 -10.85 -1.55 -13.53
C PRO A 100 -10.70 -0.66 -14.77
N PRO A 101 -11.44 -0.90 -15.81
CA PRO A 101 -11.37 -0.07 -17.05
C PRO A 101 -11.84 1.36 -16.77
N LYS A 102 -11.40 2.32 -17.60
CA LYS A 102 -11.77 3.72 -17.42
C LYS A 102 -13.24 3.83 -16.98
N PRO A 103 -13.56 4.58 -15.94
CA PRO A 103 -14.97 4.73 -15.48
C PRO A 103 -15.82 5.54 -16.45
N ASN A 104 -17.09 5.14 -16.60
CA ASN A 104 -18.02 5.84 -17.48
C ASN A 104 -18.85 6.85 -16.67
N ILE A 105 -19.88 6.35 -16.01
CA ILE A 105 -20.75 7.19 -15.19
C ILE A 105 -20.01 7.58 -13.92
N ILE A 106 -19.03 6.75 -13.61
CA ILE A 106 -18.22 6.91 -12.42
C ILE A 106 -18.99 6.57 -11.17
N LYS A 107 -18.32 5.83 -10.28
CA LYS A 107 -18.92 5.41 -9.01
C LYS A 107 -17.89 5.53 -7.89
N ASP A 108 -18.38 5.74 -6.66
CA ASP A 108 -17.50 5.87 -5.50
C ASP A 108 -18.01 5.02 -4.35
N ARG A 7 9.33 -12.29 16.39
CA ARG A 7 8.47 -11.11 16.06
C ARG A 7 7.02 -11.42 16.44
N GLU A 8 6.11 -10.55 16.02
CA GLU A 8 4.69 -10.71 16.31
C GLU A 8 3.87 -10.06 15.20
N PRO A 9 3.80 -10.67 14.04
CA PRO A 9 3.07 -10.13 12.89
C PRO A 9 1.73 -10.83 12.70
N SER A 10 1.12 -10.64 11.54
CA SER A 10 -0.15 -11.28 11.26
C SER A 10 -0.57 -11.04 9.80
N PRO A 11 -1.54 -11.76 9.31
CA PRO A 11 -2.04 -11.63 7.90
C PRO A 11 -2.11 -10.17 7.45
N PRO A 12 -2.15 -9.92 6.15
CA PRO A 12 -2.23 -8.54 5.58
C PRO A 12 -3.10 -7.58 6.37
N SER A 13 -2.96 -6.30 6.04
CA SER A 13 -3.69 -5.23 6.71
C SER A 13 -3.79 -4.00 5.79
N ILE A 14 -4.33 -4.23 4.59
CA ILE A 14 -4.44 -3.15 3.61
C ILE A 14 -5.84 -3.15 3.00
N HIS A 15 -6.46 -1.97 2.98
CA HIS A 15 -7.80 -1.84 2.40
C HIS A 15 -7.76 -0.76 1.32
N GLY A 16 -7.98 -1.16 0.07
CA GLY A 16 -7.96 -0.20 -1.04
C GLY A 16 -9.35 0.38 -1.26
N GLN A 17 -9.39 1.69 -1.51
CA GLN A 17 -10.68 2.36 -1.74
C GLN A 17 -10.55 3.39 -2.87
N PRO A 18 -11.25 3.23 -3.98
CA PRO A 18 -11.15 4.21 -5.09
C PRO A 18 -11.36 5.65 -4.61
N SER A 19 -10.27 6.40 -4.49
CA SER A 19 -10.35 7.79 -4.06
C SER A 19 -10.62 8.67 -5.27
N SER A 20 -10.88 9.95 -5.02
CA SER A 20 -11.15 10.88 -6.11
C SER A 20 -10.22 10.63 -7.29
N GLY A 21 -10.76 10.05 -8.36
CA GLY A 21 -9.96 9.77 -9.55
C GLY A 21 -9.40 8.34 -9.54
N LYS A 22 -8.29 8.17 -10.25
CA LYS A 22 -7.65 6.85 -10.37
C LYS A 22 -6.87 6.50 -9.10
N SER A 23 -6.54 7.50 -8.29
CA SER A 23 -5.76 7.24 -7.11
C SER A 23 -6.48 6.26 -6.18
N PHE A 24 -5.71 5.34 -5.59
CA PHE A 24 -6.28 4.32 -4.70
C PHE A 24 -5.79 4.53 -3.26
N LYS A 25 -6.74 4.72 -2.35
CA LYS A 25 -6.41 4.93 -0.94
C LYS A 25 -6.27 3.58 -0.25
N LEU A 26 -5.03 3.22 0.11
CA LEU A 26 -4.78 1.96 0.79
C LEU A 26 -4.56 2.25 2.27
N SER A 27 -5.56 1.92 3.09
CA SER A 27 -5.47 2.18 4.53
C SER A 27 -4.60 1.14 5.21
N ILE A 28 -3.51 1.59 5.82
CA ILE A 28 -2.63 0.67 6.54
C ILE A 28 -3.22 0.48 7.94
N THR A 29 -3.70 -0.72 8.24
CA THR A 29 -4.28 -0.96 9.55
C THR A 29 -3.19 -1.18 10.58
N LYS A 30 -3.38 -0.61 11.76
CA LYS A 30 -2.40 -0.73 12.83
C LYS A 30 -2.39 -2.16 13.35
N GLN A 31 -1.36 -2.92 12.98
CA GLN A 31 -1.23 -4.30 13.41
C GLN A 31 -0.25 -4.39 14.57
N ASP A 32 -0.33 -5.45 15.36
CA ASP A 32 0.59 -5.62 16.47
C ASP A 32 2.01 -5.71 15.93
N ASP A 33 2.71 -4.58 15.92
CA ASP A 33 4.07 -4.55 15.39
C ASP A 33 4.88 -5.74 15.88
N GLY A 34 6.05 -5.93 15.28
CA GLY A 34 6.91 -7.04 15.64
C GLY A 34 7.22 -7.01 17.14
N GLY A 35 7.50 -5.83 17.67
CA GLY A 35 7.80 -5.71 19.10
C GLY A 35 8.22 -4.30 19.50
N ALA A 36 7.97 -3.30 18.64
CA ALA A 36 8.34 -1.92 18.98
C ALA A 36 7.53 -0.94 18.11
N PRO A 37 7.27 0.27 18.60
CA PRO A 37 6.51 1.26 17.79
C PRO A 37 7.18 1.52 16.44
N ILE A 38 6.36 1.70 15.42
CA ILE A 38 6.86 1.93 14.07
C ILE A 38 7.13 3.41 13.82
N LEU A 39 8.36 3.71 13.41
CA LEU A 39 8.74 5.09 13.11
C LEU A 39 8.08 5.53 11.82
N GLU A 40 8.04 4.63 10.84
CA GLU A 40 7.45 4.94 9.55
C GLU A 40 7.12 3.66 8.79
N TYR A 41 6.34 3.82 7.72
CA TYR A 41 5.95 2.71 6.86
C TYR A 41 6.60 2.86 5.49
N ILE A 42 7.40 1.88 5.12
CA ILE A 42 8.05 1.89 3.81
C ILE A 42 7.16 1.15 2.83
N VAL A 43 6.61 1.88 1.88
CA VAL A 43 5.72 1.30 0.88
C VAL A 43 6.36 1.35 -0.50
N LYS A 44 6.37 0.21 -1.17
CA LYS A 44 6.94 0.12 -2.51
C LYS A 44 5.92 -0.49 -3.45
N TYR A 45 5.73 0.10 -4.63
CA TYR A 45 4.76 -0.43 -5.59
C TYR A 45 5.31 -0.38 -7.01
N ARG A 46 4.81 -1.27 -7.86
CA ARG A 46 5.25 -1.33 -9.26
C ARG A 46 4.10 -1.73 -10.18
N SER A 47 4.34 -1.70 -11.48
CA SER A 47 3.34 -2.09 -12.46
C SER A 47 3.36 -3.61 -12.65
N LYS A 48 2.17 -4.22 -12.70
CA LYS A 48 2.10 -5.66 -12.90
C LYS A 48 2.72 -6.07 -14.23
N ASP A 49 2.55 -5.22 -15.24
CA ASP A 49 3.08 -5.52 -16.56
C ASP A 49 4.62 -5.59 -16.50
N LYS A 50 5.23 -4.75 -15.66
CA LYS A 50 6.67 -4.71 -15.53
C LYS A 50 7.14 -5.51 -14.33
N GLU A 51 8.45 -5.55 -14.19
CA GLU A 51 9.09 -6.29 -13.10
C GLU A 51 10.53 -5.80 -12.84
N ASP A 52 11.03 -4.90 -13.68
CA ASP A 52 12.39 -4.39 -13.53
C ASP A 52 12.48 -3.13 -12.67
N GLN A 53 11.39 -2.75 -12.01
CA GLN A 53 11.43 -1.53 -11.18
C GLN A 53 10.48 -1.60 -9.98
N TRP A 54 10.86 -0.90 -8.91
CA TRP A 54 10.06 -0.82 -7.68
C TRP A 54 10.14 0.59 -7.10
N LEU A 55 9.03 1.31 -7.21
CA LEU A 55 8.95 2.67 -6.69
C LEU A 55 8.91 2.65 -5.16
N GLU A 56 9.25 3.77 -4.51
CA GLU A 56 9.25 3.84 -3.05
C GLU A 56 8.31 4.94 -2.53
N LYS A 57 7.79 4.72 -1.33
CA LYS A 57 6.86 5.67 -0.71
C LYS A 57 6.95 5.51 0.81
N LYS A 58 7.42 6.55 1.49
CA LYS A 58 7.54 6.52 2.96
C LYS A 58 6.32 7.17 3.60
N VAL A 59 5.87 6.61 4.73
CA VAL A 59 4.69 7.15 5.41
C VAL A 59 4.90 7.19 6.92
N GLN A 60 4.46 8.28 7.54
CA GLN A 60 4.59 8.45 8.98
C GLN A 60 3.87 7.33 9.73
N GLY A 61 4.46 6.88 10.84
CA GLY A 61 3.87 5.80 11.64
C GLY A 61 2.59 6.23 12.35
N ASN A 62 2.04 7.36 11.94
CA ASN A 62 0.81 7.89 12.53
C ASN A 62 -0.16 8.28 11.43
N LYS A 63 0.17 7.89 10.20
CA LYS A 63 -0.67 8.21 9.04
C LYS A 63 -1.67 7.08 8.78
N ASP A 64 -1.18 5.85 8.80
CA ASP A 64 -2.01 4.67 8.57
C ASP A 64 -2.86 4.81 7.32
N HIS A 65 -2.29 5.40 6.26
CA HIS A 65 -3.02 5.57 4.99
C HIS A 65 -2.14 6.25 3.94
N ILE A 66 -2.40 5.97 2.66
CA ILE A 66 -1.65 6.59 1.57
C ILE A 66 -2.49 6.71 0.31
N ILE A 67 -2.25 7.77 -0.44
CA ILE A 67 -2.95 8.02 -1.70
C ILE A 67 -1.95 7.95 -2.84
N LEU A 68 -2.07 6.92 -3.69
CA LEU A 68 -1.16 6.76 -4.82
C LEU A 68 -1.81 7.26 -6.09
N GLU A 69 -1.34 8.39 -6.59
CA GLU A 69 -1.87 9.00 -7.81
C GLU A 69 -1.22 8.41 -9.06
N HIS A 70 -1.94 8.49 -10.17
CA HIS A 70 -1.45 7.98 -11.45
C HIS A 70 -1.60 6.46 -11.54
N LEU A 71 -2.82 5.96 -11.28
CA LEU A 71 -3.09 4.52 -11.34
C LEU A 71 -3.93 4.23 -12.58
N GLN A 72 -3.28 3.99 -13.70
CA GLN A 72 -4.00 3.72 -14.95
C GLN A 72 -5.06 2.62 -14.74
N TRP A 73 -6.24 2.88 -15.30
CA TRP A 73 -7.38 1.98 -15.18
C TRP A 73 -7.16 0.62 -15.84
N THR A 74 -6.43 0.60 -16.95
CA THR A 74 -6.22 -0.65 -17.69
C THR A 74 -4.90 -1.31 -17.31
N MET A 75 -4.38 -0.95 -16.14
CA MET A 75 -3.13 -1.53 -15.68
C MET A 75 -3.17 -1.73 -14.17
N GLY A 76 -2.60 -2.85 -13.73
CA GLY A 76 -2.56 -3.19 -12.32
C GLY A 76 -1.26 -2.75 -11.69
N TYR A 77 -1.26 -2.68 -10.36
CA TYR A 77 -0.08 -2.29 -9.61
C TYR A 77 -0.01 -3.08 -8.30
N GLU A 78 1.18 -3.58 -7.97
CA GLU A 78 1.37 -4.32 -6.73
C GLU A 78 1.88 -3.37 -5.65
N VAL A 79 1.53 -3.64 -4.40
CA VAL A 79 1.97 -2.78 -3.29
C VAL A 79 2.61 -3.63 -2.20
N GLN A 80 3.76 -3.18 -1.71
CA GLN A 80 4.46 -3.89 -0.64
C GLN A 80 4.68 -2.95 0.54
N ILE A 81 3.94 -3.23 1.60
CA ILE A 81 3.99 -2.41 2.82
C ILE A 81 4.92 -3.03 3.85
N THR A 82 5.81 -2.22 4.41
CA THR A 82 6.73 -2.69 5.44
C THR A 82 6.79 -1.67 6.56
N ALA A 83 6.42 -2.09 7.76
CA ALA A 83 6.43 -1.19 8.93
C ALA A 83 7.80 -1.26 9.59
N ALA A 84 8.44 -0.11 9.79
CA ALA A 84 9.78 -0.08 10.38
C ALA A 84 9.76 0.41 11.82
N ASN A 85 10.15 -0.49 12.73
CA ASN A 85 10.23 -0.18 14.15
C ASN A 85 11.68 -0.29 14.59
N ARG A 86 11.91 -0.29 15.89
CA ARG A 86 13.27 -0.41 16.38
C ARG A 86 13.98 -1.59 15.72
N LEU A 87 13.20 -2.62 15.41
CA LEU A 87 13.73 -3.80 14.75
C LEU A 87 14.26 -3.41 13.37
N GLY A 88 13.48 -2.58 12.68
CA GLY A 88 13.83 -2.11 11.34
C GLY A 88 12.70 -2.40 10.36
N TYR A 89 12.16 -3.61 10.44
CA TYR A 89 11.07 -4.02 9.57
C TYR A 89 10.24 -5.11 10.25
N SER A 90 8.93 -5.06 10.12
CA SER A 90 8.08 -6.07 10.76
C SER A 90 6.68 -6.07 10.17
N GLU A 91 6.03 -7.23 10.25
CA GLU A 91 4.66 -7.39 9.75
C GLU A 91 4.49 -6.75 8.39
N PRO A 92 5.23 -7.19 7.41
CA PRO A 92 5.12 -6.66 6.03
C PRO A 92 3.87 -7.16 5.33
N THR A 93 3.34 -6.39 4.38
CA THR A 93 2.15 -6.81 3.65
C THR A 93 2.33 -6.65 2.16
N VAL A 94 2.25 -7.78 1.49
CA VAL A 94 2.34 -7.81 0.04
C VAL A 94 0.93 -7.80 -0.52
N TYR A 95 0.45 -6.60 -0.85
CA TYR A 95 -0.92 -6.44 -1.36
C TYR A 95 -0.88 -6.32 -2.89
N GLU A 96 -1.66 -7.15 -3.57
CA GLU A 96 -1.70 -7.14 -5.03
C GLU A 96 -3.13 -7.08 -5.55
N PHE A 97 -3.38 -6.20 -6.51
CA PHE A 97 -4.70 -6.04 -7.09
C PHE A 97 -4.63 -5.21 -8.36
N SER A 98 -5.41 -5.60 -9.36
CA SER A 98 -5.43 -4.89 -10.64
C SER A 98 -6.47 -3.77 -10.58
N MET A 99 -6.28 -2.75 -11.42
CA MET A 99 -7.21 -1.62 -11.45
C MET A 99 -8.40 -1.92 -12.38
N PRO A 100 -9.57 -1.41 -12.08
CA PRO A 100 -10.78 -1.63 -12.93
C PRO A 100 -10.73 -0.74 -14.17
N PRO A 101 -11.51 -1.04 -15.17
CA PRO A 101 -11.55 -0.23 -16.42
C PRO A 101 -12.08 1.18 -16.15
N LYS A 102 -11.77 2.11 -17.05
CA LYS A 102 -12.20 3.50 -16.89
C LYS A 102 -13.63 3.56 -16.32
N PRO A 103 -13.88 4.32 -15.27
CA PRO A 103 -15.24 4.41 -14.68
C PRO A 103 -16.26 5.05 -15.63
N ASN A 104 -17.49 4.54 -15.59
CA ASN A 104 -18.56 5.06 -16.44
C ASN A 104 -19.90 4.89 -15.70
N ILE A 105 -20.37 5.98 -15.09
CA ILE A 105 -21.64 5.96 -14.36
C ILE A 105 -21.81 4.68 -13.55
N ILE A 106 -20.72 3.96 -13.35
CA ILE A 106 -20.74 2.71 -12.61
C ILE A 106 -20.25 2.95 -11.18
N LYS A 107 -21.04 2.48 -10.23
CA LYS A 107 -20.74 2.66 -8.81
C LYS A 107 -19.43 1.96 -8.41
N ASP A 108 -18.63 2.67 -7.61
CA ASP A 108 -17.34 2.16 -7.14
C ASP A 108 -17.35 0.64 -7.00
N ARG A 7 9.20 -11.69 17.51
CA ARG A 7 8.31 -10.91 16.60
C ARG A 7 6.88 -11.47 16.70
N GLU A 8 5.95 -10.80 16.05
CA GLU A 8 4.55 -11.23 16.08
C GLU A 8 3.74 -10.49 15.01
N PRO A 9 3.73 -10.98 13.79
CA PRO A 9 2.98 -10.37 12.67
C PRO A 9 1.67 -11.09 12.45
N SER A 10 1.04 -10.88 11.31
CA SER A 10 -0.21 -11.55 11.02
C SER A 10 -0.66 -11.26 9.57
N PRO A 11 -1.66 -11.97 9.10
CA PRO A 11 -2.17 -11.78 7.71
C PRO A 11 -2.19 -10.30 7.29
N PRO A 12 -2.26 -10.01 6.01
CA PRO A 12 -2.28 -8.62 5.51
C PRO A 12 -3.09 -7.63 6.36
N SER A 13 -2.93 -6.35 6.04
CA SER A 13 -3.60 -5.28 6.76
C SER A 13 -3.71 -4.04 5.89
N ILE A 14 -4.14 -4.24 4.63
CA ILE A 14 -4.28 -3.12 3.69
C ILE A 14 -5.67 -3.11 3.08
N HIS A 15 -6.32 -1.96 3.16
CA HIS A 15 -7.67 -1.77 2.60
C HIS A 15 -7.61 -0.71 1.51
N GLY A 16 -7.90 -1.09 0.28
CA GLY A 16 -7.87 -0.16 -0.85
C GLY A 16 -9.26 0.36 -1.17
N GLN A 17 -9.30 1.61 -1.62
CA GLN A 17 -10.57 2.26 -1.98
C GLN A 17 -10.32 3.23 -3.15
N PRO A 18 -11.10 3.18 -4.20
CA PRO A 18 -10.88 4.09 -5.37
C PRO A 18 -11.28 5.52 -5.06
N SER A 19 -10.39 6.26 -4.41
CA SER A 19 -10.67 7.65 -4.08
C SER A 19 -10.92 8.45 -5.35
N SER A 20 -10.77 9.76 -5.26
CA SER A 20 -10.98 10.62 -6.42
C SER A 20 -9.96 10.29 -7.50
N GLY A 21 -10.44 10.18 -8.73
CA GLY A 21 -9.55 9.88 -9.86
C GLY A 21 -9.13 8.41 -9.87
N LYS A 22 -7.90 8.16 -10.32
CA LYS A 22 -7.37 6.80 -10.40
C LYS A 22 -6.60 6.44 -9.13
N SER A 23 -6.50 7.40 -8.22
CA SER A 23 -5.79 7.16 -6.97
C SER A 23 -6.49 6.10 -6.14
N PHE A 24 -5.70 5.34 -5.37
CA PHE A 24 -6.25 4.29 -4.52
C PHE A 24 -5.80 4.50 -3.08
N LYS A 25 -6.75 4.64 -2.17
CA LYS A 25 -6.42 4.84 -0.77
C LYS A 25 -6.17 3.51 -0.08
N LEU A 26 -4.90 3.14 0.07
CA LEU A 26 -4.55 1.90 0.74
C LEU A 26 -4.33 2.22 2.21
N SER A 27 -5.40 2.13 2.99
CA SER A 27 -5.33 2.44 4.39
C SER A 27 -4.55 1.37 5.14
N ILE A 28 -3.43 1.77 5.74
CA ILE A 28 -2.63 0.83 6.49
C ILE A 28 -3.33 0.62 7.83
N THR A 29 -3.61 -0.63 8.20
CA THR A 29 -4.30 -0.89 9.47
C THR A 29 -3.32 -1.41 10.50
N LYS A 30 -3.16 -0.62 11.57
CA LYS A 30 -2.25 -0.97 12.66
C LYS A 30 -2.32 -2.46 12.96
N GLN A 31 -1.29 -3.17 12.52
CA GLN A 31 -1.20 -4.62 12.74
C GLN A 31 -0.28 -4.90 13.92
N ASP A 32 -0.33 -6.12 14.43
CA ASP A 32 0.52 -6.47 15.57
C ASP A 32 1.98 -6.26 15.21
N ASP A 33 2.58 -5.25 15.81
CA ASP A 33 3.98 -4.94 15.54
C ASP A 33 4.90 -5.99 16.16
N GLY A 34 6.16 -5.98 15.73
CA GLY A 34 7.13 -6.94 16.24
C GLY A 34 7.24 -6.86 17.76
N GLY A 35 6.80 -5.72 18.32
CA GLY A 35 6.85 -5.52 19.75
C GLY A 35 7.24 -4.08 20.08
N ALA A 36 7.48 -3.28 19.05
CA ALA A 36 7.86 -1.88 19.24
C ALA A 36 7.07 -1.00 18.27
N PRO A 37 6.81 0.25 18.62
CA PRO A 37 6.04 1.17 17.74
C PRO A 37 6.81 1.50 16.47
N ILE A 38 6.08 1.62 15.37
CA ILE A 38 6.70 1.92 14.09
C ILE A 38 6.87 3.42 13.87
N LEU A 39 8.11 3.80 13.56
CA LEU A 39 8.41 5.21 13.32
C LEU A 39 7.84 5.64 11.96
N GLU A 40 7.97 4.76 10.97
CA GLU A 40 7.48 5.06 9.63
C GLU A 40 7.20 3.77 8.85
N TYR A 41 6.48 3.94 7.74
CA TYR A 41 6.14 2.83 6.87
C TYR A 41 6.79 3.01 5.50
N ILE A 42 7.63 2.05 5.12
CA ILE A 42 8.28 2.09 3.81
C ILE A 42 7.43 1.27 2.86
N VAL A 43 6.88 1.94 1.86
CA VAL A 43 6.00 1.29 0.90
C VAL A 43 6.55 1.40 -0.50
N LYS A 44 6.58 0.26 -1.20
CA LYS A 44 7.10 0.21 -2.56
C LYS A 44 6.04 -0.41 -3.47
N TYR A 45 5.86 0.13 -4.68
CA TYR A 45 4.85 -0.42 -5.59
C TYR A 45 5.34 -0.37 -7.04
N ARG A 46 4.77 -1.24 -7.88
CA ARG A 46 5.14 -1.30 -9.29
C ARG A 46 3.96 -1.75 -10.14
N SER A 47 4.14 -1.74 -11.47
CA SER A 47 3.09 -2.18 -12.38
C SER A 47 3.13 -3.70 -12.48
N LYS A 48 1.95 -4.31 -12.57
CA LYS A 48 1.89 -5.77 -12.66
C LYS A 48 2.55 -6.31 -13.93
N ASP A 49 2.38 -5.64 -15.06
CA ASP A 49 2.97 -6.15 -16.30
C ASP A 49 4.48 -5.86 -16.34
N LYS A 50 4.86 -4.63 -16.00
CA LYS A 50 6.28 -4.24 -16.01
C LYS A 50 6.93 -4.55 -14.66
N GLU A 51 7.49 -5.74 -14.56
CA GLU A 51 8.17 -6.18 -13.33
C GLU A 51 9.68 -5.99 -13.47
N ASP A 52 10.11 -4.74 -13.57
CA ASP A 52 11.53 -4.42 -13.72
C ASP A 52 11.95 -3.26 -12.83
N GLN A 53 10.98 -2.62 -12.16
CA GLN A 53 11.27 -1.48 -11.29
C GLN A 53 10.32 -1.44 -10.10
N TRP A 54 10.77 -0.80 -9.02
CA TRP A 54 9.97 -0.66 -7.79
C TRP A 54 10.07 0.76 -7.26
N LEU A 55 8.95 1.47 -7.28
CA LEU A 55 8.89 2.85 -6.79
C LEU A 55 8.85 2.86 -5.27
N GLU A 56 9.20 3.99 -4.66
CA GLU A 56 9.21 4.10 -3.18
C GLU A 56 8.11 5.04 -2.69
N LYS A 57 7.68 4.85 -1.44
CA LYS A 57 6.64 5.68 -0.85
C LYS A 57 6.76 5.58 0.69
N LYS A 58 7.15 6.67 1.33
CA LYS A 58 7.32 6.68 2.80
C LYS A 58 6.09 7.27 3.50
N VAL A 59 5.75 6.70 4.66
CA VAL A 59 4.60 7.19 5.44
C VAL A 59 4.95 7.23 6.92
N GLN A 60 4.22 8.07 7.65
CA GLN A 60 4.41 8.21 9.08
C GLN A 60 3.66 7.10 9.80
N GLY A 61 4.22 6.60 10.90
CA GLY A 61 3.57 5.53 11.63
C GLY A 61 2.17 5.99 12.04
N ASN A 62 2.07 7.26 12.40
CA ASN A 62 0.79 7.84 12.81
C ASN A 62 -0.17 7.88 11.63
N LYS A 63 0.35 8.21 10.45
CA LYS A 63 -0.48 8.29 9.25
C LYS A 63 -1.23 6.99 9.03
N ASP A 64 -0.49 5.96 8.63
CA ASP A 64 -1.08 4.66 8.36
C ASP A 64 -2.14 4.76 7.25
N HIS A 65 -1.75 5.40 6.15
CA HIS A 65 -2.64 5.59 4.99
C HIS A 65 -1.87 6.28 3.86
N ILE A 66 -2.09 5.85 2.62
CA ILE A 66 -1.38 6.44 1.48
C ILE A 66 -2.28 6.59 0.26
N ILE A 67 -1.96 7.59 -0.57
CA ILE A 67 -2.70 7.86 -1.80
C ILE A 67 -1.75 7.80 -3.01
N LEU A 68 -1.79 6.68 -3.74
CA LEU A 68 -0.94 6.53 -4.92
C LEU A 68 -1.70 7.00 -6.16
N GLU A 69 -1.31 8.15 -6.69
CA GLU A 69 -1.97 8.71 -7.87
C GLU A 69 -1.21 8.38 -9.14
N HIS A 70 -1.96 8.23 -10.23
CA HIS A 70 -1.42 7.91 -11.56
C HIS A 70 -1.43 6.41 -11.81
N LEU A 71 -2.58 5.77 -11.53
CA LEU A 71 -2.73 4.33 -11.75
C LEU A 71 -3.74 4.12 -12.88
N GLN A 72 -3.25 3.97 -14.11
CA GLN A 72 -4.13 3.80 -15.26
C GLN A 72 -5.23 2.78 -14.95
N TRP A 73 -6.39 2.99 -15.56
CA TRP A 73 -7.54 2.12 -15.35
C TRP A 73 -7.36 0.77 -16.04
N THR A 74 -6.31 0.64 -16.87
CA THR A 74 -6.07 -0.61 -17.61
C THR A 74 -4.79 -1.31 -17.15
N MET A 75 -4.31 -0.97 -15.94
CA MET A 75 -3.10 -1.57 -15.42
C MET A 75 -3.17 -1.78 -13.91
N GLY A 76 -2.78 -2.97 -13.47
CA GLY A 76 -2.76 -3.28 -12.06
C GLY A 76 -1.42 -2.89 -11.46
N TYR A 77 -1.42 -2.69 -10.15
CA TYR A 77 -0.20 -2.29 -9.44
C TYR A 77 -0.08 -3.06 -8.12
N GLU A 78 1.12 -3.59 -7.87
CA GLU A 78 1.38 -4.33 -6.63
C GLU A 78 1.93 -3.35 -5.60
N VAL A 79 1.63 -3.59 -4.33
CA VAL A 79 2.10 -2.72 -3.26
C VAL A 79 2.73 -3.55 -2.15
N GLN A 80 3.89 -3.12 -1.67
CA GLN A 80 4.61 -3.83 -0.62
C GLN A 80 4.87 -2.90 0.55
N ILE A 81 4.15 -3.13 1.64
CA ILE A 81 4.27 -2.32 2.84
C ILE A 81 5.27 -2.92 3.81
N THR A 82 6.11 -2.06 4.38
CA THR A 82 7.08 -2.50 5.37
C THR A 82 7.11 -1.50 6.52
N ALA A 83 6.71 -1.96 7.70
CA ALA A 83 6.67 -1.10 8.89
C ALA A 83 8.02 -1.15 9.59
N ALA A 84 8.64 0.00 9.85
CA ALA A 84 9.95 0.05 10.50
C ALA A 84 9.89 0.51 11.94
N ASN A 85 10.19 -0.40 12.86
CA ASN A 85 10.20 -0.09 14.29
C ASN A 85 11.63 -0.23 14.81
N ARG A 86 11.77 -0.27 16.12
CA ARG A 86 13.09 -0.40 16.73
C ARG A 86 13.84 -1.55 16.08
N LEU A 87 13.10 -2.58 15.67
CA LEU A 87 13.70 -3.74 15.03
C LEU A 87 14.32 -3.33 13.69
N GLY A 88 13.59 -2.51 12.95
CA GLY A 88 14.03 -2.01 11.65
C GLY A 88 12.95 -2.25 10.60
N TYR A 89 12.43 -3.47 10.58
CA TYR A 89 11.37 -3.83 9.63
C TYR A 89 10.57 -4.98 10.24
N SER A 90 9.25 -4.93 10.11
CA SER A 90 8.41 -5.98 10.68
C SER A 90 7.02 -6.01 10.05
N GLU A 91 6.34 -7.12 10.27
CA GLU A 91 4.99 -7.31 9.75
C GLU A 91 4.77 -6.64 8.41
N PRO A 92 5.55 -7.00 7.41
CA PRO A 92 5.41 -6.42 6.04
C PRO A 92 4.08 -6.87 5.43
N THR A 93 3.53 -6.05 4.53
CA THR A 93 2.26 -6.37 3.89
C THR A 93 2.41 -6.36 2.38
N VAL A 94 2.31 -7.53 1.79
CA VAL A 94 2.39 -7.65 0.34
C VAL A 94 0.98 -7.63 -0.22
N TYR A 95 0.53 -6.45 -0.64
CA TYR A 95 -0.82 -6.28 -1.18
C TYR A 95 -0.78 -6.20 -2.70
N GLU A 96 -1.71 -6.90 -3.36
CA GLU A 96 -1.77 -6.89 -4.83
C GLU A 96 -3.21 -6.80 -5.32
N PHE A 97 -3.44 -5.94 -6.30
CA PHE A 97 -4.78 -5.76 -6.85
C PHE A 97 -4.71 -5.08 -8.22
N SER A 98 -5.72 -5.35 -9.06
CA SER A 98 -5.78 -4.75 -10.39
C SER A 98 -6.73 -3.56 -10.37
N MET A 99 -6.74 -2.79 -11.46
CA MET A 99 -7.60 -1.60 -11.55
C MET A 99 -8.81 -1.83 -12.45
N PRO A 100 -9.95 -1.25 -12.14
CA PRO A 100 -11.17 -1.39 -12.98
C PRO A 100 -11.08 -0.50 -14.21
N PRO A 101 -11.88 -0.75 -15.22
CA PRO A 101 -11.87 0.09 -16.46
C PRO A 101 -12.38 1.49 -16.16
N LYS A 102 -11.98 2.47 -17.00
CA LYS A 102 -12.38 3.86 -16.80
C LYS A 102 -13.84 3.93 -16.31
N PRO A 103 -14.14 4.69 -15.27
CA PRO A 103 -15.53 4.80 -14.74
C PRO A 103 -16.47 5.52 -15.72
N ASN A 104 -17.73 5.10 -15.71
CA ASN A 104 -18.76 5.69 -16.56
C ASN A 104 -20.09 5.71 -15.80
N ILE A 105 -20.37 4.59 -15.15
CA ILE A 105 -21.60 4.45 -14.35
C ILE A 105 -21.32 4.86 -12.91
N ILE A 106 -20.03 5.14 -12.66
CA ILE A 106 -19.54 5.56 -11.34
C ILE A 106 -20.12 4.73 -10.18
N LYS A 107 -19.21 4.17 -9.40
CA LYS A 107 -19.59 3.37 -8.24
C LYS A 107 -18.33 2.96 -7.47
N ASP A 108 -18.25 3.36 -6.21
CA ASP A 108 -17.08 3.01 -5.38
C ASP A 108 -17.28 1.66 -4.72
N ARG A 7 8.36 -11.51 16.47
CA ARG A 7 7.91 -10.22 15.86
C ARG A 7 6.38 -10.21 15.75
N GLU A 8 5.71 -10.58 16.85
CA GLU A 8 4.24 -10.63 16.93
C GLU A 8 3.55 -9.86 15.78
N PRO A 9 3.41 -10.48 14.64
CA PRO A 9 2.78 -9.88 13.45
C PRO A 9 1.37 -10.43 13.23
N SER A 10 0.83 -10.23 12.03
CA SER A 10 -0.51 -10.75 11.73
C SER A 10 -0.83 -10.60 10.24
N PRO A 11 -1.75 -11.40 9.71
CA PRO A 11 -2.17 -11.35 8.27
C PRO A 11 -2.25 -9.91 7.71
N PRO A 12 -2.46 -9.75 6.41
CA PRO A 12 -2.56 -8.39 5.81
C PRO A 12 -3.59 -7.49 6.46
N SER A 13 -3.27 -6.20 6.44
CA SER A 13 -4.10 -5.17 7.05
C SER A 13 -4.24 -3.97 6.10
N ILE A 14 -4.29 -4.28 4.81
CA ILE A 14 -4.39 -3.24 3.80
C ILE A 14 -5.79 -3.24 3.20
N HIS A 15 -6.45 -2.09 3.27
CA HIS A 15 -7.81 -1.94 2.74
C HIS A 15 -7.80 -0.88 1.63
N GLY A 16 -8.14 -1.29 0.42
CA GLY A 16 -8.16 -0.37 -0.73
C GLY A 16 -9.57 0.13 -1.00
N GLN A 17 -9.65 1.37 -1.48
CA GLN A 17 -10.93 1.99 -1.79
C GLN A 17 -10.72 3.16 -2.75
N PRO A 18 -11.23 3.12 -3.97
CA PRO A 18 -11.05 4.24 -4.94
C PRO A 18 -11.43 5.59 -4.32
N SER A 19 -10.43 6.30 -3.80
CA SER A 19 -10.67 7.60 -3.18
C SER A 19 -10.88 8.70 -4.22
N SER A 20 -9.98 8.75 -5.20
CA SER A 20 -10.07 9.76 -6.25
C SER A 20 -9.61 9.20 -7.59
N GLY A 21 -9.90 9.94 -8.66
CA GLY A 21 -9.51 9.52 -10.01
C GLY A 21 -8.17 8.81 -10.02
N LYS A 22 -8.14 7.62 -10.63
CA LYS A 22 -6.93 6.82 -10.73
C LYS A 22 -6.13 6.89 -9.44
N SER A 23 -6.82 6.67 -8.33
CA SER A 23 -6.18 6.66 -7.02
C SER A 23 -6.81 5.59 -6.15
N PHE A 24 -6.03 5.05 -5.22
CA PHE A 24 -6.52 3.99 -4.34
C PHE A 24 -6.00 4.20 -2.92
N LYS A 25 -6.92 4.35 -1.97
CA LYS A 25 -6.52 4.53 -0.57
C LYS A 25 -6.28 3.18 0.07
N LEU A 26 -5.03 2.77 0.13
CA LEU A 26 -4.69 1.50 0.76
C LEU A 26 -4.38 1.80 2.21
N SER A 27 -5.41 1.75 3.04
CA SER A 27 -5.26 2.06 4.44
C SER A 27 -4.41 1.04 5.15
N ILE A 28 -3.37 1.51 5.84
CA ILE A 28 -2.50 0.63 6.58
C ILE A 28 -3.16 0.47 7.95
N THR A 29 -3.60 -0.75 8.27
CA THR A 29 -4.28 -0.97 9.56
C THR A 29 -3.32 -1.55 10.57
N LYS A 30 -3.10 -0.80 11.65
CA LYS A 30 -2.19 -1.23 12.70
C LYS A 30 -2.37 -2.73 12.96
N GLN A 31 -1.36 -3.48 12.55
CA GLN A 31 -1.38 -4.94 12.68
C GLN A 31 -0.28 -5.40 13.62
N ASP A 32 -0.65 -5.70 14.86
CA ASP A 32 0.30 -6.17 15.90
C ASP A 32 1.75 -5.82 15.54
N ASP A 33 2.15 -4.59 15.83
CA ASP A 33 3.50 -4.17 15.50
C ASP A 33 4.52 -5.18 16.01
N GLY A 34 5.44 -5.57 15.13
CA GLY A 34 6.47 -6.55 15.44
C GLY A 34 6.82 -6.59 16.93
N GLY A 35 6.80 -5.45 17.59
CA GLY A 35 7.11 -5.41 19.02
C GLY A 35 7.44 -4.00 19.53
N ALA A 36 7.39 -3.00 18.64
CA ALA A 36 7.69 -1.63 19.07
C ALA A 36 7.03 -0.63 18.12
N PRO A 37 6.77 0.59 18.58
CA PRO A 37 6.15 1.61 17.70
C PRO A 37 6.94 1.81 16.40
N ILE A 38 6.22 1.93 15.30
CA ILE A 38 6.85 2.11 13.99
C ILE A 38 7.23 3.57 13.76
N LEU A 39 8.48 3.78 13.38
CA LEU A 39 8.98 5.11 13.10
C LEU A 39 8.37 5.63 11.80
N GLU A 40 8.27 4.75 10.81
CA GLU A 40 7.72 5.09 9.51
C GLU A 40 7.30 3.85 8.73
N TYR A 41 6.61 4.06 7.61
CA TYR A 41 6.18 2.96 6.75
C TYR A 41 6.85 3.07 5.38
N ILE A 42 7.56 2.04 4.99
CA ILE A 42 8.21 2.02 3.68
C ILE A 42 7.31 1.27 2.72
N VAL A 43 6.78 1.98 1.72
CA VAL A 43 5.87 1.38 0.75
C VAL A 43 6.49 1.40 -0.64
N LYS A 44 6.46 0.25 -1.30
CA LYS A 44 6.99 0.13 -2.65
C LYS A 44 5.93 -0.49 -3.56
N TYR A 45 5.72 0.10 -4.73
CA TYR A 45 4.72 -0.43 -5.67
C TYR A 45 5.22 -0.33 -7.11
N ARG A 46 4.74 -1.23 -7.96
CA ARG A 46 5.15 -1.28 -9.37
C ARG A 46 4.01 -1.70 -10.27
N SER A 47 4.22 -1.62 -11.58
CA SER A 47 3.21 -2.05 -12.54
C SER A 47 3.26 -3.57 -12.67
N LYS A 48 2.08 -4.19 -12.77
CA LYS A 48 2.02 -5.64 -12.89
C LYS A 48 2.70 -6.12 -14.16
N ASP A 49 2.57 -5.34 -15.24
CA ASP A 49 3.17 -5.72 -16.51
C ASP A 49 4.69 -5.77 -16.40
N LYS A 50 5.27 -4.85 -15.62
CA LYS A 50 6.70 -4.77 -15.42
C LYS A 50 7.09 -5.38 -14.09
N GLU A 51 8.29 -5.92 -14.05
CA GLU A 51 8.82 -6.57 -12.84
C GLU A 51 10.28 -6.21 -12.57
N ASP A 52 10.75 -5.11 -13.16
CA ASP A 52 12.14 -4.67 -12.97
C ASP A 52 12.17 -3.20 -12.54
N GLN A 53 11.05 -2.70 -12.06
CA GLN A 53 10.94 -1.30 -11.63
C GLN A 53 10.07 -1.19 -10.38
N TRP A 54 10.68 -0.82 -9.25
CA TRP A 54 9.94 -0.67 -7.98
C TRP A 54 10.04 0.75 -7.46
N LEU A 55 8.88 1.40 -7.36
CA LEU A 55 8.80 2.77 -6.87
C LEU A 55 8.86 2.77 -5.35
N GLU A 56 9.22 3.90 -4.75
CA GLU A 56 9.31 4.00 -3.28
C GLU A 56 8.31 5.02 -2.75
N LYS A 57 7.87 4.83 -1.51
CA LYS A 57 6.92 5.74 -0.87
C LYS A 57 7.02 5.61 0.65
N LYS A 58 7.49 6.66 1.31
CA LYS A 58 7.63 6.63 2.77
C LYS A 58 6.43 7.30 3.44
N VAL A 59 6.04 6.79 4.62
CA VAL A 59 4.91 7.39 5.36
C VAL A 59 5.24 7.46 6.85
N GLN A 60 4.53 8.34 7.55
CA GLN A 60 4.74 8.54 8.97
C GLN A 60 4.21 7.34 9.76
N GLY A 61 4.87 7.03 10.87
CA GLY A 61 4.45 5.91 11.71
C GLY A 61 3.03 6.08 12.24
N ASN A 62 2.36 7.16 11.82
CA ASN A 62 1.00 7.42 12.27
C ASN A 62 0.08 7.80 11.11
N LYS A 63 0.62 7.81 9.90
CA LYS A 63 -0.21 8.16 8.74
C LYS A 63 -1.31 7.10 8.56
N ASP A 64 -0.91 5.84 8.72
CA ASP A 64 -1.82 4.71 8.61
C ASP A 64 -2.68 4.77 7.35
N HIS A 65 -2.15 5.35 6.27
CA HIS A 65 -2.88 5.46 5.00
C HIS A 65 -2.05 6.20 3.95
N ILE A 66 -2.29 5.89 2.67
CA ILE A 66 -1.56 6.55 1.59
C ILE A 66 -2.42 6.60 0.32
N ILE A 67 -2.52 7.80 -0.27
CA ILE A 67 -3.30 7.97 -1.50
C ILE A 67 -2.34 8.00 -2.69
N LEU A 68 -2.28 6.88 -3.42
CA LEU A 68 -1.41 6.79 -4.59
C LEU A 68 -2.19 7.21 -5.81
N GLU A 69 -1.93 8.42 -6.30
CA GLU A 69 -2.63 8.96 -7.46
C GLU A 69 -1.84 8.73 -8.74
N HIS A 70 -2.57 8.61 -9.85
CA HIS A 70 -1.98 8.38 -11.17
C HIS A 70 -1.82 6.88 -11.43
N LEU A 71 -2.95 6.17 -11.43
CA LEU A 71 -2.96 4.72 -11.68
C LEU A 71 -3.87 4.39 -12.85
N GLN A 72 -3.32 4.35 -14.05
CA GLN A 72 -4.13 4.06 -15.24
C GLN A 72 -5.18 2.99 -14.96
N TRP A 73 -6.33 3.16 -15.57
CA TRP A 73 -7.46 2.24 -15.40
C TRP A 73 -7.25 0.93 -16.16
N THR A 74 -6.22 0.88 -17.00
CA THR A 74 -5.95 -0.32 -17.81
C THR A 74 -4.64 -0.97 -17.41
N MET A 75 -4.16 -0.66 -16.20
CA MET A 75 -2.90 -1.23 -15.71
C MET A 75 -3.01 -1.53 -14.22
N GLY A 76 -2.50 -2.69 -13.81
CA GLY A 76 -2.53 -3.05 -12.40
C GLY A 76 -1.24 -2.65 -11.70
N TYR A 77 -1.28 -2.62 -10.38
CA TYR A 77 -0.10 -2.25 -9.59
C TYR A 77 -0.03 -3.03 -8.28
N GLU A 78 1.13 -3.63 -8.02
CA GLU A 78 1.34 -4.38 -6.78
C GLU A 78 1.85 -3.43 -5.71
N VAL A 79 1.60 -3.74 -4.44
CA VAL A 79 2.03 -2.87 -3.34
C VAL A 79 2.69 -3.69 -2.23
N GLN A 80 3.81 -3.18 -1.73
CA GLN A 80 4.56 -3.86 -0.67
C GLN A 80 4.78 -2.91 0.50
N ILE A 81 4.08 -3.17 1.60
CA ILE A 81 4.16 -2.34 2.80
C ILE A 81 5.14 -2.93 3.81
N THR A 82 6.00 -2.09 4.36
CA THR A 82 6.93 -2.53 5.40
C THR A 82 6.93 -1.50 6.51
N ALA A 83 6.66 -1.93 7.73
CA ALA A 83 6.62 -1.01 8.87
C ALA A 83 7.94 -1.09 9.62
N ALA A 84 8.61 0.05 9.81
CA ALA A 84 9.91 0.05 10.50
C ALA A 84 9.78 0.44 11.98
N ASN A 85 10.08 -0.53 12.84
CA ASN A 85 10.05 -0.31 14.30
C ASN A 85 11.43 -0.62 14.87
N ARG A 86 11.54 -0.56 16.21
CA ARG A 86 12.81 -0.86 16.88
C ARG A 86 13.50 -2.04 16.20
N LEU A 87 12.69 -2.98 15.70
CA LEU A 87 13.23 -4.16 15.03
C LEU A 87 13.98 -3.74 13.76
N GLY A 88 13.38 -2.79 13.05
CA GLY A 88 13.95 -2.27 11.80
C GLY A 88 12.91 -2.39 10.69
N TYR A 89 12.35 -3.58 10.58
CA TYR A 89 11.32 -3.84 9.60
C TYR A 89 10.44 -4.98 10.09
N SER A 90 9.14 -4.72 10.21
CA SER A 90 8.22 -5.73 10.69
C SER A 90 7.70 -6.56 9.53
N GLU A 91 6.90 -7.57 9.84
CA GLU A 91 6.34 -8.42 8.81
C GLU A 91 5.75 -7.54 7.71
N PRO A 92 6.29 -7.53 6.51
CA PRO A 92 5.76 -6.65 5.44
C PRO A 92 4.44 -7.16 4.90
N THR A 93 3.70 -6.28 4.26
CA THR A 93 2.41 -6.62 3.69
C THR A 93 2.49 -6.54 2.19
N VAL A 94 2.36 -7.67 1.56
CA VAL A 94 2.38 -7.74 0.11
C VAL A 94 0.96 -7.76 -0.39
N TYR A 95 0.47 -6.59 -0.80
CA TYR A 95 -0.90 -6.47 -1.30
C TYR A 95 -0.90 -6.38 -2.82
N GLU A 96 -1.83 -7.07 -3.48
CA GLU A 96 -1.90 -7.07 -4.94
C GLU A 96 -3.34 -6.88 -5.44
N PHE A 97 -3.51 -6.01 -6.41
CA PHE A 97 -4.83 -5.74 -6.98
C PHE A 97 -4.70 -4.86 -8.22
N SER A 98 -5.33 -5.28 -9.31
CA SER A 98 -5.29 -4.50 -10.53
C SER A 98 -6.34 -3.38 -10.49
N MET A 99 -6.21 -2.42 -11.40
CA MET A 99 -7.13 -1.29 -11.46
C MET A 99 -8.32 -1.59 -12.39
N PRO A 100 -9.50 -1.11 -12.09
CA PRO A 100 -10.70 -1.33 -12.95
C PRO A 100 -10.67 -0.44 -14.19
N PRO A 101 -11.47 -0.72 -15.18
CA PRO A 101 -11.54 0.11 -16.43
C PRO A 101 -12.04 1.52 -16.13
N LYS A 102 -11.77 2.46 -17.04
CA LYS A 102 -12.19 3.85 -16.88
C LYS A 102 -13.61 3.92 -16.29
N PRO A 103 -13.85 4.73 -15.29
CA PRO A 103 -15.21 4.86 -14.68
C PRO A 103 -16.18 5.60 -15.59
N ASN A 104 -17.28 4.93 -15.94
CA ASN A 104 -18.32 5.55 -16.76
C ASN A 104 -19.34 6.17 -15.82
N ILE A 105 -19.33 5.65 -14.60
CA ILE A 105 -20.18 6.11 -13.52
C ILE A 105 -19.36 6.04 -12.24
N ILE A 106 -20.01 6.03 -11.09
CA ILE A 106 -19.28 5.95 -9.82
C ILE A 106 -20.05 5.17 -8.77
N LYS A 107 -19.32 4.33 -8.05
CA LYS A 107 -19.89 3.50 -7.00
C LYS A 107 -18.79 2.68 -6.33
N ASP A 108 -17.93 2.10 -7.16
CA ASP A 108 -16.82 1.28 -6.66
C ASP A 108 -15.81 1.04 -7.78
N ARG A 7 8.68 -10.82 16.71
CA ARG A 7 8.51 -11.04 15.25
C ARG A 7 7.04 -11.32 14.96
N GLU A 8 6.34 -11.83 15.97
CA GLU A 8 4.91 -12.17 15.87
C GLU A 8 4.19 -11.23 14.88
N PRO A 9 3.97 -11.65 13.65
CA PRO A 9 3.27 -10.85 12.63
C PRO A 9 1.83 -11.31 12.52
N SER A 10 1.14 -10.94 11.44
CA SER A 10 -0.24 -11.38 11.28
C SER A 10 -0.73 -11.13 9.85
N PRO A 11 -1.87 -11.70 9.47
CA PRO A 11 -2.44 -11.53 8.10
C PRO A 11 -2.46 -10.06 7.64
N PRO A 12 -2.50 -9.81 6.35
CA PRO A 12 -2.53 -8.43 5.78
C PRO A 12 -3.35 -7.42 6.57
N SER A 13 -3.30 -6.17 6.11
CA SER A 13 -4.00 -5.08 6.79
C SER A 13 -4.11 -3.86 5.87
N ILE A 14 -4.51 -4.10 4.62
CA ILE A 14 -4.64 -3.01 3.64
C ILE A 14 -6.01 -3.03 2.99
N HIS A 15 -6.71 -1.91 3.10
CA HIS A 15 -8.05 -1.75 2.53
C HIS A 15 -8.00 -0.70 1.43
N GLY A 16 -8.27 -1.09 0.19
CA GLY A 16 -8.24 -0.15 -0.92
C GLY A 16 -9.61 0.40 -1.25
N GLN A 17 -9.65 1.68 -1.58
CA GLN A 17 -10.90 2.36 -1.94
C GLN A 17 -10.64 3.30 -3.12
N PRO A 18 -11.49 3.32 -4.13
CA PRO A 18 -11.28 4.21 -5.31
C PRO A 18 -11.63 5.67 -5.02
N SER A 19 -10.66 6.42 -4.51
CA SER A 19 -10.90 7.83 -4.22
C SER A 19 -11.09 8.59 -5.52
N SER A 20 -11.30 9.89 -5.43
CA SER A 20 -11.51 10.71 -6.62
C SER A 20 -10.35 10.54 -7.59
N GLY A 21 -10.63 10.02 -8.78
CA GLY A 21 -9.61 9.82 -9.81
C GLY A 21 -9.12 8.37 -9.85
N LYS A 22 -8.01 8.14 -10.55
CA LYS A 22 -7.47 6.79 -10.68
C LYS A 22 -6.74 6.40 -9.39
N SER A 23 -6.63 7.34 -8.47
CA SER A 23 -5.94 7.07 -7.21
C SER A 23 -6.73 6.05 -6.37
N PHE A 24 -6.01 5.29 -5.56
CA PHE A 24 -6.62 4.27 -4.69
C PHE A 24 -6.13 4.47 -3.25
N LYS A 25 -7.05 4.81 -2.35
CA LYS A 25 -6.69 5.02 -0.96
C LYS A 25 -6.52 3.68 -0.25
N LEU A 26 -5.26 3.35 0.08
CA LEU A 26 -4.98 2.10 0.78
C LEU A 26 -4.70 2.39 2.24
N SER A 27 -5.68 2.15 3.10
CA SER A 27 -5.53 2.41 4.51
C SER A 27 -4.60 1.38 5.14
N ILE A 28 -3.52 1.85 5.77
CA ILE A 28 -2.60 0.93 6.43
C ILE A 28 -3.13 0.72 7.85
N THR A 29 -3.58 -0.48 8.17
CA THR A 29 -4.12 -0.74 9.50
C THR A 29 -2.99 -1.11 10.48
N LYS A 30 -2.94 -0.40 11.60
CA LYS A 30 -1.92 -0.64 12.61
C LYS A 30 -1.74 -2.14 12.83
N GLN A 31 -0.65 -2.66 12.29
CA GLN A 31 -0.36 -4.08 12.43
C GLN A 31 0.26 -4.38 13.79
N ASP A 32 0.19 -5.64 14.21
CA ASP A 32 0.76 -6.03 15.48
C ASP A 32 2.26 -6.17 15.32
N ASP A 33 2.96 -5.04 15.32
CA ASP A 33 4.40 -5.03 15.13
C ASP A 33 5.07 -6.19 15.86
N GLY A 34 6.30 -6.49 15.46
CA GLY A 34 7.04 -7.58 16.07
C GLY A 34 7.08 -7.43 17.58
N GLY A 35 7.29 -6.20 18.05
CA GLY A 35 7.34 -5.94 19.48
C GLY A 35 7.89 -4.54 19.79
N ALA A 36 7.77 -3.62 18.83
CA ALA A 36 8.25 -2.26 19.03
C ALA A 36 7.45 -1.31 18.14
N PRO A 37 7.30 -0.06 18.53
CA PRO A 37 6.52 0.92 17.73
C PRO A 37 7.24 1.27 16.43
N ILE A 38 6.47 1.46 15.37
CA ILE A 38 7.03 1.79 14.07
C ILE A 38 7.18 3.30 13.87
N LEU A 39 8.34 3.70 13.34
CA LEU A 39 8.62 5.11 13.09
C LEU A 39 7.99 5.55 11.77
N GLU A 40 8.23 4.77 10.71
CA GLU A 40 7.68 5.10 9.38
C GLU A 40 7.35 3.84 8.60
N TYR A 41 6.52 4.01 7.56
CA TYR A 41 6.12 2.90 6.71
C TYR A 41 6.77 3.03 5.34
N ILE A 42 7.56 2.03 4.98
CA ILE A 42 8.21 2.02 3.68
C ILE A 42 7.33 1.27 2.71
N VAL A 43 6.68 2.00 1.80
CA VAL A 43 5.78 1.40 0.84
C VAL A 43 6.38 1.43 -0.55
N LYS A 44 6.42 0.27 -1.19
CA LYS A 44 6.95 0.16 -2.53
C LYS A 44 5.91 -0.50 -3.44
N TYR A 45 5.63 0.13 -4.58
CA TYR A 45 4.63 -0.41 -5.50
C TYR A 45 5.16 -0.41 -6.93
N ARG A 46 4.71 -1.39 -7.72
CA ARG A 46 5.14 -1.52 -9.12
C ARG A 46 4.00 -2.03 -9.99
N SER A 47 4.17 -1.95 -11.30
CA SER A 47 3.17 -2.44 -12.24
C SER A 47 3.24 -3.96 -12.30
N LYS A 48 2.09 -4.60 -12.43
CA LYS A 48 2.05 -6.06 -12.51
C LYS A 48 2.78 -6.55 -13.77
N ASP A 49 3.31 -5.62 -14.55
CA ASP A 49 4.02 -5.97 -15.79
C ASP A 49 5.45 -5.43 -15.77
N LYS A 50 5.78 -4.59 -14.78
CA LYS A 50 7.13 -4.02 -14.67
C LYS A 50 7.73 -4.36 -13.31
N GLU A 51 8.75 -5.22 -13.32
CA GLU A 51 9.42 -5.63 -12.07
C GLU A 51 10.88 -5.15 -12.05
N ASP A 52 11.34 -4.62 -13.18
CA ASP A 52 12.71 -4.15 -13.28
C ASP A 52 12.96 -2.93 -12.37
N GLN A 53 11.89 -2.40 -11.78
CA GLN A 53 12.03 -1.23 -10.92
C GLN A 53 10.81 -1.07 -10.00
N TRP A 54 11.08 -0.92 -8.71
CA TRP A 54 10.02 -0.72 -7.71
C TRP A 54 10.05 0.72 -7.22
N LEU A 55 8.89 1.37 -7.26
CA LEU A 55 8.77 2.75 -6.81
C LEU A 55 8.75 2.77 -5.28
N GLU A 56 9.10 3.89 -4.64
CA GLU A 56 9.11 3.98 -3.16
C GLU A 56 8.18 5.07 -2.64
N LYS A 57 7.63 4.83 -1.46
CA LYS A 57 6.71 5.78 -0.82
C LYS A 57 6.83 5.62 0.70
N LYS A 58 7.33 6.67 1.37
CA LYS A 58 7.48 6.63 2.83
C LYS A 58 6.28 7.29 3.50
N VAL A 59 5.83 6.73 4.64
CA VAL A 59 4.69 7.30 5.36
C VAL A 59 4.98 7.35 6.85
N GLN A 60 4.24 8.21 7.54
CA GLN A 60 4.40 8.37 8.98
C GLN A 60 3.78 7.17 9.69
N GLY A 61 4.53 6.58 10.61
CA GLY A 61 4.07 5.41 11.35
C GLY A 61 2.76 5.68 12.08
N ASN A 62 2.24 6.90 11.95
CA ASN A 62 0.99 7.28 12.61
C ASN A 62 -0.09 7.61 11.58
N LYS A 63 0.34 8.03 10.39
CA LYS A 63 -0.61 8.38 9.34
C LYS A 63 -1.62 7.24 9.17
N ASP A 64 -1.14 6.11 8.67
CA ASP A 64 -1.97 4.92 8.48
C ASP A 64 -2.84 5.00 7.21
N HIS A 65 -2.32 5.61 6.15
CA HIS A 65 -3.05 5.72 4.88
C HIS A 65 -2.20 6.43 3.83
N ILE A 66 -2.41 6.08 2.55
CA ILE A 66 -1.65 6.71 1.46
C ILE A 66 -2.49 6.79 0.19
N ILE A 67 -2.30 7.87 -0.57
CA ILE A 67 -3.01 8.08 -1.83
C ILE A 67 -2.00 7.99 -2.97
N LEU A 68 -2.17 6.98 -3.82
CA LEU A 68 -1.26 6.77 -4.95
C LEU A 68 -1.92 7.20 -6.25
N GLU A 69 -1.45 8.31 -6.83
CA GLU A 69 -2.01 8.82 -8.07
C GLU A 69 -1.38 8.16 -9.30
N HIS A 70 -2.06 8.28 -10.42
CA HIS A 70 -1.61 7.72 -11.70
C HIS A 70 -1.47 6.21 -11.60
N LEU A 71 -2.61 5.53 -11.45
CA LEU A 71 -2.62 4.07 -11.36
C LEU A 71 -3.17 3.46 -12.64
N GLN A 72 -3.72 4.33 -13.49
CA GLN A 72 -4.30 3.91 -14.75
C GLN A 72 -5.44 2.93 -14.50
N TRP A 73 -6.40 2.89 -15.43
CA TRP A 73 -7.56 2.02 -15.29
C TRP A 73 -7.40 0.70 -16.05
N THR A 74 -6.33 0.58 -16.84
CA THR A 74 -6.10 -0.63 -17.65
C THR A 74 -4.79 -1.35 -17.29
N MET A 75 -4.26 -1.07 -16.10
CA MET A 75 -3.00 -1.71 -15.69
C MET A 75 -3.01 -2.00 -14.19
N GLY A 76 -2.71 -3.25 -13.83
CA GLY A 76 -2.67 -3.63 -12.44
C GLY A 76 -1.31 -3.31 -11.85
N TYR A 77 -1.27 -3.17 -10.53
CA TYR A 77 -0.04 -2.86 -9.83
C TYR A 77 -0.09 -3.43 -8.42
N GLU A 78 1.09 -3.72 -7.86
CA GLU A 78 1.16 -4.29 -6.51
C GLU A 78 1.66 -3.25 -5.51
N VAL A 79 1.32 -3.45 -4.24
CA VAL A 79 1.75 -2.55 -3.17
C VAL A 79 2.36 -3.37 -2.05
N GLN A 80 3.55 -2.98 -1.59
CA GLN A 80 4.24 -3.69 -0.52
C GLN A 80 4.53 -2.75 0.64
N ILE A 81 3.77 -2.94 1.71
CA ILE A 81 3.91 -2.13 2.92
C ILE A 81 4.91 -2.76 3.86
N THR A 82 5.80 -1.95 4.41
CA THR A 82 6.78 -2.45 5.36
C THR A 82 6.88 -1.48 6.53
N ALA A 83 6.66 -2.00 7.72
CA ALA A 83 6.70 -1.18 8.91
C ALA A 83 8.07 -1.29 9.57
N ALA A 84 8.77 -0.17 9.71
CA ALA A 84 10.11 -0.15 10.27
C ALA A 84 10.15 0.27 11.74
N ASN A 85 10.34 -0.71 12.62
CA ASN A 85 10.45 -0.45 14.06
C ASN A 85 11.89 -0.67 14.48
N ARG A 86 12.13 -0.54 15.78
CA ARG A 86 13.47 -0.75 16.33
C ARG A 86 14.15 -1.95 15.64
N LEU A 87 13.33 -2.93 15.25
CA LEU A 87 13.82 -4.11 14.59
C LEU A 87 14.41 -3.74 13.23
N GLY A 88 13.70 -2.85 12.53
CA GLY A 88 14.13 -2.40 11.20
C GLY A 88 13.00 -2.58 10.19
N TYR A 89 12.42 -3.77 10.19
CA TYR A 89 11.30 -4.08 9.30
C TYR A 89 10.51 -5.24 9.89
N SER A 90 9.20 -5.10 9.94
CA SER A 90 8.37 -6.16 10.51
C SER A 90 6.91 -5.95 10.15
N GLU A 91 6.12 -7.01 10.24
CA GLU A 91 4.71 -6.94 9.94
C GLU A 91 4.50 -6.32 8.55
N PRO A 92 5.18 -6.84 7.55
CA PRO A 92 5.04 -6.33 6.16
C PRO A 92 3.70 -6.74 5.54
N THR A 93 3.18 -5.91 4.65
CA THR A 93 1.91 -6.20 3.99
C THR A 93 2.07 -6.19 2.49
N VAL A 94 1.99 -7.37 1.89
CA VAL A 94 2.09 -7.48 0.45
C VAL A 94 0.67 -7.50 -0.12
N TYR A 95 0.19 -6.33 -0.53
CA TYR A 95 -1.16 -6.18 -1.07
C TYR A 95 -1.12 -6.08 -2.60
N GLU A 96 -1.96 -6.87 -3.26
CA GLU A 96 -2.02 -6.88 -4.73
C GLU A 96 -3.45 -6.83 -5.23
N PHE A 97 -3.69 -5.97 -6.22
CA PHE A 97 -5.03 -5.84 -6.79
C PHE A 97 -4.97 -5.00 -8.07
N SER A 98 -5.64 -5.48 -9.12
CA SER A 98 -5.65 -4.77 -10.39
C SER A 98 -6.65 -3.61 -10.39
N MET A 99 -6.51 -2.73 -11.37
CA MET A 99 -7.38 -1.55 -11.48
C MET A 99 -8.58 -1.84 -12.41
N PRO A 100 -9.75 -1.33 -12.08
CA PRO A 100 -10.97 -1.52 -12.92
C PRO A 100 -10.95 -0.58 -14.14
N PRO A 101 -11.74 -0.86 -15.14
CA PRO A 101 -11.82 -0.01 -16.37
C PRO A 101 -12.31 1.41 -16.04
N LYS A 102 -11.90 2.37 -16.86
CA LYS A 102 -12.28 3.77 -16.66
C LYS A 102 -13.77 3.87 -16.30
N PRO A 103 -14.13 4.62 -15.28
CA PRO A 103 -15.56 4.81 -14.89
C PRO A 103 -16.25 5.79 -15.84
N ASN A 104 -17.58 5.73 -15.91
CA ASN A 104 -18.34 6.63 -16.77
C ASN A 104 -19.71 6.94 -16.17
N ILE A 105 -20.44 5.89 -15.81
CA ILE A 105 -21.78 6.04 -15.21
C ILE A 105 -21.80 5.56 -13.77
N ILE A 106 -21.30 4.36 -13.54
CA ILE A 106 -21.26 3.79 -12.21
C ILE A 106 -20.49 4.71 -11.25
N LYS A 107 -20.80 4.58 -9.96
CA LYS A 107 -20.16 5.41 -8.94
C LYS A 107 -18.63 5.33 -9.04
N ASP A 108 -18.02 4.79 -8.00
CA ASP A 108 -16.56 4.67 -7.93
C ASP A 108 -16.15 3.21 -7.70
N ARG A 7 10.43 -11.37 17.28
CA ARG A 7 9.39 -10.53 16.62
C ARG A 7 8.20 -11.41 16.25
N GLU A 8 7.10 -10.79 15.82
CA GLU A 8 5.91 -11.53 15.46
C GLU A 8 5.05 -10.74 14.44
N PRO A 9 4.82 -11.24 13.24
CA PRO A 9 4.01 -10.55 12.22
C PRO A 9 2.62 -11.15 12.20
N SER A 10 1.85 -10.88 11.16
CA SER A 10 0.52 -11.44 11.07
C SER A 10 -0.06 -11.21 9.66
N PRO A 11 -1.22 -11.75 9.35
CA PRO A 11 -1.84 -11.59 8.00
C PRO A 11 -1.99 -10.12 7.57
N PRO A 12 -2.10 -9.86 6.29
CA PRO A 12 -2.25 -8.47 5.75
C PRO A 12 -3.13 -7.54 6.58
N SER A 13 -3.18 -6.28 6.14
CA SER A 13 -3.95 -5.25 6.83
C SER A 13 -4.09 -4.03 5.92
N ILE A 14 -4.57 -4.26 4.70
CA ILE A 14 -4.70 -3.19 3.72
C ILE A 14 -6.10 -3.17 3.13
N HIS A 15 -6.72 -2.01 3.16
CA HIS A 15 -8.05 -1.83 2.61
C HIS A 15 -7.98 -0.78 1.50
N GLY A 16 -8.29 -1.19 0.26
CA GLY A 16 -8.23 -0.25 -0.86
C GLY A 16 -9.59 0.32 -1.17
N GLN A 17 -9.59 1.60 -1.53
CA GLN A 17 -10.82 2.30 -1.88
C GLN A 17 -10.52 3.29 -3.01
N PRO A 18 -11.40 3.44 -3.97
CA PRO A 18 -11.17 4.38 -5.10
C PRO A 18 -11.38 5.83 -4.69
N SER A 19 -10.32 6.49 -4.25
CA SER A 19 -10.44 7.88 -3.86
C SER A 19 -10.59 8.73 -5.12
N SER A 20 -11.05 9.96 -4.95
CA SER A 20 -11.26 10.85 -6.09
C SER A 20 -10.16 10.69 -7.15
N GLY A 21 -10.58 10.32 -8.36
CA GLY A 21 -9.63 10.12 -9.47
C GLY A 21 -9.17 8.66 -9.53
N LYS A 22 -8.00 8.44 -10.13
CA LYS A 22 -7.45 7.09 -10.26
C LYS A 22 -6.80 6.67 -8.95
N SER A 23 -6.69 7.60 -8.03
CA SER A 23 -6.06 7.35 -6.74
C SER A 23 -6.79 6.26 -5.95
N PHE A 24 -6.01 5.35 -5.36
CA PHE A 24 -6.56 4.26 -4.54
C PHE A 24 -6.03 4.41 -3.11
N LYS A 25 -6.94 4.62 -2.15
CA LYS A 25 -6.53 4.77 -0.76
C LYS A 25 -6.36 3.41 -0.11
N LEU A 26 -5.12 3.06 0.21
CA LEU A 26 -4.84 1.80 0.87
C LEU A 26 -4.56 2.08 2.35
N SER A 27 -5.61 2.03 3.16
CA SER A 27 -5.47 2.31 4.59
C SER A 27 -4.61 1.25 5.28
N ILE A 28 -3.54 1.70 5.93
CA ILE A 28 -2.67 0.78 6.65
C ILE A 28 -3.24 0.56 8.05
N THR A 29 -3.71 -0.65 8.33
CA THR A 29 -4.28 -0.93 9.65
C THR A 29 -3.16 -1.23 10.64
N LYS A 30 -3.35 -0.79 11.87
CA LYS A 30 -2.36 -0.99 12.93
C LYS A 30 -2.26 -2.48 13.25
N GLN A 31 -1.17 -3.08 12.78
CA GLN A 31 -0.94 -4.51 12.96
C GLN A 31 -0.21 -4.80 14.27
N ASP A 32 -0.06 -6.08 14.55
CA ASP A 32 0.59 -6.54 15.77
C ASP A 32 2.06 -6.10 15.82
N ASP A 33 2.52 -5.46 14.75
CA ASP A 33 3.91 -5.01 14.68
C ASP A 33 4.86 -6.13 15.12
N GLY A 34 6.14 -5.81 15.25
CA GLY A 34 7.13 -6.82 15.64
C GLY A 34 7.38 -6.82 17.13
N GLY A 35 6.86 -5.82 17.84
CA GLY A 35 7.04 -5.73 19.29
C GLY A 35 7.55 -4.35 19.67
N ALA A 36 7.67 -3.48 18.66
CA ALA A 36 8.13 -2.11 18.87
C ALA A 36 7.29 -1.18 18.00
N PRO A 37 6.94 0.00 18.46
CA PRO A 37 6.10 0.94 17.66
C PRO A 37 6.82 1.37 16.39
N ILE A 38 6.06 1.51 15.31
CA ILE A 38 6.61 1.92 14.02
C ILE A 38 6.64 3.43 13.87
N LEU A 39 7.77 3.93 13.39
CA LEU A 39 7.96 5.37 13.20
C LEU A 39 7.54 5.77 11.79
N GLU A 40 7.92 4.95 10.80
CA GLU A 40 7.59 5.24 9.40
C GLU A 40 7.27 3.93 8.65
N TYR A 41 6.44 4.06 7.63
CA TYR A 41 6.06 2.92 6.78
C TYR A 41 6.71 3.06 5.41
N ILE A 42 7.43 2.03 5.00
CA ILE A 42 8.07 2.04 3.69
C ILE A 42 7.19 1.26 2.72
N VAL A 43 6.59 1.97 1.77
CA VAL A 43 5.71 1.33 0.80
C VAL A 43 6.39 1.30 -0.55
N LYS A 44 6.49 0.11 -1.14
CA LYS A 44 7.11 -0.03 -2.44
C LYS A 44 6.13 -0.74 -3.37
N TYR A 45 5.79 -0.09 -4.48
CA TYR A 45 4.83 -0.66 -5.44
C TYR A 45 5.42 -0.67 -6.85
N ARG A 46 4.90 -1.59 -7.67
CA ARG A 46 5.35 -1.72 -9.06
C ARG A 46 4.22 -2.16 -9.97
N SER A 47 4.46 -2.10 -11.28
CA SER A 47 3.46 -2.50 -12.26
C SER A 47 3.43 -4.03 -12.41
N LYS A 48 2.22 -4.57 -12.57
CA LYS A 48 2.05 -6.01 -12.73
C LYS A 48 2.67 -6.51 -14.03
N ASP A 49 2.65 -5.69 -15.07
CA ASP A 49 3.19 -6.11 -16.35
C ASP A 49 4.71 -6.19 -16.33
N LYS A 50 5.32 -5.74 -15.23
CA LYS A 50 6.77 -5.77 -15.10
C LYS A 50 7.18 -6.18 -13.69
N GLU A 51 8.49 -6.34 -13.49
CA GLU A 51 9.01 -6.77 -12.19
C GLU A 51 10.52 -6.52 -12.12
N ASP A 52 10.99 -5.54 -12.88
CA ASP A 52 12.42 -5.19 -12.89
C ASP A 52 12.67 -3.87 -12.16
N GLN A 53 11.59 -3.24 -11.69
CA GLN A 53 11.71 -1.96 -10.98
C GLN A 53 10.67 -1.84 -9.86
N TRP A 54 11.06 -1.19 -8.76
CA TRP A 54 10.17 -1.00 -7.61
C TRP A 54 10.24 0.45 -7.13
N LEU A 55 9.09 1.14 -7.20
CA LEU A 55 9.01 2.53 -6.76
C LEU A 55 8.90 2.58 -5.24
N GLU A 56 9.21 3.73 -4.64
CA GLU A 56 9.17 3.89 -3.17
C GLU A 56 8.16 4.94 -2.73
N LYS A 57 7.69 4.78 -1.48
CA LYS A 57 6.72 5.70 -0.90
C LYS A 57 6.78 5.58 0.63
N LYS A 58 7.16 6.67 1.31
CA LYS A 58 7.30 6.67 2.77
C LYS A 58 6.07 7.28 3.43
N VAL A 59 5.71 6.75 4.61
CA VAL A 59 4.56 7.26 5.36
C VAL A 59 4.89 7.35 6.84
N GLN A 60 4.24 8.27 7.52
CA GLN A 60 4.44 8.45 8.96
C GLN A 60 3.64 7.38 9.72
N GLY A 61 4.31 6.70 10.65
CA GLY A 61 3.68 5.62 11.42
C GLY A 61 2.40 6.05 12.13
N ASN A 62 1.97 7.29 11.91
CA ASN A 62 0.74 7.80 12.54
C ASN A 62 -0.33 8.02 11.47
N LYS A 63 0.10 8.15 10.22
CA LYS A 63 -0.82 8.39 9.11
C LYS A 63 -1.78 7.21 8.90
N ASP A 64 -1.23 6.00 8.82
CA ASP A 64 -2.04 4.82 8.61
C ASP A 64 -2.84 4.92 7.31
N HIS A 65 -2.21 5.46 6.25
CA HIS A 65 -2.89 5.61 4.96
C HIS A 65 -1.96 6.22 3.91
N ILE A 66 -2.23 5.91 2.64
CA ILE A 66 -1.46 6.47 1.53
C ILE A 66 -2.33 6.59 0.29
N ILE A 67 -2.08 7.63 -0.49
CA ILE A 67 -2.84 7.85 -1.72
C ILE A 67 -1.90 7.78 -2.92
N LEU A 68 -1.90 6.67 -3.64
CA LEU A 68 -1.05 6.56 -4.82
C LEU A 68 -1.82 7.18 -5.97
N GLU A 69 -1.42 8.41 -6.32
CA GLU A 69 -2.08 9.15 -7.37
C GLU A 69 -1.55 8.79 -8.75
N HIS A 70 -2.23 9.30 -9.77
CA HIS A 70 -1.84 9.05 -11.15
C HIS A 70 -1.67 7.56 -11.41
N LEU A 71 -2.77 6.82 -11.34
CA LEU A 71 -2.76 5.38 -11.62
C LEU A 71 -3.31 5.17 -13.01
N GLN A 72 -3.52 3.93 -13.42
CA GLN A 72 -4.06 3.65 -14.76
C GLN A 72 -5.20 2.65 -14.68
N TRP A 73 -6.31 3.01 -15.32
CA TRP A 73 -7.49 2.16 -15.31
C TRP A 73 -7.28 0.89 -16.14
N THR A 74 -6.15 0.79 -16.85
CA THR A 74 -5.87 -0.38 -17.68
C THR A 74 -4.56 -1.08 -17.31
N MET A 75 -3.99 -0.73 -16.15
CA MET A 75 -2.73 -1.35 -15.72
C MET A 75 -2.73 -1.58 -14.21
N GLY A 76 -2.49 -2.82 -13.81
CA GLY A 76 -2.47 -3.16 -12.39
C GLY A 76 -1.09 -2.93 -11.80
N TYR A 77 -1.04 -2.86 -10.48
CA TYR A 77 0.22 -2.64 -9.77
C TYR A 77 0.16 -3.27 -8.38
N GLU A 78 1.28 -3.84 -7.92
CA GLU A 78 1.32 -4.45 -6.59
C GLU A 78 1.83 -3.45 -5.56
N VAL A 79 1.44 -3.62 -4.32
CA VAL A 79 1.85 -2.73 -3.23
C VAL A 79 2.50 -3.54 -2.12
N GLN A 80 3.65 -3.10 -1.65
CA GLN A 80 4.36 -3.80 -0.58
C GLN A 80 4.59 -2.88 0.61
N ILE A 81 3.79 -3.08 1.63
CA ILE A 81 3.87 -2.29 2.86
C ILE A 81 4.88 -2.91 3.80
N THR A 82 5.79 -2.08 4.32
CA THR A 82 6.79 -2.55 5.27
C THR A 82 6.86 -1.56 6.41
N ALA A 83 6.53 -2.02 7.61
CA ALA A 83 6.53 -1.15 8.78
C ALA A 83 7.92 -1.16 9.41
N ALA A 84 8.49 0.02 9.62
CA ALA A 84 9.83 0.12 10.19
C ALA A 84 9.82 0.60 11.63
N ASN A 85 10.10 -0.34 12.55
CA ASN A 85 10.19 0.00 13.97
C ASN A 85 11.66 -0.13 14.39
N ARG A 86 11.91 -0.09 15.69
CA ARG A 86 13.28 -0.22 16.17
C ARG A 86 13.96 -1.40 15.50
N LEU A 87 13.18 -2.41 15.12
CA LEU A 87 13.73 -3.58 14.45
C LEU A 87 14.32 -3.14 13.10
N GLY A 88 13.57 -2.27 12.42
CA GLY A 88 13.98 -1.75 11.11
C GLY A 88 12.89 -2.03 10.09
N TYR A 89 12.43 -3.27 10.08
CA TYR A 89 11.36 -3.68 9.17
C TYR A 89 10.67 -4.91 9.74
N SER A 90 9.35 -4.92 9.76
CA SER A 90 8.64 -6.06 10.29
C SER A 90 7.16 -5.98 9.97
N GLU A 91 6.46 -7.09 10.10
CA GLU A 91 5.03 -7.10 9.84
C GLU A 91 4.73 -6.50 8.47
N PRO A 92 5.38 -6.99 7.44
CA PRO A 92 5.20 -6.51 6.03
C PRO A 92 3.88 -7.00 5.43
N THR A 93 3.36 -6.28 4.43
CA THR A 93 2.12 -6.69 3.75
C THR A 93 2.25 -6.52 2.26
N VAL A 94 2.16 -7.64 1.56
CA VAL A 94 2.21 -7.64 0.11
C VAL A 94 0.79 -7.67 -0.43
N TYR A 95 0.28 -6.49 -0.79
CA TYR A 95 -1.08 -6.37 -1.31
C TYR A 95 -1.03 -6.21 -2.83
N GLU A 96 -1.90 -6.93 -3.54
CA GLU A 96 -1.93 -6.86 -5.00
C GLU A 96 -3.37 -6.78 -5.51
N PHE A 97 -3.59 -5.87 -6.46
CA PHE A 97 -4.92 -5.69 -7.04
C PHE A 97 -4.83 -4.78 -8.27
N SER A 98 -5.48 -5.21 -9.34
CA SER A 98 -5.46 -4.45 -10.59
C SER A 98 -6.44 -3.28 -10.54
N MET A 99 -6.33 -2.40 -11.53
CA MET A 99 -7.18 -1.21 -11.61
C MET A 99 -8.38 -1.48 -12.53
N PRO A 100 -9.58 -1.04 -12.17
CA PRO A 100 -10.80 -1.24 -13.01
C PRO A 100 -10.80 -0.31 -14.22
N PRO A 101 -11.64 -0.56 -15.20
CA PRO A 101 -11.73 0.30 -16.41
C PRO A 101 -12.23 1.70 -16.07
N LYS A 102 -11.80 2.69 -16.87
CA LYS A 102 -12.20 4.08 -16.64
C LYS A 102 -13.68 4.19 -16.26
N PRO A 103 -14.01 4.95 -15.23
CA PRO A 103 -15.43 5.15 -14.81
C PRO A 103 -16.18 6.06 -15.77
N ASN A 104 -17.51 5.97 -15.76
CA ASN A 104 -18.32 6.80 -16.63
C ASN A 104 -18.47 8.19 -16.02
N ILE A 105 -19.72 8.65 -15.87
CA ILE A 105 -20.00 9.97 -15.30
C ILE A 105 -20.62 9.84 -13.91
N ILE A 106 -20.86 8.62 -13.48
CA ILE A 106 -21.46 8.39 -12.17
C ILE A 106 -20.52 8.86 -11.05
N LYS A 107 -19.70 7.98 -10.50
CA LYS A 107 -18.78 8.38 -9.44
C LYS A 107 -17.78 7.26 -9.13
N ASP A 108 -16.61 7.66 -8.67
CA ASP A 108 -15.56 6.70 -8.31
C ASP A 108 -14.45 7.39 -7.53
N ARG A 7 9.39 -11.83 16.95
CA ARG A 7 8.52 -11.07 16.01
C ARG A 7 7.05 -11.40 16.30
N GLU A 8 6.20 -10.37 16.25
CA GLU A 8 4.76 -10.54 16.51
C GLU A 8 3.96 -9.82 15.42
N PRO A 9 3.77 -10.45 14.28
CA PRO A 9 3.03 -9.89 13.14
C PRO A 9 1.64 -10.51 13.01
N SER A 10 1.03 -10.33 11.85
CA SER A 10 -0.31 -10.88 11.61
C SER A 10 -0.72 -10.69 10.15
N PRO A 11 -1.71 -11.41 9.68
CA PRO A 11 -2.19 -11.31 8.27
C PRO A 11 -2.17 -9.87 7.74
N PRO A 12 -2.20 -9.68 6.44
CA PRO A 12 -2.21 -8.32 5.82
C PRO A 12 -3.03 -7.29 6.61
N SER A 13 -2.82 -6.02 6.26
CA SER A 13 -3.48 -4.91 6.91
C SER A 13 -3.67 -3.77 5.92
N ILE A 14 -4.19 -4.10 4.74
CA ILE A 14 -4.37 -3.11 3.70
C ILE A 14 -5.76 -3.16 3.10
N HIS A 15 -6.36 -1.98 3.00
CA HIS A 15 -7.68 -1.81 2.40
C HIS A 15 -7.48 -1.11 1.06
N GLY A 16 -8.56 -0.73 0.41
CA GLY A 16 -8.42 -0.05 -0.87
C GLY A 16 -9.77 0.39 -1.41
N GLN A 17 -9.92 1.71 -1.56
CA GLN A 17 -11.14 2.29 -2.07
C GLN A 17 -10.79 3.37 -3.10
N PRO A 18 -11.56 3.53 -4.15
CA PRO A 18 -11.26 4.57 -5.17
C PRO A 18 -11.63 5.96 -4.68
N SER A 19 -10.70 6.60 -3.96
CA SER A 19 -10.96 7.93 -3.42
C SER A 19 -11.43 8.86 -4.55
N SER A 20 -10.48 9.35 -5.34
CA SER A 20 -10.80 10.24 -6.45
C SER A 20 -9.89 9.93 -7.63
N GLY A 21 -10.48 9.90 -8.83
CA GLY A 21 -9.71 9.61 -10.03
C GLY A 21 -9.18 8.19 -10.03
N LYS A 22 -7.91 8.02 -10.39
CA LYS A 22 -7.28 6.71 -10.43
C LYS A 22 -6.58 6.40 -9.11
N SER A 23 -6.61 7.35 -8.18
CA SER A 23 -5.97 7.16 -6.89
C SER A 23 -6.69 6.09 -6.07
N PHE A 24 -5.96 5.43 -5.17
CA PHE A 24 -6.54 4.40 -4.31
C PHE A 24 -6.08 4.60 -2.88
N LYS A 25 -7.03 4.74 -1.96
CA LYS A 25 -6.71 4.93 -0.56
C LYS A 25 -6.47 3.58 0.11
N LEU A 26 -5.21 3.19 0.25
CA LEU A 26 -4.88 1.91 0.89
C LEU A 26 -4.55 2.18 2.35
N SER A 27 -5.58 2.08 3.19
CA SER A 27 -5.41 2.33 4.61
C SER A 27 -4.54 1.27 5.27
N ILE A 28 -3.52 1.72 5.99
CA ILE A 28 -2.65 0.79 6.70
C ILE A 28 -3.29 0.54 8.06
N THR A 29 -3.77 -0.67 8.31
CA THR A 29 -4.42 -0.95 9.60
C THR A 29 -3.38 -1.28 10.65
N LYS A 30 -3.45 -0.62 11.80
CA LYS A 30 -2.47 -0.88 12.85
C LYS A 30 -2.42 -2.37 13.11
N GLN A 31 -1.38 -3.02 12.60
CA GLN A 31 -1.19 -4.46 12.78
C GLN A 31 -0.16 -4.68 13.88
N ASP A 32 -0.29 -5.76 14.62
CA ASP A 32 0.64 -6.04 15.70
C ASP A 32 2.07 -5.94 15.17
N ASP A 33 2.71 -4.82 15.48
CA ASP A 33 4.08 -4.58 15.03
C ASP A 33 4.97 -5.72 15.53
N GLY A 34 5.93 -6.14 14.69
CA GLY A 34 6.84 -7.22 15.05
C GLY A 34 7.13 -7.26 16.55
N GLY A 35 7.08 -6.10 17.20
CA GLY A 35 7.33 -6.05 18.64
C GLY A 35 7.70 -4.64 19.13
N ALA A 36 7.47 -3.62 18.30
CA ALA A 36 7.81 -2.26 18.73
C ALA A 36 7.03 -1.23 17.91
N PRO A 37 6.82 -0.04 18.45
CA PRO A 37 6.09 1.04 17.72
C PRO A 37 6.86 1.46 16.46
N ILE A 38 6.12 1.68 15.37
CA ILE A 38 6.71 2.06 14.10
C ILE A 38 6.90 3.56 13.99
N LEU A 39 8.08 3.94 13.49
CA LEU A 39 8.39 5.35 13.30
C LEU A 39 7.87 5.79 11.93
N GLU A 40 8.08 4.95 10.91
CA GLU A 40 7.64 5.26 9.54
C GLU A 40 7.22 4.00 8.79
N TYR A 41 6.46 4.20 7.70
CA TYR A 41 6.02 3.09 6.85
C TYR A 41 6.68 3.20 5.48
N ILE A 42 7.40 2.17 5.09
CA ILE A 42 8.05 2.15 3.79
C ILE A 42 7.20 1.32 2.85
N VAL A 43 6.62 2.01 1.88
CA VAL A 43 5.74 1.39 0.91
C VAL A 43 6.37 1.39 -0.47
N LYS A 44 6.44 0.20 -1.08
CA LYS A 44 7.01 0.08 -2.42
C LYS A 44 6.00 -0.59 -3.33
N TYR A 45 5.90 -0.11 -4.57
CA TYR A 45 4.92 -0.67 -5.51
C TYR A 45 5.46 -0.65 -6.93
N ARG A 46 4.92 -1.51 -7.79
CA ARG A 46 5.35 -1.58 -9.19
C ARG A 46 4.20 -1.99 -10.11
N SER A 47 4.51 -2.15 -11.39
CA SER A 47 3.49 -2.54 -12.39
C SER A 47 3.42 -4.05 -12.58
N LYS A 48 2.19 -4.57 -12.68
CA LYS A 48 1.99 -5.99 -12.90
C LYS A 48 2.49 -6.42 -14.27
N ASP A 49 2.34 -5.51 -15.23
CA ASP A 49 2.75 -5.79 -16.60
C ASP A 49 4.24 -6.08 -16.66
N LYS A 50 5.01 -5.42 -15.80
CA LYS A 50 6.46 -5.58 -15.78
C LYS A 50 6.92 -5.94 -14.37
N GLU A 51 8.24 -5.95 -14.19
CA GLU A 51 8.82 -6.26 -12.89
C GLU A 51 10.33 -6.05 -12.95
N ASP A 52 10.73 -4.80 -13.17
CA ASP A 52 12.16 -4.46 -13.25
C ASP A 52 12.46 -3.26 -12.37
N GLN A 53 11.41 -2.64 -11.83
CA GLN A 53 11.57 -1.47 -10.98
C GLN A 53 10.58 -1.51 -9.81
N TRP A 54 10.93 -0.82 -8.72
CA TRP A 54 10.08 -0.76 -7.54
C TRP A 54 10.07 0.68 -6.99
N LEU A 55 8.95 1.35 -7.17
CA LEU A 55 8.79 2.73 -6.70
C LEU A 55 8.74 2.77 -5.18
N GLU A 56 9.03 3.94 -4.59
CA GLU A 56 9.03 4.08 -3.12
C GLU A 56 7.98 5.10 -2.65
N LYS A 57 7.41 4.82 -1.47
CA LYS A 57 6.41 5.71 -0.87
C LYS A 57 6.58 5.64 0.65
N LYS A 58 7.01 6.75 1.26
CA LYS A 58 7.25 6.81 2.71
C LYS A 58 6.09 7.46 3.45
N VAL A 59 5.78 6.94 4.65
CA VAL A 59 4.70 7.50 5.47
C VAL A 59 5.13 7.56 6.93
N GLN A 60 4.43 8.38 7.70
CA GLN A 60 4.71 8.55 9.13
C GLN A 60 4.25 7.32 9.91
N GLY A 61 4.91 7.03 11.02
CA GLY A 61 4.55 5.88 11.85
C GLY A 61 3.18 6.05 12.48
N ASN A 62 2.40 7.03 12.00
CA ASN A 62 1.06 7.27 12.54
C ASN A 62 0.10 7.74 11.45
N LYS A 63 0.56 7.81 10.21
CA LYS A 63 -0.31 8.24 9.12
C LYS A 63 -1.46 7.25 8.96
N ASP A 64 -1.11 5.98 8.92
CA ASP A 64 -2.09 4.91 8.80
C ASP A 64 -2.90 5.03 7.50
N HIS A 65 -2.29 5.58 6.44
CA HIS A 65 -3.00 5.73 5.16
C HIS A 65 -2.10 6.39 4.11
N ILE A 66 -2.34 6.08 2.84
CA ILE A 66 -1.58 6.65 1.73
C ILE A 66 -2.43 6.75 0.47
N ILE A 67 -2.17 7.77 -0.33
CA ILE A 67 -2.90 7.98 -1.59
C ILE A 67 -1.92 7.91 -2.77
N LEU A 68 -2.00 6.83 -3.55
CA LEU A 68 -1.12 6.67 -4.70
C LEU A 68 -1.82 7.19 -5.96
N GLU A 69 -1.39 8.34 -6.44
CA GLU A 69 -2.00 8.95 -7.62
C GLU A 69 -1.39 8.41 -8.91
N HIS A 70 -2.21 8.34 -9.95
CA HIS A 70 -1.78 7.86 -11.28
C HIS A 70 -1.52 6.36 -11.25
N LEU A 71 -2.61 5.58 -11.29
CA LEU A 71 -2.51 4.12 -11.27
C LEU A 71 -3.01 3.50 -12.57
N GLN A 72 -3.52 4.34 -13.47
CA GLN A 72 -4.01 3.90 -14.79
C GLN A 72 -4.99 2.72 -14.69
N TRP A 73 -6.19 2.95 -15.23
CA TRP A 73 -7.26 1.95 -15.22
C TRP A 73 -6.92 0.67 -15.97
N THR A 74 -6.01 0.74 -16.95
CA THR A 74 -5.65 -0.43 -17.76
C THR A 74 -4.32 -1.01 -17.34
N MET A 75 -3.90 -0.75 -16.11
CA MET A 75 -2.63 -1.26 -15.62
C MET A 75 -2.69 -1.56 -14.13
N GLY A 76 -2.49 -2.82 -13.77
CA GLY A 76 -2.49 -3.20 -12.37
C GLY A 76 -1.16 -2.88 -11.73
N TYR A 77 -1.12 -2.84 -10.41
CA TYR A 77 0.11 -2.52 -9.71
C TYR A 77 0.10 -3.10 -8.29
N GLU A 78 1.20 -3.77 -7.92
CA GLU A 78 1.31 -4.40 -6.60
C GLU A 78 1.84 -3.41 -5.56
N VAL A 79 1.47 -3.61 -4.31
CA VAL A 79 1.93 -2.74 -3.21
C VAL A 79 2.55 -3.57 -2.09
N GLN A 80 3.69 -3.12 -1.60
CA GLN A 80 4.38 -3.80 -0.51
C GLN A 80 4.62 -2.83 0.64
N ILE A 81 3.85 -3.03 1.70
CA ILE A 81 3.93 -2.18 2.89
C ILE A 81 4.90 -2.77 3.89
N THR A 82 5.80 -1.93 4.42
CA THR A 82 6.76 -2.39 5.42
C THR A 82 6.80 -1.38 6.56
N ALA A 83 6.50 -1.84 7.77
CA ALA A 83 6.49 -0.96 8.93
C ALA A 83 7.84 -1.02 9.63
N ALA A 84 8.48 0.14 9.81
CA ALA A 84 9.81 0.19 10.44
C ALA A 84 9.77 0.58 11.90
N ASN A 85 10.04 -0.39 12.77
CA ASN A 85 10.08 -0.16 14.21
C ASN A 85 11.49 -0.41 14.73
N ARG A 86 11.64 -0.55 16.04
CA ARG A 86 12.96 -0.81 16.61
C ARG A 86 13.60 -2.02 15.91
N LEU A 87 12.77 -2.94 15.46
CA LEU A 87 13.26 -4.12 14.74
C LEU A 87 13.96 -3.66 13.47
N GLY A 88 13.36 -2.65 12.83
CA GLY A 88 13.87 -2.08 11.60
C GLY A 88 12.82 -2.21 10.50
N TYR A 89 12.27 -3.40 10.40
CA TYR A 89 11.23 -3.68 9.42
C TYR A 89 10.40 -4.87 9.89
N SER A 90 9.09 -4.65 10.02
CA SER A 90 8.21 -5.73 10.44
C SER A 90 7.76 -6.49 9.22
N GLU A 91 7.24 -7.69 9.45
CA GLU A 91 6.75 -8.50 8.35
C GLU A 91 5.94 -7.61 7.40
N PRO A 92 6.40 -7.34 6.19
CA PRO A 92 5.67 -6.43 5.26
C PRO A 92 4.39 -7.05 4.72
N THR A 93 3.49 -6.19 4.23
CA THR A 93 2.25 -6.65 3.64
C THR A 93 2.30 -6.47 2.15
N VAL A 94 2.23 -7.59 1.47
CA VAL A 94 2.25 -7.61 0.02
C VAL A 94 0.80 -7.63 -0.48
N TYR A 95 0.29 -6.46 -0.80
CA TYR A 95 -1.09 -6.33 -1.27
C TYR A 95 -1.09 -6.19 -2.79
N GLU A 96 -1.77 -7.12 -3.48
CA GLU A 96 -1.82 -7.10 -4.94
C GLU A 96 -3.26 -7.01 -5.45
N PHE A 97 -3.49 -6.07 -6.36
CA PHE A 97 -4.81 -5.87 -6.93
C PHE A 97 -4.72 -5.01 -8.19
N SER A 98 -5.30 -5.49 -9.28
CA SER A 98 -5.27 -4.76 -10.54
C SER A 98 -6.35 -3.67 -10.53
N MET A 99 -6.27 -2.76 -11.51
CA MET A 99 -7.23 -1.67 -11.59
C MET A 99 -8.40 -2.00 -12.52
N PRO A 100 -9.58 -1.48 -12.23
CA PRO A 100 -10.78 -1.69 -13.09
C PRO A 100 -10.71 -0.79 -14.33
N PRO A 101 -11.47 -1.08 -15.35
CA PRO A 101 -11.47 -0.27 -16.60
C PRO A 101 -11.99 1.15 -16.34
N LYS A 102 -11.55 2.10 -17.18
CA LYS A 102 -11.96 3.51 -17.05
C LYS A 102 -13.43 3.60 -16.56
N PRO A 103 -13.71 4.41 -15.56
CA PRO A 103 -15.11 4.56 -15.06
C PRO A 103 -16.03 5.24 -16.06
N ASN A 104 -17.27 4.75 -16.12
CA ASN A 104 -18.28 5.31 -17.02
C ASN A 104 -19.49 5.71 -16.19
N ILE A 105 -19.76 4.89 -15.16
CA ILE A 105 -20.86 5.12 -14.24
C ILE A 105 -20.37 5.04 -12.80
N ILE A 106 -19.03 5.16 -12.66
CA ILE A 106 -18.33 5.12 -11.38
C ILE A 106 -19.23 4.67 -10.22
N LYS A 107 -18.88 3.51 -9.66
CA LYS A 107 -19.63 2.94 -8.53
C LYS A 107 -18.65 2.55 -7.43
N ASP A 108 -17.64 1.75 -7.79
CA ASP A 108 -16.62 1.31 -6.84
C ASP A 108 -15.60 0.44 -7.55
N ARG A 7 10.07 -12.44 16.41
CA ARG A 7 9.22 -11.60 15.49
C ARG A 7 7.81 -12.17 15.45
N GLU A 8 6.83 -11.31 15.74
CA GLU A 8 5.42 -11.70 15.74
C GLU A 8 4.63 -10.88 14.73
N PRO A 9 4.53 -11.31 13.50
CA PRO A 9 3.79 -10.59 12.45
C PRO A 9 2.41 -11.21 12.25
N SER A 10 1.76 -10.88 11.15
CA SER A 10 0.45 -11.44 10.89
C SER A 10 0.01 -11.14 9.44
N PRO A 11 -0.94 -11.88 8.93
CA PRO A 11 -1.45 -11.70 7.53
C PRO A 11 -1.68 -10.22 7.18
N PRO A 12 -1.94 -9.93 5.93
CA PRO A 12 -2.17 -8.53 5.43
C PRO A 12 -2.94 -7.60 6.36
N SER A 13 -3.08 -6.35 5.91
CA SER A 13 -3.78 -5.33 6.67
C SER A 13 -3.96 -4.06 5.81
N ILE A 14 -4.24 -4.28 4.52
CA ILE A 14 -4.43 -3.18 3.57
C ILE A 14 -5.77 -3.30 2.87
N HIS A 15 -6.44 -2.17 2.76
CA HIS A 15 -7.72 -2.07 2.08
C HIS A 15 -7.55 -1.16 0.88
N GLY A 16 -8.64 -0.82 0.21
CA GLY A 16 -8.53 0.07 -0.95
C GLY A 16 -9.89 0.60 -1.37
N GLN A 17 -9.90 1.86 -1.79
CA GLN A 17 -11.14 2.51 -2.22
C GLN A 17 -10.80 3.58 -3.28
N PRO A 18 -11.25 3.44 -4.51
CA PRO A 18 -10.94 4.42 -5.58
C PRO A 18 -11.14 5.87 -5.12
N SER A 19 -10.04 6.57 -4.85
CA SER A 19 -10.12 7.96 -4.44
C SER A 19 -10.31 8.84 -5.68
N SER A 20 -10.57 10.12 -5.48
CA SER A 20 -10.76 11.02 -6.62
C SER A 20 -9.77 10.70 -7.74
N GLY A 21 -10.29 10.12 -8.83
CA GLY A 21 -9.45 9.75 -9.96
C GLY A 21 -8.96 8.32 -9.85
N LYS A 22 -7.87 8.01 -10.55
CA LYS A 22 -7.30 6.67 -10.56
C LYS A 22 -6.56 6.40 -9.26
N SER A 23 -6.33 7.44 -8.47
CA SER A 23 -5.62 7.28 -7.22
C SER A 23 -6.41 6.36 -6.29
N PHE A 24 -5.70 5.49 -5.58
CA PHE A 24 -6.34 4.54 -4.65
C PHE A 24 -5.95 4.86 -3.21
N LYS A 25 -6.92 4.79 -2.31
CA LYS A 25 -6.68 5.05 -0.90
C LYS A 25 -6.52 3.72 -0.18
N LEU A 26 -5.28 3.31 0.06
CA LEU A 26 -5.01 2.04 0.73
C LEU A 26 -4.75 2.29 2.20
N SER A 27 -5.75 2.01 3.03
CA SER A 27 -5.63 2.22 4.47
C SER A 27 -4.65 1.21 5.08
N ILE A 28 -3.65 1.72 5.80
CA ILE A 28 -2.69 0.83 6.45
C ILE A 28 -3.20 0.56 7.86
N THR A 29 -3.65 -0.66 8.11
CA THR A 29 -4.15 -1.00 9.44
C THR A 29 -3.00 -1.28 10.38
N LYS A 30 -3.09 -0.73 11.59
CA LYS A 30 -2.05 -0.93 12.58
C LYS A 30 -1.91 -2.41 12.90
N GLN A 31 -0.86 -3.02 12.38
CA GLN A 31 -0.62 -4.44 12.60
C GLN A 31 0.23 -4.62 13.87
N ASP A 32 -0.12 -5.59 14.69
CA ASP A 32 0.65 -5.83 15.90
C ASP A 32 2.11 -6.03 15.52
N ASP A 33 2.87 -4.93 15.55
CA ASP A 33 4.28 -5.00 15.18
C ASP A 33 4.96 -6.22 15.79
N GLY A 34 6.20 -6.45 15.37
CA GLY A 34 6.95 -7.59 15.88
C GLY A 34 7.13 -7.50 17.39
N GLY A 35 7.23 -6.27 17.90
CA GLY A 35 7.41 -6.08 19.34
C GLY A 35 7.90 -4.67 19.69
N ALA A 36 7.85 -3.74 18.73
CA ALA A 36 8.30 -2.37 18.98
C ALA A 36 7.47 -1.40 18.13
N PRO A 37 7.30 -0.17 18.59
CA PRO A 37 6.50 0.84 17.84
C PRO A 37 7.18 1.22 16.52
N ILE A 38 6.37 1.47 15.50
CA ILE A 38 6.88 1.84 14.18
C ILE A 38 6.93 3.36 14.01
N LEU A 39 8.06 3.85 13.51
CA LEU A 39 8.24 5.28 13.30
C LEU A 39 7.91 5.67 11.86
N GLU A 40 7.80 4.70 10.96
CA GLU A 40 7.50 5.01 9.57
C GLU A 40 7.12 3.76 8.76
N TYR A 41 6.36 3.98 7.69
CA TYR A 41 5.94 2.91 6.80
C TYR A 41 6.60 3.07 5.44
N ILE A 42 7.47 2.14 5.10
CA ILE A 42 8.13 2.16 3.81
C ILE A 42 7.26 1.36 2.86
N VAL A 43 6.58 2.07 1.97
CA VAL A 43 5.67 1.45 1.03
C VAL A 43 6.24 1.50 -0.38
N LYS A 44 6.26 0.35 -1.05
CA LYS A 44 6.80 0.26 -2.40
C LYS A 44 5.73 -0.31 -3.33
N TYR A 45 5.67 0.19 -4.57
CA TYR A 45 4.68 -0.29 -5.53
C TYR A 45 5.26 -0.33 -6.94
N ARG A 46 4.65 -1.14 -7.79
CA ARG A 46 5.11 -1.28 -9.17
C ARG A 46 3.94 -1.64 -10.09
N SER A 47 4.25 -1.93 -11.36
CA SER A 47 3.21 -2.31 -12.32
C SER A 47 3.13 -3.83 -12.42
N LYS A 48 1.91 -4.36 -12.51
CA LYS A 48 1.74 -5.82 -12.59
C LYS A 48 2.35 -6.38 -13.88
N ASP A 49 2.59 -5.53 -14.88
CA ASP A 49 3.16 -5.99 -16.15
C ASP A 49 4.68 -5.87 -16.18
N LYS A 50 5.23 -4.91 -15.40
CA LYS A 50 6.68 -4.71 -15.36
C LYS A 50 7.23 -4.95 -13.97
N GLU A 51 8.15 -5.91 -13.90
CA GLU A 51 8.78 -6.28 -12.63
C GLU A 51 10.30 -6.20 -12.74
N ASP A 52 10.80 -4.97 -12.97
CA ASP A 52 12.25 -4.75 -13.10
C ASP A 52 12.70 -3.74 -12.05
N GLN A 53 11.73 -3.04 -11.46
CA GLN A 53 12.04 -2.03 -10.44
C GLN A 53 10.80 -1.75 -9.59
N TRP A 54 11.02 -1.16 -8.41
CA TRP A 54 9.92 -0.83 -7.51
C TRP A 54 9.99 0.64 -7.07
N LEU A 55 8.84 1.30 -7.07
CA LEU A 55 8.77 2.69 -6.65
C LEU A 55 8.74 2.74 -5.12
N GLU A 56 9.08 3.89 -4.53
CA GLU A 56 9.11 4.02 -3.07
C GLU A 56 8.11 5.07 -2.58
N LYS A 57 7.54 4.84 -1.40
CA LYS A 57 6.58 5.76 -0.81
C LYS A 57 6.77 5.69 0.72
N LYS A 58 7.30 6.77 1.29
CA LYS A 58 7.55 6.83 2.74
C LYS A 58 6.39 7.50 3.45
N VAL A 59 5.81 6.84 4.46
CA VAL A 59 4.68 7.41 5.19
C VAL A 59 4.89 7.29 6.70
N GLN A 60 4.26 8.17 7.44
CA GLN A 60 4.35 8.17 8.90
C GLN A 60 3.65 6.93 9.45
N GLY A 61 4.16 6.41 10.55
CA GLY A 61 3.58 5.20 11.14
C GLY A 61 2.25 5.48 11.86
N ASN A 62 1.81 6.73 11.84
CA ASN A 62 0.55 7.12 12.50
C ASN A 62 -0.50 7.55 11.49
N LYS A 63 -0.07 7.80 10.26
CA LYS A 63 -1.00 8.23 9.21
C LYS A 63 -2.06 7.15 8.94
N ASP A 64 -1.60 5.91 8.84
CA ASP A 64 -2.51 4.79 8.60
C ASP A 64 -3.30 4.96 7.30
N HIS A 65 -2.68 5.53 6.26
CA HIS A 65 -3.38 5.73 4.98
C HIS A 65 -2.44 6.42 3.99
N ILE A 66 -2.52 6.00 2.71
CA ILE A 66 -1.67 6.59 1.67
C ILE A 66 -2.39 6.70 0.34
N ILE A 67 -2.21 7.85 -0.31
CA ILE A 67 -2.83 8.12 -1.60
C ILE A 67 -1.79 8.08 -2.71
N LEU A 68 -1.93 7.14 -3.63
CA LEU A 68 -1.01 6.99 -4.76
C LEU A 68 -1.73 7.47 -6.03
N GLU A 69 -1.00 8.10 -6.93
CA GLU A 69 -1.58 8.63 -8.17
C GLU A 69 -1.17 7.81 -9.39
N HIS A 70 -1.82 8.09 -10.51
CA HIS A 70 -1.57 7.41 -11.79
C HIS A 70 -1.53 5.89 -11.65
N LEU A 71 -2.69 5.30 -11.37
CA LEU A 71 -2.79 3.84 -11.22
C LEU A 71 -3.25 3.20 -12.54
N GLN A 72 -3.71 4.04 -13.48
CA GLN A 72 -4.17 3.59 -14.81
C GLN A 72 -5.20 2.45 -14.69
N TRP A 73 -6.37 2.71 -15.26
CA TRP A 73 -7.48 1.76 -15.24
C TRP A 73 -7.17 0.45 -15.95
N THR A 74 -6.34 0.50 -16.99
CA THR A 74 -6.01 -0.71 -17.76
C THR A 74 -4.69 -1.31 -17.31
N MET A 75 -4.28 -1.01 -16.08
CA MET A 75 -3.02 -1.53 -15.56
C MET A 75 -3.08 -1.64 -14.04
N GLY A 76 -2.77 -2.83 -13.53
CA GLY A 76 -2.77 -3.06 -12.10
C GLY A 76 -1.45 -2.65 -11.48
N TYR A 77 -1.47 -2.42 -10.17
CA TYR A 77 -0.28 -2.04 -9.42
C TYR A 77 -0.21 -2.82 -8.11
N GLU A 78 0.96 -3.37 -7.81
CA GLU A 78 1.13 -4.12 -6.56
C GLU A 78 1.68 -3.16 -5.50
N VAL A 79 1.39 -3.44 -4.23
CA VAL A 79 1.86 -2.58 -3.14
C VAL A 79 2.46 -3.41 -2.01
N GLN A 80 3.61 -2.97 -1.51
CA GLN A 80 4.30 -3.66 -0.43
C GLN A 80 4.58 -2.68 0.72
N ILE A 81 3.86 -2.89 1.81
CA ILE A 81 4.00 -2.05 3.00
C ILE A 81 5.00 -2.69 3.95
N THR A 82 5.88 -1.87 4.48
CA THR A 82 6.87 -2.36 5.44
C THR A 82 6.95 -1.40 6.62
N ALA A 83 6.68 -1.92 7.79
CA ALA A 83 6.70 -1.13 9.01
C ALA A 83 8.09 -1.16 9.63
N ALA A 84 8.69 0.01 9.82
CA ALA A 84 10.05 0.08 10.39
C ALA A 84 10.03 0.46 11.85
N ASN A 85 10.33 -0.53 12.71
CA ASN A 85 10.39 -0.31 14.14
C ASN A 85 11.84 -0.42 14.58
N ARG A 86 12.06 -0.41 15.89
CA ARG A 86 13.41 -0.50 16.41
C ARG A 86 14.13 -1.67 15.76
N LEU A 87 13.36 -2.68 15.34
CA LEU A 87 13.93 -3.85 14.67
C LEU A 87 14.53 -3.43 13.33
N GLY A 88 13.80 -2.56 12.64
CA GLY A 88 14.22 -2.05 11.32
C GLY A 88 13.09 -2.25 10.32
N TYR A 89 12.56 -3.47 10.27
CA TYR A 89 11.46 -3.80 9.38
C TYR A 89 10.72 -5.00 9.96
N SER A 90 9.39 -4.95 10.00
CA SER A 90 8.64 -6.06 10.57
C SER A 90 7.18 -6.03 10.14
N GLU A 91 6.55 -7.19 10.20
CA GLU A 91 5.14 -7.31 9.86
C GLU A 91 4.82 -6.54 8.58
N PRO A 92 5.43 -6.92 7.48
CA PRO A 92 5.20 -6.26 6.16
C PRO A 92 3.84 -6.67 5.59
N THR A 93 3.28 -5.82 4.73
CA THR A 93 1.98 -6.11 4.11
C THR A 93 2.11 -6.12 2.60
N VAL A 94 2.02 -7.29 2.00
CA VAL A 94 2.09 -7.41 0.56
C VAL A 94 0.68 -7.42 0.00
N TYR A 95 0.23 -6.24 -0.46
CA TYR A 95 -1.13 -6.10 -1.00
C TYR A 95 -1.08 -6.03 -2.53
N GLU A 96 -2.05 -6.67 -3.18
CA GLU A 96 -2.12 -6.69 -4.65
C GLU A 96 -3.56 -6.47 -5.11
N PHE A 97 -3.73 -5.59 -6.11
CA PHE A 97 -5.06 -5.32 -6.63
C PHE A 97 -4.99 -4.58 -7.97
N SER A 98 -5.66 -5.14 -8.98
CA SER A 98 -5.69 -4.51 -10.29
C SER A 98 -6.77 -3.45 -10.31
N MET A 99 -6.81 -2.65 -11.38
CA MET A 99 -7.79 -1.58 -11.49
C MET A 99 -9.00 -1.97 -12.35
N PRO A 100 -10.15 -1.37 -12.10
CA PRO A 100 -11.37 -1.58 -12.93
C PRO A 100 -11.26 -0.74 -14.21
N PRO A 101 -12.03 -1.01 -15.21
CA PRO A 101 -12.00 -0.23 -16.48
C PRO A 101 -12.46 1.21 -16.26
N LYS A 102 -11.96 2.12 -17.10
CA LYS A 102 -12.32 3.53 -16.98
C LYS A 102 -13.81 3.71 -16.66
N PRO A 103 -14.17 4.55 -15.72
CA PRO A 103 -15.60 4.78 -15.36
C PRO A 103 -16.34 5.57 -16.45
N ASN A 104 -17.63 5.31 -16.59
CA ASN A 104 -18.45 6.03 -17.59
C ASN A 104 -19.14 7.22 -16.93
N ILE A 105 -20.27 6.98 -16.29
CA ILE A 105 -21.03 8.04 -15.60
C ILE A 105 -20.91 7.86 -14.09
N ILE A 106 -20.49 6.66 -13.69
CA ILE A 106 -20.32 6.34 -12.27
C ILE A 106 -18.98 6.86 -11.78
N LYS A 107 -18.99 7.51 -10.63
CA LYS A 107 -17.75 8.04 -10.07
C LYS A 107 -16.76 6.90 -9.82
N ASP A 108 -16.72 6.40 -8.60
CA ASP A 108 -15.82 5.31 -8.27
C ASP A 108 -16.04 4.13 -9.21
N ARG A 7 9.94 -9.56 17.80
CA ARG A 7 9.30 -9.99 16.52
C ARG A 7 7.78 -10.03 16.70
N GLU A 8 7.14 -11.08 16.19
CA GLU A 8 5.68 -11.23 16.31
C GLU A 8 4.96 -10.40 15.23
N PRO A 9 4.86 -10.93 14.04
CA PRO A 9 4.19 -10.25 12.91
C PRO A 9 2.79 -10.83 12.74
N SER A 10 2.16 -10.57 11.61
CA SER A 10 0.82 -11.10 11.38
C SER A 10 0.42 -10.98 9.90
N PRO A 11 -0.75 -11.42 9.53
CA PRO A 11 -1.22 -11.36 8.12
C PRO A 11 -1.43 -9.92 7.64
N PRO A 12 -1.77 -9.74 6.39
CA PRO A 12 -2.00 -8.39 5.79
C PRO A 12 -2.79 -7.44 6.68
N SER A 13 -2.96 -6.21 6.20
CA SER A 13 -3.65 -5.16 6.93
C SER A 13 -3.80 -3.93 6.03
N ILE A 14 -4.38 -4.15 4.85
CA ILE A 14 -4.52 -3.07 3.87
C ILE A 14 -5.95 -3.03 3.34
N HIS A 15 -6.54 -1.83 3.34
CA HIS A 15 -7.91 -1.65 2.83
C HIS A 15 -7.89 -0.64 1.69
N GLY A 16 -8.22 -1.08 0.48
CA GLY A 16 -8.25 -0.19 -0.68
C GLY A 16 -9.64 0.37 -0.92
N GLN A 17 -9.68 1.61 -1.39
CA GLN A 17 -10.94 2.29 -1.67
C GLN A 17 -10.75 3.24 -2.86
N PRO A 18 -11.34 2.97 -4.01
CA PRO A 18 -11.18 3.85 -5.19
C PRO A 18 -11.39 5.33 -4.86
N SER A 19 -10.29 6.05 -4.66
CA SER A 19 -10.37 7.47 -4.38
C SER A 19 -10.66 8.23 -5.67
N SER A 20 -10.94 9.53 -5.56
CA SER A 20 -11.22 10.30 -6.76
C SER A 20 -10.05 10.23 -7.72
N GLY A 21 -10.34 10.01 -9.00
CA GLY A 21 -9.30 9.91 -10.02
C GLY A 21 -8.79 8.47 -10.12
N LYS A 22 -7.55 8.32 -10.59
CA LYS A 22 -6.94 7.00 -10.74
C LYS A 22 -6.04 6.72 -9.55
N SER A 23 -6.57 7.00 -8.37
CA SER A 23 -5.83 6.79 -7.12
C SER A 23 -6.58 5.80 -6.25
N PHE A 24 -5.85 5.04 -5.44
CA PHE A 24 -6.45 4.05 -4.55
C PHE A 24 -5.98 4.27 -3.11
N LYS A 25 -6.93 4.53 -2.23
CA LYS A 25 -6.60 4.77 -0.82
C LYS A 25 -6.40 3.44 -0.10
N LEU A 26 -5.15 3.04 0.07
CA LEU A 26 -4.84 1.79 0.77
C LEU A 26 -4.57 2.13 2.24
N SER A 27 -5.55 1.91 3.10
CA SER A 27 -5.40 2.22 4.51
C SER A 27 -4.50 1.20 5.19
N ILE A 28 -3.46 1.67 5.87
CA ILE A 28 -2.57 0.77 6.57
C ILE A 28 -3.13 0.58 7.98
N THR A 29 -3.60 -0.62 8.30
CA THR A 29 -4.16 -0.87 9.62
C THR A 29 -3.06 -1.25 10.58
N LYS A 30 -3.22 -0.79 11.81
CA LYS A 30 -2.25 -1.07 12.84
C LYS A 30 -2.43 -2.52 13.26
N GLN A 31 -1.42 -3.33 12.97
CA GLN A 31 -1.44 -4.76 13.33
C GLN A 31 -0.38 -5.00 14.39
N ASP A 32 -0.38 -6.19 14.98
CA ASP A 32 0.59 -6.51 16.01
C ASP A 32 2.00 -6.19 15.49
N ASP A 33 2.62 -5.18 16.08
CA ASP A 33 3.94 -4.75 15.67
C ASP A 33 5.01 -5.76 16.08
N GLY A 34 6.18 -5.64 15.47
CA GLY A 34 7.28 -6.57 15.75
C GLY A 34 7.70 -6.52 17.22
N GLY A 35 6.88 -5.91 18.07
CA GLY A 35 7.20 -5.80 19.49
C GLY A 35 7.71 -4.41 19.81
N ALA A 36 7.63 -3.51 18.84
CA ALA A 36 8.09 -2.14 19.04
C ALA A 36 7.28 -1.17 18.17
N PRO A 37 7.08 0.05 18.60
CA PRO A 37 6.31 1.05 17.83
C PRO A 37 7.01 1.40 16.52
N ILE A 38 6.22 1.55 15.46
CA ILE A 38 6.75 1.88 14.15
C ILE A 38 6.90 3.39 13.98
N LEU A 39 8.09 3.81 13.56
CA LEU A 39 8.35 5.22 13.35
C LEU A 39 7.81 5.66 12.00
N GLU A 40 7.98 4.80 10.99
CA GLU A 40 7.53 5.08 9.63
C GLU A 40 7.13 3.80 8.91
N TYR A 41 6.51 3.98 7.75
CA TYR A 41 6.10 2.86 6.91
C TYR A 41 6.72 2.99 5.53
N ILE A 42 7.47 1.96 5.12
CA ILE A 42 8.10 1.96 3.81
C ILE A 42 7.20 1.18 2.86
N VAL A 43 6.61 1.88 1.90
CA VAL A 43 5.70 1.26 0.94
C VAL A 43 6.30 1.26 -0.45
N LYS A 44 6.32 0.08 -1.07
CA LYS A 44 6.86 -0.07 -2.42
C LYS A 44 5.78 -0.62 -3.34
N TYR A 45 5.64 -0.03 -4.53
CA TYR A 45 4.63 -0.50 -5.48
C TYR A 45 5.17 -0.46 -6.89
N ARG A 46 4.61 -1.31 -7.76
CA ARG A 46 5.04 -1.36 -9.16
C ARG A 46 3.86 -1.63 -10.08
N SER A 47 4.18 -1.85 -11.35
CA SER A 47 3.17 -2.15 -12.36
C SER A 47 3.15 -3.64 -12.63
N LYS A 48 1.95 -4.23 -12.71
CA LYS A 48 1.83 -5.65 -12.96
C LYS A 48 2.37 -6.03 -14.34
N ASP A 49 2.62 -5.02 -15.17
CA ASP A 49 3.15 -5.26 -16.51
C ASP A 49 4.68 -5.25 -16.49
N LYS A 50 5.25 -4.39 -15.64
CA LYS A 50 6.70 -4.27 -15.51
C LYS A 50 7.14 -4.63 -14.10
N GLU A 51 8.12 -5.52 -14.01
CA GLU A 51 8.67 -5.97 -12.73
C GLU A 51 10.14 -5.61 -12.63
N ASP A 52 10.66 -4.94 -13.65
CA ASP A 52 12.07 -4.55 -13.68
C ASP A 52 12.37 -3.44 -12.68
N GLN A 53 11.34 -2.94 -12.00
CA GLN A 53 11.54 -1.86 -11.03
C GLN A 53 10.49 -1.87 -9.93
N TRP A 54 10.84 -1.30 -8.78
CA TRP A 54 9.94 -1.20 -7.64
C TRP A 54 10.05 0.19 -7.02
N LEU A 55 9.02 1.01 -7.24
CA LEU A 55 9.02 2.37 -6.70
C LEU A 55 8.92 2.33 -5.18
N GLU A 56 9.33 3.41 -4.52
CA GLU A 56 9.29 3.47 -3.05
C GLU A 56 8.45 4.65 -2.56
N LYS A 57 7.81 4.47 -1.41
CA LYS A 57 6.97 5.50 -0.82
C LYS A 57 7.11 5.46 0.71
N LYS A 58 7.68 6.52 1.28
CA LYS A 58 7.86 6.60 2.73
C LYS A 58 6.62 7.22 3.37
N VAL A 59 6.16 6.62 4.48
CA VAL A 59 4.96 7.07 5.16
C VAL A 59 5.17 7.21 6.66
N GLN A 60 4.32 8.01 7.28
CA GLN A 60 4.38 8.23 8.72
C GLN A 60 3.65 7.11 9.44
N GLY A 61 4.16 6.73 10.61
CA GLY A 61 3.53 5.66 11.38
C GLY A 61 2.13 6.07 11.80
N ASN A 62 1.91 7.38 11.90
CA ASN A 62 0.63 7.93 12.31
C ASN A 62 -0.32 8.09 11.12
N LYS A 63 0.24 8.18 9.91
CA LYS A 63 -0.58 8.35 8.71
C LYS A 63 -1.55 7.19 8.53
N ASP A 64 -1.05 5.97 8.69
CA ASP A 64 -1.86 4.78 8.54
C ASP A 64 -2.73 4.85 7.29
N HIS A 65 -2.18 5.42 6.22
CA HIS A 65 -2.91 5.55 4.96
C HIS A 65 -2.03 6.22 3.90
N ILE A 66 -2.35 5.98 2.63
CA ILE A 66 -1.61 6.59 1.52
C ILE A 66 -2.47 6.67 0.27
N ILE A 67 -2.18 7.67 -0.56
CA ILE A 67 -2.90 7.87 -1.82
C ILE A 67 -1.91 7.79 -2.98
N LEU A 68 -2.03 6.75 -3.80
CA LEU A 68 -1.13 6.59 -4.95
C LEU A 68 -1.83 7.08 -6.21
N GLU A 69 -1.42 8.24 -6.70
CA GLU A 69 -2.03 8.83 -7.90
C GLU A 69 -1.34 8.34 -9.17
N HIS A 70 -2.11 8.33 -10.26
CA HIS A 70 -1.59 7.92 -11.57
C HIS A 70 -1.47 6.40 -11.64
N LEU A 71 -2.60 5.72 -11.44
CA LEU A 71 -2.62 4.25 -11.48
C LEU A 71 -3.21 3.76 -12.80
N GLN A 72 -3.69 4.68 -13.62
CA GLN A 72 -4.30 4.32 -14.90
C GLN A 72 -5.43 3.32 -14.68
N TRP A 73 -6.32 3.23 -15.67
CA TRP A 73 -7.48 2.34 -15.58
C TRP A 73 -7.26 1.03 -16.33
N THR A 74 -6.26 0.99 -17.21
CA THR A 74 -5.97 -0.21 -18.00
C THR A 74 -4.70 -0.90 -17.54
N MET A 75 -4.27 -0.59 -16.32
CA MET A 75 -3.05 -1.20 -15.79
C MET A 75 -3.22 -1.51 -14.30
N GLY A 76 -2.66 -2.64 -13.89
CA GLY A 76 -2.72 -3.07 -12.50
C GLY A 76 -1.41 -2.75 -11.79
N TYR A 77 -1.46 -2.56 -10.47
CA TYR A 77 -0.27 -2.24 -9.68
C TYR A 77 -0.27 -3.00 -8.36
N GLU A 78 0.90 -3.52 -7.98
CA GLU A 78 1.04 -4.26 -6.72
C GLU A 78 1.54 -3.32 -5.62
N VAL A 79 1.42 -3.74 -4.36
CA VAL A 79 1.87 -2.90 -3.25
C VAL A 79 2.56 -3.76 -2.19
N GLN A 80 3.57 -3.18 -1.55
CA GLN A 80 4.32 -3.88 -0.50
C GLN A 80 4.58 -2.93 0.65
N ILE A 81 3.84 -3.16 1.73
CA ILE A 81 3.94 -2.34 2.93
C ILE A 81 4.92 -2.97 3.93
N THR A 82 5.78 -2.13 4.49
CA THR A 82 6.74 -2.58 5.49
C THR A 82 6.79 -1.58 6.63
N ALA A 83 6.49 -2.03 7.84
CA ALA A 83 6.49 -1.15 9.00
C ALA A 83 7.87 -1.19 9.67
N ALA A 84 8.49 -0.03 9.85
CA ALA A 84 9.84 0.04 10.44
C ALA A 84 9.82 0.47 11.90
N ASN A 85 10.14 -0.48 12.79
CA ASN A 85 10.21 -0.21 14.23
C ASN A 85 11.65 -0.28 14.69
N ARG A 86 11.85 -0.40 16.00
CA ARG A 86 13.19 -0.51 16.54
C ARG A 86 13.93 -1.65 15.87
N LEU A 87 13.19 -2.68 15.48
CA LEU A 87 13.77 -3.84 14.80
C LEU A 87 14.33 -3.41 13.45
N GLY A 88 13.56 -2.58 12.76
CA GLY A 88 13.95 -2.08 11.43
C GLY A 88 12.83 -2.32 10.43
N TYR A 89 12.29 -3.53 10.45
CA TYR A 89 11.20 -3.89 9.56
C TYR A 89 10.41 -5.04 10.19
N SER A 90 9.09 -4.94 10.22
CA SER A 90 8.29 -5.99 10.82
C SER A 90 6.83 -5.92 10.37
N GLU A 91 6.20 -7.09 10.26
CA GLU A 91 4.81 -7.17 9.86
C GLU A 91 4.60 -6.56 8.48
N PRO A 92 5.27 -7.07 7.48
CA PRO A 92 5.14 -6.57 6.08
C PRO A 92 3.86 -7.08 5.43
N THR A 93 3.30 -6.31 4.49
CA THR A 93 2.11 -6.73 3.78
C THR A 93 2.26 -6.58 2.29
N VAL A 94 2.17 -7.70 1.61
CA VAL A 94 2.26 -7.72 0.15
C VAL A 94 0.85 -7.75 -0.41
N TYR A 95 0.31 -6.57 -0.69
CA TYR A 95 -1.05 -6.44 -1.22
C TYR A 95 -0.99 -6.36 -2.74
N GLU A 96 -2.05 -6.81 -3.41
CA GLU A 96 -2.08 -6.78 -4.87
C GLU A 96 -3.50 -6.70 -5.41
N PHE A 97 -3.68 -5.83 -6.39
CA PHE A 97 -4.98 -5.65 -7.03
C PHE A 97 -4.79 -4.87 -8.33
N SER A 98 -5.74 -5.01 -9.27
CA SER A 98 -5.62 -4.31 -10.55
C SER A 98 -6.62 -3.15 -10.60
N MET A 99 -6.43 -2.24 -11.55
CA MET A 99 -7.32 -1.08 -11.68
C MET A 99 -8.50 -1.38 -12.62
N PRO A 100 -9.67 -0.85 -12.32
CA PRO A 100 -10.89 -1.06 -13.18
C PRO A 100 -10.81 -0.19 -14.45
N PRO A 101 -11.63 -0.48 -15.43
CA PRO A 101 -11.64 0.32 -16.70
C PRO A 101 -12.11 1.76 -16.46
N LYS A 102 -11.69 2.68 -17.33
CA LYS A 102 -12.05 4.09 -17.21
C LYS A 102 -13.49 4.26 -16.67
N PRO A 103 -13.69 5.12 -15.69
CA PRO A 103 -15.06 5.34 -15.13
C PRO A 103 -15.96 6.13 -16.09
N ASN A 104 -17.27 5.93 -15.93
CA ASN A 104 -18.25 6.63 -16.75
C ASN A 104 -19.52 6.85 -15.95
N ILE A 105 -19.98 5.78 -15.30
CA ILE A 105 -21.17 5.83 -14.45
C ILE A 105 -21.41 4.45 -13.84
N ILE A 106 -21.05 4.31 -12.57
CA ILE A 106 -21.21 3.06 -11.88
C ILE A 106 -20.88 3.22 -10.39
N LYS A 107 -21.31 2.26 -9.59
CA LYS A 107 -21.06 2.31 -8.14
C LYS A 107 -19.58 2.07 -7.84
N ASP A 108 -19.03 2.87 -6.94
CA ASP A 108 -17.62 2.74 -6.57
C ASP A 108 -17.43 1.69 -5.49
N ARG A 7 9.23 -8.90 15.35
CA ARG A 7 9.62 -10.33 15.52
C ARG A 7 8.58 -11.22 14.83
N GLU A 8 7.31 -11.03 15.21
CA GLU A 8 6.22 -11.81 14.64
C GLU A 8 5.30 -10.91 13.80
N PRO A 9 4.85 -11.32 12.62
CA PRO A 9 3.95 -10.51 11.78
C PRO A 9 2.53 -11.00 11.92
N SER A 10 1.65 -10.62 10.99
CA SER A 10 0.27 -11.07 11.05
C SER A 10 -0.44 -10.85 9.72
N PRO A 11 -1.47 -11.62 9.42
CA PRO A 11 -2.23 -11.51 8.14
C PRO A 11 -2.33 -10.07 7.64
N PRO A 12 -2.38 -9.85 6.33
CA PRO A 12 -2.47 -8.48 5.76
C PRO A 12 -3.38 -7.52 6.53
N SER A 13 -3.22 -6.24 6.23
CA SER A 13 -3.99 -5.18 6.89
C SER A 13 -4.09 -3.96 5.99
N ILE A 14 -4.51 -4.20 4.74
CA ILE A 14 -4.63 -3.12 3.76
C ILE A 14 -6.01 -3.14 3.12
N HIS A 15 -6.66 -1.99 3.15
CA HIS A 15 -7.99 -1.82 2.57
C HIS A 15 -7.93 -0.71 1.53
N GLY A 16 -8.25 -1.05 0.28
CA GLY A 16 -8.21 -0.07 -0.80
C GLY A 16 -9.59 0.48 -1.11
N GLN A 17 -9.61 1.66 -1.71
CA GLN A 17 -10.86 2.31 -2.08
C GLN A 17 -10.58 3.40 -3.12
N PRO A 18 -11.34 3.48 -4.20
CA PRO A 18 -11.10 4.51 -5.24
C PRO A 18 -11.41 5.92 -4.73
N SER A 19 -10.36 6.64 -4.32
CA SER A 19 -10.54 8.00 -3.81
C SER A 19 -10.67 8.99 -4.97
N SER A 20 -9.71 9.91 -5.08
CA SER A 20 -9.75 10.92 -6.14
C SER A 20 -9.21 10.34 -7.46
N GLY A 21 -10.11 10.21 -8.43
CA GLY A 21 -9.73 9.67 -9.74
C GLY A 21 -9.24 8.24 -9.63
N LYS A 22 -8.12 7.95 -10.29
CA LYS A 22 -7.56 6.61 -10.28
C LYS A 22 -6.82 6.36 -8.96
N SER A 23 -6.62 7.44 -8.20
CA SER A 23 -5.90 7.33 -6.95
C SER A 23 -6.63 6.38 -6.00
N PHE A 24 -5.89 5.50 -5.35
CA PHE A 24 -6.47 4.52 -4.42
C PHE A 24 -6.00 4.80 -2.99
N LYS A 25 -6.91 4.65 -2.05
CA LYS A 25 -6.60 4.86 -0.63
C LYS A 25 -6.36 3.51 0.04
N LEU A 26 -5.09 3.11 0.13
CA LEU A 26 -4.77 1.84 0.78
C LEU A 26 -4.48 2.12 2.25
N SER A 27 -5.52 2.04 3.06
CA SER A 27 -5.42 2.32 4.47
C SER A 27 -4.56 1.28 5.18
N ILE A 28 -3.52 1.74 5.87
CA ILE A 28 -2.66 0.81 6.60
C ILE A 28 -3.27 0.63 7.99
N THR A 29 -3.74 -0.57 8.29
CA THR A 29 -4.35 -0.81 9.61
C THR A 29 -3.33 -1.43 10.56
N LYS A 30 -2.97 -0.67 11.57
CA LYS A 30 -2.00 -1.12 12.56
C LYS A 30 -2.17 -2.59 12.89
N GLN A 31 -1.22 -3.40 12.40
CA GLN A 31 -1.23 -4.83 12.66
C GLN A 31 -0.28 -5.12 13.82
N ASP A 32 -0.55 -6.17 14.59
CA ASP A 32 0.31 -6.50 15.73
C ASP A 32 1.78 -6.36 15.32
N ASP A 33 2.36 -5.22 15.65
CA ASP A 33 3.74 -4.93 15.29
C ASP A 33 4.70 -5.91 15.97
N GLY A 34 5.84 -6.11 15.32
CA GLY A 34 6.86 -7.03 15.82
C GLY A 34 6.99 -6.96 17.33
N GLY A 35 6.54 -5.84 17.92
CA GLY A 35 6.62 -5.65 19.36
C GLY A 35 7.12 -4.26 19.72
N ALA A 36 7.47 -3.48 18.70
CA ALA A 36 7.97 -2.11 18.92
C ALA A 36 7.19 -1.15 18.01
N PRO A 37 6.95 0.06 18.45
CA PRO A 37 6.20 1.04 17.62
C PRO A 37 6.97 1.39 16.34
N ILE A 38 6.24 1.47 15.24
CA ILE A 38 6.85 1.77 13.96
C ILE A 38 7.12 3.26 13.77
N LEU A 39 8.38 3.57 13.45
CA LEU A 39 8.78 4.95 13.21
C LEU A 39 8.14 5.47 11.93
N GLU A 40 8.11 4.61 10.91
CA GLU A 40 7.53 4.99 9.63
C GLU A 40 7.19 3.75 8.80
N TYR A 41 6.44 3.97 7.73
CA TYR A 41 6.06 2.88 6.83
C TYR A 41 6.71 3.08 5.46
N ILE A 42 7.53 2.12 5.06
CA ILE A 42 8.17 2.16 3.75
C ILE A 42 7.34 1.32 2.80
N VAL A 43 6.69 1.99 1.86
CA VAL A 43 5.81 1.33 0.90
C VAL A 43 6.41 1.35 -0.49
N LYS A 44 6.54 0.17 -1.10
CA LYS A 44 7.07 0.06 -2.45
C LYS A 44 6.03 -0.58 -3.35
N TYR A 45 5.75 0.05 -4.48
CA TYR A 45 4.75 -0.49 -5.41
C TYR A 45 5.25 -0.42 -6.85
N ARG A 46 4.77 -1.35 -7.70
CA ARG A 46 5.18 -1.37 -9.10
C ARG A 46 4.04 -1.82 -10.01
N SER A 47 4.34 -1.92 -11.30
CA SER A 47 3.34 -2.34 -12.30
C SER A 47 3.33 -3.85 -12.50
N LYS A 48 2.15 -4.41 -12.78
CA LYS A 48 2.04 -5.86 -12.99
C LYS A 48 2.47 -6.25 -14.41
N ASP A 49 2.53 -5.31 -15.34
CA ASP A 49 2.93 -5.64 -16.69
C ASP A 49 4.36 -6.15 -16.70
N LYS A 50 5.24 -5.40 -16.04
CA LYS A 50 6.65 -5.76 -15.95
C LYS A 50 7.02 -6.17 -14.54
N GLU A 51 8.31 -6.19 -14.30
CA GLU A 51 8.85 -6.57 -12.99
C GLU A 51 10.36 -6.38 -12.97
N ASP A 52 10.79 -5.13 -12.86
CA ASP A 52 12.22 -4.82 -12.83
C ASP A 52 12.52 -3.50 -12.12
N GLN A 53 11.47 -2.73 -11.79
CA GLN A 53 11.67 -1.45 -11.11
C GLN A 53 10.57 -1.22 -10.07
N TRP A 54 10.98 -0.89 -8.84
CA TRP A 54 10.03 -0.63 -7.75
C TRP A 54 10.11 0.82 -7.28
N LEU A 55 8.95 1.46 -7.17
CA LEU A 55 8.86 2.85 -6.72
C LEU A 55 8.79 2.87 -5.19
N GLU A 56 9.11 4.01 -4.59
CA GLU A 56 9.09 4.14 -3.12
C GLU A 56 8.01 5.13 -2.66
N LYS A 57 7.45 4.85 -1.49
CA LYS A 57 6.41 5.71 -0.90
C LYS A 57 6.54 5.62 0.63
N LYS A 58 6.91 6.72 1.27
CA LYS A 58 7.11 6.73 2.73
C LYS A 58 5.89 7.29 3.46
N VAL A 59 5.63 6.76 4.66
CA VAL A 59 4.52 7.24 5.48
C VAL A 59 4.92 7.28 6.96
N GLN A 60 4.17 8.05 7.73
CA GLN A 60 4.40 8.19 9.16
C GLN A 60 3.76 7.04 9.91
N GLY A 61 4.36 6.64 11.02
CA GLY A 61 3.84 5.53 11.81
C GLY A 61 2.51 5.91 12.46
N ASN A 62 2.01 7.10 12.12
CA ASN A 62 0.75 7.59 12.68
C ASN A 62 -0.26 7.90 11.58
N LYS A 63 0.22 7.99 10.34
CA LYS A 63 -0.66 8.30 9.22
C LYS A 63 -1.66 7.17 8.97
N ASP A 64 -1.15 5.95 8.88
CA ASP A 64 -1.99 4.77 8.65
C ASP A 64 -2.79 4.89 7.33
N HIS A 65 -2.19 5.48 6.29
CA HIS A 65 -2.89 5.62 5.01
C HIS A 65 -1.98 6.27 3.95
N ILE A 66 -2.27 5.99 2.68
CA ILE A 66 -1.49 6.56 1.57
C ILE A 66 -2.36 6.71 0.33
N ILE A 67 -2.09 7.76 -0.44
CA ILE A 67 -2.83 8.01 -1.68
C ILE A 67 -1.89 7.92 -2.87
N LEU A 68 -1.94 6.80 -3.59
CA LEU A 68 -1.10 6.63 -4.77
C LEU A 68 -1.81 7.21 -5.99
N GLU A 69 -1.34 8.36 -6.43
CA GLU A 69 -1.92 9.06 -7.56
C GLU A 69 -1.36 8.59 -8.90
N HIS A 70 -2.25 8.44 -9.87
CA HIS A 70 -1.87 8.04 -11.22
C HIS A 70 -1.76 6.51 -11.34
N LEU A 71 -2.92 5.87 -11.46
CA LEU A 71 -2.99 4.41 -11.59
C LEU A 71 -3.91 4.07 -12.76
N GLN A 72 -3.39 4.20 -13.99
CA GLN A 72 -4.19 3.92 -15.20
C GLN A 72 -5.17 2.78 -14.96
N TRP A 73 -6.33 2.91 -15.56
CA TRP A 73 -7.40 1.93 -15.42
C TRP A 73 -7.09 0.60 -16.11
N THR A 74 -6.19 0.65 -17.10
CA THR A 74 -5.83 -0.54 -17.87
C THR A 74 -4.51 -1.13 -17.40
N MET A 75 -4.13 -0.84 -16.15
CA MET A 75 -2.88 -1.36 -15.61
C MET A 75 -3.03 -1.73 -14.15
N GLY A 76 -2.54 -2.91 -13.81
CA GLY A 76 -2.58 -3.39 -12.43
C GLY A 76 -1.25 -3.08 -11.78
N TYR A 77 -1.26 -2.93 -10.46
CA TYR A 77 -0.02 -2.58 -9.75
C TYR A 77 0.01 -3.18 -8.35
N GLU A 78 1.14 -3.79 -7.99
CA GLU A 78 1.31 -4.41 -6.67
C GLU A 78 1.80 -3.39 -5.64
N VAL A 79 1.46 -3.62 -4.37
CA VAL A 79 1.88 -2.73 -3.29
C VAL A 79 2.51 -3.56 -2.17
N GLN A 80 3.66 -3.11 -1.68
CA GLN A 80 4.36 -3.82 -0.60
C GLN A 80 4.64 -2.85 0.55
N ILE A 81 3.92 -3.06 1.64
CA ILE A 81 4.05 -2.22 2.82
C ILE A 81 5.09 -2.81 3.77
N THR A 82 5.95 -1.95 4.30
CA THR A 82 6.96 -2.41 5.26
C THR A 82 7.00 -1.42 6.41
N ALA A 83 6.67 -1.91 7.60
CA ALA A 83 6.65 -1.08 8.79
C ALA A 83 8.02 -1.12 9.47
N ALA A 84 8.61 0.05 9.71
CA ALA A 84 9.96 0.11 10.31
C ALA A 84 9.94 0.49 11.78
N ASN A 85 10.23 -0.50 12.63
CA ASN A 85 10.28 -0.29 14.07
C ASN A 85 11.73 -0.38 14.56
N ARG A 86 11.90 -0.34 15.86
CA ARG A 86 13.23 -0.40 16.44
C ARG A 86 14.05 -1.51 15.78
N LEU A 87 13.36 -2.53 15.26
CA LEU A 87 14.03 -3.62 14.60
C LEU A 87 14.58 -3.16 13.24
N GLY A 88 13.78 -2.35 12.54
CA GLY A 88 14.16 -1.82 11.23
C GLY A 88 13.05 -2.08 10.22
N TYR A 89 12.56 -3.31 10.18
CA TYR A 89 11.48 -3.69 9.28
C TYR A 89 10.73 -4.87 9.88
N SER A 90 9.41 -4.80 9.92
CA SER A 90 8.64 -5.89 10.48
C SER A 90 7.16 -5.73 10.16
N GLU A 91 6.42 -6.81 10.31
CA GLU A 91 5.00 -6.76 10.04
C GLU A 91 4.74 -6.14 8.67
N PRO A 92 5.37 -6.68 7.64
CA PRO A 92 5.20 -6.18 6.25
C PRO A 92 3.86 -6.63 5.67
N THR A 93 3.35 -5.88 4.67
CA THR A 93 2.08 -6.23 4.04
C THR A 93 2.21 -6.26 2.52
N VAL A 94 2.14 -7.45 1.96
CA VAL A 94 2.21 -7.60 0.52
C VAL A 94 0.81 -7.61 -0.06
N TYR A 95 0.36 -6.44 -0.51
CA TYR A 95 -0.99 -6.30 -1.06
C TYR A 95 -0.94 -6.24 -2.59
N GLU A 96 -1.80 -7.00 -3.25
CA GLU A 96 -1.84 -7.02 -4.71
C GLU A 96 -3.27 -6.95 -5.22
N PHE A 97 -3.47 -6.14 -6.26
CA PHE A 97 -4.78 -5.98 -6.87
C PHE A 97 -4.67 -5.15 -8.15
N SER A 98 -5.30 -5.63 -9.22
CA SER A 98 -5.26 -4.91 -10.48
C SER A 98 -6.29 -3.78 -10.48
N MET A 99 -6.20 -2.86 -11.45
CA MET A 99 -7.14 -1.74 -11.53
C MET A 99 -8.28 -2.05 -12.50
N PRO A 100 -9.49 -1.61 -12.22
CA PRO A 100 -10.67 -1.83 -13.11
C PRO A 100 -10.63 -0.90 -14.32
N PRO A 101 -11.42 -1.16 -15.34
CA PRO A 101 -11.46 -0.28 -16.55
C PRO A 101 -12.03 1.10 -16.21
N LYS A 102 -11.79 2.07 -17.11
CA LYS A 102 -12.27 3.43 -16.90
C LYS A 102 -13.69 3.44 -16.32
N PRO A 103 -13.95 4.23 -15.29
CA PRO A 103 -15.32 4.33 -14.71
C PRO A 103 -16.24 5.18 -15.59
N ASN A 104 -17.53 5.18 -15.28
CA ASN A 104 -18.50 5.97 -16.03
C ASN A 104 -18.77 7.28 -15.32
N ILE A 105 -20.04 7.51 -14.96
CA ILE A 105 -20.43 8.72 -14.25
C ILE A 105 -20.64 8.42 -12.77
N ILE A 106 -20.35 7.18 -12.40
CA ILE A 106 -20.51 6.75 -11.01
C ILE A 106 -19.77 7.71 -10.08
N LYS A 107 -20.38 7.99 -8.94
CA LYS A 107 -19.80 8.91 -7.98
C LYS A 107 -18.57 8.31 -7.31
N ASP A 108 -17.99 7.30 -7.93
CA ASP A 108 -16.80 6.66 -7.37
C ASP A 108 -17.05 6.28 -5.92
N ARG A 7 8.87 -10.40 18.14
CA ARG A 7 8.80 -10.71 16.68
C ARG A 7 7.52 -11.51 16.40
N GLU A 8 6.42 -10.79 16.15
CA GLU A 8 5.13 -11.44 15.88
C GLU A 8 4.34 -10.64 14.84
N PRO A 9 4.25 -11.09 13.60
CA PRO A 9 3.51 -10.38 12.54
C PRO A 9 2.13 -11.01 12.38
N SER A 10 1.46 -10.73 11.28
CA SER A 10 0.14 -11.32 11.09
C SER A 10 -0.38 -11.04 9.68
N PRO A 11 -1.40 -11.75 9.26
CA PRO A 11 -2.00 -11.58 7.91
C PRO A 11 -2.07 -10.12 7.46
N PRO A 12 -2.13 -9.86 6.17
CA PRO A 12 -2.21 -8.48 5.62
C PRO A 12 -3.07 -7.53 6.46
N SER A 13 -2.89 -6.23 6.20
CA SER A 13 -3.59 -5.18 6.92
C SER A 13 -3.76 -3.96 6.00
N ILE A 14 -4.30 -4.19 4.82
CA ILE A 14 -4.48 -3.11 3.84
C ILE A 14 -5.89 -3.10 3.29
N HIS A 15 -6.52 -1.94 3.34
CA HIS A 15 -7.87 -1.76 2.84
C HIS A 15 -7.87 -0.67 1.76
N GLY A 16 -8.23 -1.05 0.53
CA GLY A 16 -8.24 -0.10 -0.58
C GLY A 16 -9.63 0.46 -0.83
N GLN A 17 -9.65 1.58 -1.54
CA GLN A 17 -10.90 2.24 -1.89
C GLN A 17 -10.63 3.22 -3.05
N PRO A 18 -11.38 3.17 -4.12
CA PRO A 18 -11.15 4.07 -5.28
C PRO A 18 -11.56 5.51 -5.00
N SER A 19 -10.63 6.29 -4.45
CA SER A 19 -10.91 7.69 -4.15
C SER A 19 -11.11 8.45 -5.45
N SER A 20 -10.86 9.75 -5.43
CA SER A 20 -11.00 10.55 -6.63
C SER A 20 -9.90 10.23 -7.63
N GLY A 21 -10.28 10.02 -8.88
CA GLY A 21 -9.31 9.71 -9.92
C GLY A 21 -8.85 8.25 -9.86
N LYS A 22 -7.71 7.98 -10.48
CA LYS A 22 -7.16 6.63 -10.52
C LYS A 22 -6.46 6.28 -9.20
N SER A 23 -6.35 7.24 -8.30
CA SER A 23 -5.69 7.00 -7.04
C SER A 23 -6.49 6.04 -6.17
N PHE A 24 -5.78 5.23 -5.38
CA PHE A 24 -6.42 4.25 -4.48
C PHE A 24 -5.96 4.48 -3.04
N LYS A 25 -6.92 4.67 -2.14
CA LYS A 25 -6.59 4.89 -0.73
C LYS A 25 -6.40 3.56 -0.02
N LEU A 26 -5.13 3.17 0.17
CA LEU A 26 -4.83 1.92 0.86
C LEU A 26 -4.54 2.23 2.33
N SER A 27 -5.54 2.05 3.18
CA SER A 27 -5.39 2.33 4.58
C SER A 27 -4.50 1.31 5.26
N ILE A 28 -3.47 1.76 5.96
CA ILE A 28 -2.58 0.85 6.68
C ILE A 28 -3.18 0.67 8.07
N THR A 29 -3.64 -0.54 8.38
CA THR A 29 -4.24 -0.78 9.70
C THR A 29 -3.15 -1.11 10.71
N LYS A 30 -3.29 -0.56 11.91
CA LYS A 30 -2.32 -0.80 12.97
C LYS A 30 -2.48 -2.22 13.48
N GLN A 31 -1.54 -3.07 13.10
CA GLN A 31 -1.55 -4.48 13.52
C GLN A 31 -0.44 -4.70 14.55
N ASP A 32 -0.47 -5.84 15.22
CA ASP A 32 0.55 -6.14 16.22
C ASP A 32 1.94 -6.06 15.60
N ASP A 33 2.70 -5.04 15.99
CA ASP A 33 4.04 -4.86 15.46
C ASP A 33 4.91 -6.04 15.88
N GLY A 34 6.08 -6.16 15.24
CA GLY A 34 6.98 -7.26 15.55
C GLY A 34 7.32 -7.26 17.04
N GLY A 35 7.18 -6.10 17.68
CA GLY A 35 7.47 -5.99 19.11
C GLY A 35 7.95 -4.59 19.49
N ALA A 36 7.72 -3.61 18.62
CA ALA A 36 8.13 -2.23 18.90
C ALA A 36 7.31 -1.26 18.06
N PRO A 37 7.11 -0.05 18.52
CA PRO A 37 6.32 0.96 17.76
C PRO A 37 7.01 1.31 16.45
N ILE A 38 6.20 1.58 15.42
CA ILE A 38 6.73 1.92 14.11
C ILE A 38 6.88 3.42 13.94
N LEU A 39 8.07 3.82 13.50
CA LEU A 39 8.36 5.23 13.28
C LEU A 39 7.86 5.66 11.91
N GLU A 40 8.13 4.83 10.89
CA GLU A 40 7.69 5.12 9.52
C GLU A 40 7.32 3.86 8.77
N TYR A 41 6.58 4.04 7.68
CA TYR A 41 6.17 2.93 6.84
C TYR A 41 6.82 3.06 5.46
N ILE A 42 7.57 2.02 5.08
CA ILE A 42 8.21 1.99 3.78
C ILE A 42 7.30 1.26 2.82
N VAL A 43 6.70 2.02 1.91
CA VAL A 43 5.77 1.45 0.95
C VAL A 43 6.31 1.54 -0.45
N LYS A 44 6.25 0.42 -1.16
CA LYS A 44 6.72 0.38 -2.54
C LYS A 44 5.64 -0.21 -3.41
N TYR A 45 5.57 0.25 -4.65
CA TYR A 45 4.55 -0.24 -5.57
C TYR A 45 5.08 -0.20 -6.99
N ARG A 46 4.52 -1.05 -7.85
CA ARG A 46 4.95 -1.09 -9.23
C ARG A 46 3.82 -1.57 -10.14
N SER A 47 4.13 -1.79 -11.42
CA SER A 47 3.14 -2.26 -12.38
C SER A 47 3.14 -3.78 -12.48
N LYS A 48 1.98 -4.38 -12.71
CA LYS A 48 1.87 -5.84 -12.82
C LYS A 48 2.37 -6.35 -14.19
N ASP A 49 3.09 -5.51 -14.93
CA ASP A 49 3.60 -5.91 -16.25
C ASP A 49 5.08 -5.57 -16.41
N LYS A 50 5.47 -4.37 -16.03
CA LYS A 50 6.86 -3.93 -16.17
C LYS A 50 7.70 -4.43 -14.98
N GLU A 51 7.39 -5.64 -14.52
CA GLU A 51 8.12 -6.22 -13.39
C GLU A 51 9.62 -6.13 -13.61
N ASP A 52 10.19 -4.98 -13.25
CA ASP A 52 11.63 -4.75 -13.41
C ASP A 52 12.16 -3.71 -12.42
N GLN A 53 11.26 -2.93 -11.81
CA GLN A 53 11.67 -1.91 -10.84
C GLN A 53 10.53 -1.57 -9.88
N TRP A 54 10.88 -1.06 -8.70
CA TRP A 54 9.89 -0.70 -7.68
C TRP A 54 10.04 0.76 -7.23
N LEU A 55 8.90 1.44 -7.12
CA LEU A 55 8.89 2.84 -6.65
C LEU A 55 8.85 2.82 -5.14
N GLU A 56 9.27 3.93 -4.50
CA GLU A 56 9.29 3.99 -3.03
C GLU A 56 8.36 5.09 -2.50
N LYS A 57 7.76 4.84 -1.33
CA LYS A 57 6.85 5.77 -0.69
C LYS A 57 6.98 5.65 0.82
N LYS A 58 7.42 6.71 1.49
CA LYS A 58 7.59 6.69 2.94
C LYS A 58 6.40 7.36 3.63
N VAL A 59 6.01 6.82 4.79
CA VAL A 59 4.87 7.39 5.54
C VAL A 59 5.19 7.41 7.03
N GLN A 60 4.43 8.24 7.76
CA GLN A 60 4.59 8.36 9.19
C GLN A 60 3.92 7.20 9.89
N GLY A 61 4.48 6.77 11.03
CA GLY A 61 3.91 5.65 11.76
C GLY A 61 2.53 5.99 12.31
N ASN A 62 2.08 7.21 12.03
CA ASN A 62 0.76 7.66 12.50
C ASN A 62 -0.14 8.00 11.32
N LYS A 63 0.41 7.97 10.11
CA LYS A 63 -0.38 8.28 8.92
C LYS A 63 -1.49 7.26 8.75
N ASP A 64 -1.11 5.98 8.86
CA ASP A 64 -2.06 4.88 8.75
C ASP A 64 -2.87 4.97 7.45
N HIS A 65 -2.28 5.55 6.39
CA HIS A 65 -2.98 5.68 5.11
C HIS A 65 -2.09 6.40 4.08
N ILE A 66 -2.33 6.12 2.81
CA ILE A 66 -1.57 6.75 1.73
C ILE A 66 -2.41 6.82 0.46
N ILE A 67 -2.22 7.91 -0.31
CA ILE A 67 -2.93 8.09 -1.57
C ILE A 67 -1.94 8.00 -2.71
N LEU A 68 -1.99 6.90 -3.45
CA LEU A 68 -1.11 6.70 -4.58
C LEU A 68 -1.81 7.19 -5.83
N GLU A 69 -1.11 7.98 -6.65
CA GLU A 69 -1.69 8.52 -7.87
C GLU A 69 -0.93 8.06 -9.10
N HIS A 70 -1.63 8.00 -10.23
CA HIS A 70 -1.05 7.58 -11.51
C HIS A 70 -1.16 6.07 -11.68
N LEU A 71 -2.36 5.54 -11.47
CA LEU A 71 -2.61 4.10 -11.62
C LEU A 71 -3.51 3.83 -12.81
N GLN A 72 -2.93 3.71 -13.99
CA GLN A 72 -3.71 3.46 -15.21
C GLN A 72 -4.83 2.45 -14.94
N TRP A 73 -6.00 2.75 -15.49
CA TRP A 73 -7.18 1.91 -15.34
C TRP A 73 -7.00 0.55 -15.99
N THR A 74 -6.21 0.52 -17.08
CA THR A 74 -5.98 -0.73 -17.82
C THR A 74 -4.66 -1.38 -17.41
N MET A 75 -4.17 -1.03 -16.23
CA MET A 75 -2.92 -1.60 -15.73
C MET A 75 -2.99 -1.79 -14.22
N GLY A 76 -2.67 -2.98 -13.76
CA GLY A 76 -2.68 -3.27 -12.34
C GLY A 76 -1.44 -2.74 -11.66
N TYR A 77 -1.50 -2.61 -10.34
CA TYR A 77 -0.37 -2.11 -9.56
C TYR A 77 -0.25 -2.88 -8.25
N GLU A 78 0.97 -3.36 -7.97
CA GLU A 78 1.22 -4.10 -6.73
C GLU A 78 1.67 -3.13 -5.64
N VAL A 79 1.44 -3.50 -4.38
CA VAL A 79 1.85 -2.64 -3.26
C VAL A 79 2.52 -3.50 -2.18
N GLN A 80 3.62 -3.00 -1.65
CA GLN A 80 4.35 -3.71 -0.61
C GLN A 80 4.57 -2.77 0.57
N ILE A 81 3.83 -3.04 1.65
CA ILE A 81 3.89 -2.24 2.86
C ILE A 81 4.86 -2.87 3.86
N THR A 82 5.76 -2.06 4.41
CA THR A 82 6.71 -2.53 5.39
C THR A 82 6.78 -1.54 6.53
N ALA A 83 6.46 -1.99 7.74
CA ALA A 83 6.47 -1.12 8.91
C ALA A 83 7.85 -1.16 9.54
N ALA A 84 8.46 0.01 9.76
CA ALA A 84 9.80 0.07 10.33
C ALA A 84 9.80 0.50 11.79
N ASN A 85 10.13 -0.43 12.67
CA ASN A 85 10.21 -0.16 14.11
C ASN A 85 11.65 -0.24 14.56
N ARG A 86 11.86 -0.30 15.87
CA ARG A 86 13.20 -0.37 16.41
C ARG A 86 13.97 -1.51 15.75
N LEU A 87 13.26 -2.57 15.37
CA LEU A 87 13.89 -3.71 14.72
C LEU A 87 14.42 -3.30 13.36
N GLY A 88 13.62 -2.50 12.65
CA GLY A 88 13.99 -2.01 11.32
C GLY A 88 12.85 -2.25 10.33
N TYR A 89 12.33 -3.48 10.32
CA TYR A 89 11.23 -3.84 9.44
C TYR A 89 10.47 -5.01 10.05
N SER A 90 9.14 -4.96 9.99
CA SER A 90 8.36 -6.06 10.56
C SER A 90 6.91 -6.02 10.11
N GLU A 91 6.27 -7.18 10.14
CA GLU A 91 4.87 -7.29 9.76
C GLU A 91 4.62 -6.63 8.40
N PRO A 92 5.31 -7.06 7.38
CA PRO A 92 5.15 -6.51 6.00
C PRO A 92 3.88 -7.01 5.35
N THR A 93 3.33 -6.25 4.41
CA THR A 93 2.13 -6.67 3.69
C THR A 93 2.30 -6.50 2.20
N VAL A 94 2.20 -7.61 1.50
CA VAL A 94 2.29 -7.62 0.05
C VAL A 94 0.87 -7.62 -0.51
N TYR A 95 0.36 -6.43 -0.81
CA TYR A 95 -1.01 -6.30 -1.33
C TYR A 95 -0.99 -6.17 -2.85
N GLU A 96 -1.81 -6.96 -3.53
CA GLU A 96 -1.87 -6.93 -5.00
C GLU A 96 -3.30 -6.87 -5.49
N PHE A 97 -3.57 -5.96 -6.41
CA PHE A 97 -4.90 -5.81 -6.98
C PHE A 97 -4.85 -5.03 -8.29
N SER A 98 -5.56 -5.52 -9.29
CA SER A 98 -5.58 -4.87 -10.60
C SER A 98 -6.56 -3.69 -10.58
N MET A 99 -6.38 -2.77 -11.54
CA MET A 99 -7.25 -1.60 -11.62
C MET A 99 -8.41 -1.84 -12.60
N PRO A 100 -9.60 -1.37 -12.30
CA PRO A 100 -10.78 -1.55 -13.20
C PRO A 100 -10.66 -0.65 -14.43
N PRO A 101 -11.40 -0.92 -15.46
CA PRO A 101 -11.38 -0.10 -16.72
C PRO A 101 -11.89 1.32 -16.48
N LYS A 102 -11.40 2.26 -17.28
CA LYS A 102 -11.81 3.66 -17.16
C LYS A 102 -13.31 3.76 -16.84
N PRO A 103 -13.71 4.58 -15.87
CA PRO A 103 -15.16 4.73 -15.53
C PRO A 103 -15.94 5.39 -16.67
N ASN A 104 -17.23 5.11 -16.74
CA ASN A 104 -18.08 5.67 -17.78
C ASN A 104 -18.58 7.06 -17.37
N ILE A 105 -19.83 7.12 -16.94
CA ILE A 105 -20.45 8.39 -16.52
C ILE A 105 -20.42 8.53 -15.00
N ILE A 106 -19.93 7.50 -14.32
CA ILE A 106 -19.85 7.50 -12.86
C ILE A 106 -18.45 7.12 -12.40
N LYS A 107 -17.90 7.92 -11.48
CA LYS A 107 -16.56 7.67 -10.97
C LYS A 107 -16.59 6.59 -9.89
N ASP A 108 -15.52 6.50 -9.11
CA ASP A 108 -15.45 5.52 -8.04
C ASP A 108 -15.83 4.14 -8.57
N ARG A 7 7.93 -11.90 16.71
CA ARG A 7 7.45 -10.70 15.97
C ARG A 7 5.94 -10.77 15.80
N GLU A 8 5.25 -11.06 16.90
CA GLU A 8 3.77 -11.15 16.92
C GLU A 8 3.13 -10.32 15.82
N PRO A 9 2.94 -10.88 14.64
CA PRO A 9 2.33 -10.19 13.48
C PRO A 9 0.91 -10.69 13.22
N SER A 10 0.39 -10.42 12.03
CA SER A 10 -0.95 -10.87 11.68
C SER A 10 -1.21 -10.72 10.17
N PRO A 11 -2.04 -11.57 9.58
CA PRO A 11 -2.37 -11.53 8.12
C PRO A 11 -2.48 -10.09 7.59
N PRO A 12 -2.44 -9.89 6.28
CA PRO A 12 -2.54 -8.53 5.68
C PRO A 12 -3.51 -7.60 6.38
N SER A 13 -3.36 -6.30 6.09
CA SER A 13 -4.18 -5.27 6.72
C SER A 13 -4.30 -4.05 5.81
N ILE A 14 -4.33 -4.30 4.51
CA ILE A 14 -4.41 -3.23 3.54
C ILE A 14 -5.77 -3.20 2.88
N HIS A 15 -6.44 -2.06 3.04
CA HIS A 15 -7.76 -1.85 2.47
C HIS A 15 -7.72 -0.73 1.44
N GLY A 16 -8.03 -1.08 0.19
CA GLY A 16 -8.02 -0.09 -0.90
C GLY A 16 -9.42 0.47 -1.13
N GLN A 17 -9.47 1.71 -1.59
CA GLN A 17 -10.75 2.38 -1.87
C GLN A 17 -10.55 3.45 -2.95
N PRO A 18 -11.12 3.31 -4.13
CA PRO A 18 -10.96 4.34 -5.19
C PRO A 18 -11.26 5.76 -4.65
N SER A 19 -10.25 6.38 -4.08
CA SER A 19 -10.42 7.73 -3.53
C SER A 19 -10.98 8.67 -4.59
N SER A 20 -10.10 9.29 -5.37
CA SER A 20 -10.50 10.20 -6.43
C SER A 20 -9.67 9.95 -7.68
N GLY A 21 -10.32 10.01 -8.85
CA GLY A 21 -9.62 9.78 -10.09
C GLY A 21 -9.10 8.34 -10.13
N LYS A 22 -7.81 8.19 -10.42
CA LYS A 22 -7.20 6.86 -10.49
C LYS A 22 -6.46 6.56 -9.18
N SER A 23 -6.45 7.53 -8.28
CA SER A 23 -5.78 7.35 -7.00
C SER A 23 -6.50 6.30 -6.16
N PHE A 24 -5.73 5.60 -5.33
CA PHE A 24 -6.29 4.55 -4.46
C PHE A 24 -5.84 4.77 -3.02
N LYS A 25 -6.77 4.65 -2.08
CA LYS A 25 -6.44 4.82 -0.66
C LYS A 25 -6.20 3.47 -0.03
N LEU A 26 -4.93 3.05 0.06
CA LEU A 26 -4.62 1.77 0.68
C LEU A 26 -4.36 2.02 2.16
N SER A 27 -5.41 1.89 2.96
CA SER A 27 -5.32 2.13 4.38
C SER A 27 -4.48 1.06 5.08
N ILE A 28 -3.42 1.50 5.76
CA ILE A 28 -2.57 0.56 6.46
C ILE A 28 -3.18 0.34 7.85
N THR A 29 -3.66 -0.87 8.14
CA THR A 29 -4.27 -1.12 9.46
C THR A 29 -3.22 -1.66 10.42
N LYS A 30 -2.99 -0.89 11.47
CA LYS A 30 -2.02 -1.22 12.50
C LYS A 30 -2.04 -2.71 12.81
N GLN A 31 -1.02 -3.42 12.34
CA GLN A 31 -0.91 -4.84 12.58
C GLN A 31 -0.15 -5.06 13.88
N ASP A 32 -0.33 -6.22 14.51
CA ASP A 32 0.37 -6.51 15.75
C ASP A 32 1.85 -6.18 15.55
N ASP A 33 2.29 -5.08 16.15
CA ASP A 33 3.67 -4.64 15.97
C ASP A 33 4.67 -5.70 16.40
N GLY A 34 5.76 -5.77 15.63
CA GLY A 34 6.82 -6.74 15.88
C GLY A 34 7.31 -6.69 17.32
N GLY A 35 7.07 -5.58 18.02
CA GLY A 35 7.51 -5.46 19.41
C GLY A 35 7.88 -4.01 19.77
N ALA A 36 7.78 -3.10 18.80
CA ALA A 36 8.10 -1.70 19.06
C ALA A 36 7.32 -0.81 18.11
N PRO A 37 6.99 0.40 18.50
CA PRO A 37 6.22 1.33 17.64
C PRO A 37 6.98 1.71 16.37
N ILE A 38 6.29 1.64 15.26
CA ILE A 38 6.86 1.96 13.95
C ILE A 38 6.96 3.48 13.74
N LEU A 39 8.14 3.94 13.35
CA LEU A 39 8.33 5.37 13.09
C LEU A 39 7.80 5.73 11.69
N GLU A 40 8.13 4.90 10.71
CA GLU A 40 7.66 5.12 9.33
C GLU A 40 7.31 3.82 8.64
N TYR A 41 6.58 3.97 7.54
CA TYR A 41 6.19 2.82 6.73
C TYR A 41 6.79 2.92 5.33
N ILE A 42 7.70 2.01 5.01
CA ILE A 42 8.31 1.99 3.69
C ILE A 42 7.43 1.15 2.79
N VAL A 43 6.77 1.81 1.85
CA VAL A 43 5.87 1.16 0.93
C VAL A 43 6.42 1.24 -0.48
N LYS A 44 6.46 0.11 -1.17
CA LYS A 44 6.99 0.08 -2.53
C LYS A 44 5.96 -0.54 -3.47
N TYR A 45 5.73 0.09 -4.62
CA TYR A 45 4.75 -0.43 -5.58
C TYR A 45 5.26 -0.33 -7.01
N ARG A 46 4.80 -1.26 -7.86
CA ARG A 46 5.18 -1.28 -9.27
C ARG A 46 4.00 -1.73 -10.12
N SER A 47 4.16 -1.69 -11.44
CA SER A 47 3.10 -2.15 -12.34
C SER A 47 3.17 -3.66 -12.53
N LYS A 48 2.03 -4.30 -12.62
CA LYS A 48 1.98 -5.75 -12.81
C LYS A 48 2.61 -6.16 -14.14
N ASP A 49 2.42 -5.33 -15.17
CA ASP A 49 2.96 -5.64 -16.49
C ASP A 49 4.48 -5.40 -16.54
N LYS A 50 5.03 -4.75 -15.50
CA LYS A 50 6.45 -4.45 -15.45
C LYS A 50 7.06 -4.98 -14.16
N GLU A 51 8.35 -5.25 -14.23
CA GLU A 51 9.10 -5.77 -13.08
C GLU A 51 10.54 -5.27 -13.11
N ASP A 52 10.78 -4.19 -13.85
CA ASP A 52 12.14 -3.62 -13.96
C ASP A 52 12.36 -2.48 -12.98
N GLN A 53 11.35 -2.17 -12.16
CA GLN A 53 11.51 -1.07 -11.20
C GLN A 53 10.50 -1.17 -10.06
N TRP A 54 10.84 -0.52 -8.94
CA TRP A 54 9.98 -0.50 -7.76
C TRP A 54 9.93 0.91 -7.18
N LEU A 55 8.79 1.57 -7.38
CA LEU A 55 8.61 2.92 -6.86
C LEU A 55 8.56 2.87 -5.34
N GLU A 56 9.08 3.91 -4.67
CA GLU A 56 9.09 3.94 -3.21
C GLU A 56 8.09 4.96 -2.69
N LYS A 57 7.59 4.68 -1.48
CA LYS A 57 6.60 5.54 -0.84
C LYS A 57 6.76 5.46 0.67
N LYS A 58 7.17 6.56 1.29
CA LYS A 58 7.39 6.60 2.73
C LYS A 58 6.17 7.21 3.44
N VAL A 59 5.79 6.63 4.59
CA VAL A 59 4.64 7.14 5.34
C VAL A 59 4.95 7.22 6.83
N GLN A 60 4.16 8.01 7.53
CA GLN A 60 4.32 8.19 8.97
C GLN A 60 3.71 6.99 9.68
N GLY A 61 4.36 6.55 10.76
CA GLY A 61 3.88 5.41 11.53
C GLY A 61 2.53 5.71 12.19
N ASN A 62 2.06 6.95 12.04
CA ASN A 62 0.78 7.36 12.62
C ASN A 62 -0.26 7.59 11.53
N LYS A 63 0.22 7.83 10.31
CA LYS A 63 -0.69 8.09 9.18
C LYS A 63 -1.58 6.88 8.93
N ASP A 64 -0.96 5.72 8.79
CA ASP A 64 -1.68 4.50 8.53
C ASP A 64 -2.54 4.64 7.27
N HIS A 65 -2.00 5.26 6.22
CA HIS A 65 -2.75 5.45 4.97
C HIS A 65 -1.86 6.12 3.91
N ILE A 66 -2.13 5.82 2.64
CA ILE A 66 -1.36 6.40 1.53
C ILE A 66 -2.23 6.56 0.29
N ILE A 67 -2.03 7.67 -0.42
CA ILE A 67 -2.75 7.94 -1.66
C ILE A 67 -1.78 7.86 -2.84
N LEU A 68 -1.84 6.77 -3.60
CA LEU A 68 -0.96 6.60 -4.77
C LEU A 68 -1.67 7.12 -6.01
N GLU A 69 -1.21 8.26 -6.51
CA GLU A 69 -1.80 8.87 -7.70
C GLU A 69 -1.13 8.35 -8.96
N HIS A 70 -1.72 8.71 -10.11
CA HIS A 70 -1.20 8.32 -11.40
C HIS A 70 -1.28 6.81 -11.65
N LEU A 71 -2.45 6.23 -11.37
CA LEU A 71 -2.66 4.80 -11.60
C LEU A 71 -3.41 4.67 -12.91
N GLN A 72 -3.45 3.47 -13.49
CA GLN A 72 -4.15 3.26 -14.77
C GLN A 72 -5.26 2.23 -14.60
N TRP A 73 -6.36 2.47 -15.30
CA TRP A 73 -7.55 1.62 -15.23
C TRP A 73 -7.36 0.23 -15.84
N THR A 74 -6.55 0.11 -16.91
CA THR A 74 -6.37 -1.19 -17.57
C THR A 74 -5.05 -1.85 -17.21
N MET A 75 -4.44 -1.41 -16.12
CA MET A 75 -3.18 -1.99 -15.66
C MET A 75 -3.16 -2.04 -14.14
N GLY A 76 -2.74 -3.18 -13.60
CA GLY A 76 -2.68 -3.34 -12.15
C GLY A 76 -1.33 -2.93 -11.59
N TYR A 77 -1.29 -2.78 -10.27
CA TYR A 77 -0.08 -2.40 -9.55
C TYR A 77 0.02 -3.14 -8.22
N GLU A 78 1.18 -3.72 -7.95
CA GLU A 78 1.39 -4.43 -6.68
C GLU A 78 1.89 -3.43 -5.64
N VAL A 79 1.59 -3.69 -4.36
CA VAL A 79 2.03 -2.81 -3.27
C VAL A 79 2.65 -3.64 -2.15
N GLN A 80 3.82 -3.21 -1.68
CA GLN A 80 4.51 -3.92 -0.60
C GLN A 80 4.80 -2.98 0.56
N ILE A 81 4.06 -3.17 1.63
CA ILE A 81 4.17 -2.36 2.83
C ILE A 81 5.19 -2.94 3.80
N THR A 82 6.04 -2.09 4.33
CA THR A 82 7.03 -2.52 5.32
C THR A 82 7.06 -1.53 6.47
N ALA A 83 6.76 -2.01 7.67
CA ALA A 83 6.74 -1.15 8.85
C ALA A 83 8.12 -1.19 9.51
N ALA A 84 8.72 -0.02 9.74
CA ALA A 84 10.05 0.05 10.34
C ALA A 84 10.00 0.47 11.80
N ASN A 85 10.25 -0.50 12.69
CA ASN A 85 10.27 -0.26 14.13
C ASN A 85 11.67 -0.50 14.66
N ARG A 86 11.81 -0.50 15.98
CA ARG A 86 13.10 -0.74 16.60
C ARG A 86 13.82 -1.90 15.90
N LEU A 87 13.02 -2.85 15.42
CA LEU A 87 13.56 -4.02 14.72
C LEU A 87 14.24 -3.57 13.43
N GLY A 88 13.60 -2.63 12.73
CA GLY A 88 14.12 -2.09 11.48
C GLY A 88 13.07 -2.27 10.38
N TYR A 89 12.54 -3.48 10.30
CA TYR A 89 11.51 -3.80 9.32
C TYR A 89 10.73 -5.00 9.83
N SER A 90 9.42 -4.87 9.92
CA SER A 90 8.60 -5.96 10.40
C SER A 90 7.15 -5.78 9.98
N GLU A 91 6.37 -6.81 10.19
CA GLU A 91 4.96 -6.74 9.85
C GLU A 91 4.78 -6.26 8.42
N PRO A 92 5.47 -6.85 7.48
CA PRO A 92 5.35 -6.47 6.05
C PRO A 92 4.01 -6.91 5.47
N THR A 93 3.54 -6.19 4.45
CA THR A 93 2.27 -6.53 3.81
C THR A 93 2.41 -6.50 2.31
N VAL A 94 2.29 -7.67 1.70
CA VAL A 94 2.36 -7.78 0.26
C VAL A 94 0.95 -7.75 -0.30
N TYR A 95 0.48 -6.57 -0.68
CA TYR A 95 -0.87 -6.41 -1.21
C TYR A 95 -0.84 -6.29 -2.73
N GLU A 96 -1.86 -6.84 -3.39
CA GLU A 96 -1.94 -6.79 -4.85
C GLU A 96 -3.37 -6.56 -5.28
N PHE A 97 -3.57 -5.71 -6.28
CA PHE A 97 -4.92 -5.43 -6.77
C PHE A 97 -4.89 -4.75 -8.12
N SER A 98 -5.63 -5.32 -9.08
CA SER A 98 -5.69 -4.74 -10.41
C SER A 98 -6.71 -3.62 -10.47
N MET A 99 -6.39 -2.58 -11.24
CA MET A 99 -7.28 -1.43 -11.36
C MET A 99 -8.48 -1.76 -12.25
N PRO A 100 -9.67 -1.29 -11.90
CA PRO A 100 -10.90 -1.54 -12.71
C PRO A 100 -10.88 -0.77 -14.03
N PRO A 101 -11.72 -1.11 -14.95
CA PRO A 101 -11.79 -0.42 -16.28
C PRO A 101 -12.27 1.02 -16.13
N LYS A 102 -11.86 1.89 -17.07
CA LYS A 102 -12.22 3.30 -17.02
C LYS A 102 -13.69 3.46 -16.59
N PRO A 103 -13.97 4.32 -15.62
CA PRO A 103 -15.37 4.55 -15.17
C PRO A 103 -16.18 5.37 -16.18
N ASN A 104 -17.48 5.12 -16.24
CA ASN A 104 -18.37 5.86 -17.13
C ASN A 104 -19.53 6.44 -16.31
N ILE A 105 -19.95 5.67 -15.31
CA ILE A 105 -21.03 6.10 -14.41
C ILE A 105 -20.45 6.45 -13.05
N ILE A 106 -19.13 6.38 -12.96
CA ILE A 106 -18.40 6.67 -11.74
C ILE A 106 -19.09 6.06 -10.51
N LYS A 107 -19.50 4.82 -10.68
CA LYS A 107 -20.15 4.09 -9.58
C LYS A 107 -19.15 3.77 -8.48
N ASP A 108 -18.26 2.82 -8.76
CA ASP A 108 -17.26 2.41 -7.79
C ASP A 108 -16.07 1.76 -8.49
N ARG A 7 9.10 -9.06 14.89
CA ARG A 7 9.13 -10.06 16.00
C ARG A 7 7.74 -10.68 16.14
N GLU A 8 6.73 -9.81 16.22
CA GLU A 8 5.33 -10.23 16.35
C GLU A 8 4.51 -9.59 15.23
N PRO A 9 4.52 -10.17 14.05
CA PRO A 9 3.77 -9.66 12.89
C PRO A 9 2.47 -10.42 12.70
N SER A 10 1.85 -10.28 11.52
CA SER A 10 0.61 -11.00 11.28
C SER A 10 0.23 -10.96 9.79
N PRO A 11 -0.88 -11.57 9.41
CA PRO A 11 -1.35 -11.62 7.99
C PRO A 11 -1.72 -10.22 7.46
N PRO A 12 -2.02 -10.12 6.18
CA PRO A 12 -2.38 -8.82 5.53
C PRO A 12 -3.21 -7.87 6.38
N SER A 13 -3.29 -6.61 5.91
CA SER A 13 -4.01 -5.56 6.63
C SER A 13 -4.20 -4.32 5.73
N ILE A 14 -4.55 -4.53 4.47
CA ILE A 14 -4.73 -3.44 3.51
C ILE A 14 -6.12 -3.48 2.89
N HIS A 15 -6.75 -2.32 2.85
CA HIS A 15 -8.07 -2.17 2.26
C HIS A 15 -8.06 -1.00 1.27
N GLY A 16 -8.32 -1.29 -0.01
CA GLY A 16 -8.30 -0.25 -1.03
C GLY A 16 -9.70 0.31 -1.29
N GLN A 17 -9.73 1.61 -1.58
CA GLN A 17 -11.00 2.30 -1.87
C GLN A 17 -10.73 3.41 -2.89
N PRO A 18 -11.31 3.38 -4.08
CA PRO A 18 -11.06 4.43 -5.10
C PRO A 18 -11.18 5.84 -4.52
N SER A 19 -10.05 6.52 -4.39
CA SER A 19 -10.04 7.88 -3.87
C SER A 19 -10.33 8.86 -5.01
N SER A 20 -9.51 9.90 -5.11
CA SER A 20 -9.68 10.89 -6.17
C SER A 20 -9.04 10.39 -7.46
N GLY A 21 -9.76 10.53 -8.56
CA GLY A 21 -9.25 10.11 -9.87
C GLY A 21 -8.79 8.65 -9.85
N LYS A 22 -7.62 8.42 -10.44
CA LYS A 22 -7.06 7.07 -10.52
C LYS A 22 -6.45 6.66 -9.19
N SER A 23 -6.34 7.60 -8.26
CA SER A 23 -5.72 7.32 -6.98
C SER A 23 -6.51 6.29 -6.18
N PHE A 24 -5.78 5.41 -5.49
CA PHE A 24 -6.41 4.37 -4.66
C PHE A 24 -5.93 4.51 -3.21
N LYS A 25 -6.88 4.63 -2.27
CA LYS A 25 -6.54 4.76 -0.87
C LYS A 25 -6.41 3.38 -0.23
N LEU A 26 -5.17 2.96 0.00
CA LEU A 26 -4.92 1.68 0.64
C LEU A 26 -4.70 1.92 2.13
N SER A 27 -5.77 1.86 2.90
CA SER A 27 -5.71 2.10 4.33
C SER A 27 -4.87 1.04 5.03
N ILE A 28 -3.81 1.47 5.69
CA ILE A 28 -2.94 0.55 6.41
C ILE A 28 -3.58 0.27 7.77
N THR A 29 -3.84 -1.00 8.09
CA THR A 29 -4.42 -1.32 9.38
C THR A 29 -3.32 -1.66 10.38
N LYS A 30 -3.16 -0.81 11.38
CA LYS A 30 -2.12 -1.03 12.39
C LYS A 30 -2.04 -2.50 12.79
N GLN A 31 -1.01 -3.17 12.29
CA GLN A 31 -0.80 -4.58 12.58
C GLN A 31 -0.02 -4.74 13.89
N ASP A 32 0.09 -5.97 14.36
CA ASP A 32 0.84 -6.21 15.59
C ASP A 32 2.28 -5.78 15.36
N ASP A 33 2.68 -4.68 15.98
CA ASP A 33 4.03 -4.17 15.79
C ASP A 33 5.06 -5.19 16.26
N GLY A 34 6.17 -5.29 15.54
CA GLY A 34 7.22 -6.24 15.88
C GLY A 34 7.43 -6.29 17.39
N GLY A 35 8.06 -5.24 17.91
CA GLY A 35 8.31 -5.16 19.34
C GLY A 35 8.62 -3.72 19.77
N ALA A 36 8.35 -2.77 18.87
CA ALA A 36 8.62 -1.36 19.19
C ALA A 36 7.79 -0.46 18.28
N PRO A 37 7.54 0.78 18.65
CA PRO A 37 6.75 1.71 17.81
C PRO A 37 7.37 1.85 16.42
N ILE A 38 6.53 1.93 15.40
CA ILE A 38 7.01 2.05 14.03
C ILE A 38 7.32 3.50 13.68
N LEU A 39 8.57 3.75 13.29
CA LEU A 39 9.00 5.08 12.90
C LEU A 39 8.29 5.52 11.62
N GLU A 40 8.19 4.60 10.67
CA GLU A 40 7.55 4.89 9.39
C GLU A 40 7.19 3.61 8.65
N TYR A 41 6.31 3.75 7.66
CA TYR A 41 5.88 2.63 6.83
C TYR A 41 6.50 2.75 5.44
N ILE A 42 7.36 1.81 5.10
CA ILE A 42 7.98 1.81 3.77
C ILE A 42 7.07 1.03 2.83
N VAL A 43 6.52 1.73 1.85
CA VAL A 43 5.60 1.12 0.90
C VAL A 43 6.19 1.13 -0.51
N LYS A 44 6.16 -0.03 -1.16
CA LYS A 44 6.69 -0.15 -2.52
C LYS A 44 5.63 -0.73 -3.44
N TYR A 45 5.50 -0.15 -4.63
CA TYR A 45 4.52 -0.61 -5.60
C TYR A 45 5.10 -0.57 -7.01
N ARG A 46 4.55 -1.39 -7.89
CA ARG A 46 5.02 -1.46 -9.27
C ARG A 46 3.87 -1.85 -10.20
N SER A 47 4.15 -1.93 -11.50
CA SER A 47 3.14 -2.31 -12.47
C SER A 47 3.16 -3.83 -12.68
N LYS A 48 1.98 -4.42 -12.82
CA LYS A 48 1.89 -5.87 -13.02
C LYS A 48 2.42 -6.29 -14.39
N ASP A 49 2.42 -5.39 -15.36
CA ASP A 49 2.89 -5.73 -16.70
C ASP A 49 4.34 -6.16 -16.68
N LYS A 50 5.15 -5.56 -15.81
CA LYS A 50 6.56 -5.90 -15.77
C LYS A 50 7.20 -5.53 -14.43
N GLU A 51 8.52 -5.74 -14.38
CA GLU A 51 9.33 -5.44 -13.21
C GLU A 51 10.66 -4.91 -13.71
N ASP A 52 11.01 -3.71 -13.29
CA ASP A 52 12.24 -3.08 -13.71
C ASP A 52 12.56 -1.98 -12.74
N GLN A 53 12.27 -2.28 -11.46
CA GLN A 53 12.48 -1.38 -10.31
C GLN A 53 11.16 -1.00 -9.66
N TRP A 54 11.09 -1.23 -8.37
CA TRP A 54 9.91 -0.95 -7.57
C TRP A 54 9.94 0.48 -7.05
N LEU A 55 8.79 1.15 -7.15
CA LEU A 55 8.67 2.52 -6.67
C LEU A 55 8.67 2.51 -5.14
N GLU A 56 8.99 3.64 -4.53
CA GLU A 56 9.04 3.74 -3.06
C GLU A 56 8.08 4.81 -2.53
N LYS A 57 7.61 4.60 -1.31
CA LYS A 57 6.69 5.55 -0.67
C LYS A 57 6.79 5.40 0.85
N LYS A 58 7.29 6.44 1.53
CA LYS A 58 7.44 6.42 2.98
C LYS A 58 6.18 7.03 3.62
N VAL A 59 5.76 6.50 4.77
CA VAL A 59 4.58 7.02 5.46
C VAL A 59 4.80 7.08 6.97
N GLN A 60 4.14 8.04 7.60
CA GLN A 60 4.24 8.25 9.04
C GLN A 60 3.63 7.08 9.82
N GLY A 61 4.30 6.71 10.90
CA GLY A 61 3.86 5.60 11.75
C GLY A 61 2.49 5.86 12.38
N ASN A 62 1.82 6.94 11.99
CA ASN A 62 0.50 7.27 12.55
C ASN A 62 -0.50 7.63 11.44
N LYS A 63 0.01 7.75 10.22
CA LYS A 63 -0.86 8.09 9.09
C LYS A 63 -1.86 6.95 8.83
N ASP A 64 -1.35 5.73 8.84
CA ASP A 64 -2.16 4.55 8.59
C ASP A 64 -3.02 4.69 7.34
N HIS A 65 -2.45 5.30 6.29
CA HIS A 65 -3.18 5.49 5.02
C HIS A 65 -2.27 6.16 3.98
N ILE A 66 -2.52 5.90 2.71
CA ILE A 66 -1.72 6.50 1.63
C ILE A 66 -2.55 6.66 0.36
N ILE A 67 -2.36 7.78 -0.32
CA ILE A 67 -3.06 8.07 -1.57
C ILE A 67 -2.07 8.03 -2.72
N LEU A 68 -2.03 6.90 -3.43
CA LEU A 68 -1.10 6.76 -4.55
C LEU A 68 -1.75 7.27 -5.82
N GLU A 69 -1.32 8.44 -6.26
CA GLU A 69 -1.87 9.04 -7.47
C GLU A 69 -1.14 8.55 -8.70
N HIS A 70 -1.64 8.96 -9.86
CA HIS A 70 -1.04 8.60 -11.15
C HIS A 70 -1.04 7.09 -11.38
N LEU A 71 -2.23 6.49 -11.35
CA LEU A 71 -2.37 5.06 -11.61
C LEU A 71 -2.96 4.90 -13.01
N GLN A 72 -3.33 3.69 -13.40
CA GLN A 72 -3.89 3.46 -14.73
C GLN A 72 -5.02 2.45 -14.68
N TRP A 73 -6.15 2.84 -15.27
CA TRP A 73 -7.34 2.01 -15.32
C TRP A 73 -7.11 0.71 -16.10
N THR A 74 -6.23 0.77 -17.09
CA THR A 74 -5.96 -0.39 -17.96
C THR A 74 -4.67 -1.12 -17.55
N MET A 75 -4.23 -0.93 -16.32
CA MET A 75 -3.00 -1.56 -15.84
C MET A 75 -3.10 -1.85 -14.35
N GLY A 76 -2.70 -3.05 -13.95
CA GLY A 76 -2.74 -3.43 -12.54
C GLY A 76 -1.50 -2.94 -11.79
N TYR A 77 -1.58 -2.98 -10.46
CA TYR A 77 -0.47 -2.52 -9.62
C TYR A 77 -0.36 -3.37 -8.35
N GLU A 78 0.88 -3.76 -8.01
CA GLU A 78 1.12 -4.53 -6.78
C GLU A 78 1.60 -3.58 -5.70
N VAL A 79 1.33 -3.91 -4.43
CA VAL A 79 1.74 -3.04 -3.32
C VAL A 79 2.34 -3.86 -2.19
N GLN A 80 3.44 -3.37 -1.63
CA GLN A 80 4.12 -4.05 -0.53
C GLN A 80 4.37 -3.07 0.61
N ILE A 81 3.72 -3.31 1.74
CA ILE A 81 3.84 -2.45 2.91
C ILE A 81 4.83 -3.06 3.90
N THR A 82 5.69 -2.23 4.45
CA THR A 82 6.66 -2.69 5.44
C THR A 82 6.76 -1.66 6.55
N ALA A 83 6.40 -2.07 7.76
CA ALA A 83 6.45 -1.18 8.91
C ALA A 83 7.84 -1.27 9.54
N ALA A 84 8.48 -0.12 9.77
CA ALA A 84 9.84 -0.11 10.33
C ALA A 84 9.87 0.41 11.77
N ASN A 85 10.26 -0.48 12.69
CA ASN A 85 10.39 -0.13 14.10
C ASN A 85 11.85 -0.28 14.51
N ARG A 86 12.11 -0.22 15.81
CA ARG A 86 13.48 -0.37 16.28
C ARG A 86 14.09 -1.64 15.68
N LEU A 87 13.23 -2.62 15.38
CA LEU A 87 13.68 -3.86 14.78
C LEU A 87 14.23 -3.59 13.38
N GLY A 88 13.57 -2.66 12.68
CA GLY A 88 13.94 -2.29 11.31
C GLY A 88 12.79 -2.53 10.35
N TYR A 89 12.23 -3.74 10.38
CA TYR A 89 11.09 -4.09 9.53
C TYR A 89 10.25 -5.16 10.22
N SER A 90 8.94 -5.01 10.15
CA SER A 90 8.04 -5.97 10.77
C SER A 90 6.65 -5.85 10.18
N GLU A 91 5.80 -6.79 10.55
CA GLU A 91 4.42 -6.83 10.07
C GLU A 91 4.28 -6.29 8.66
N PRO A 92 4.90 -6.94 7.70
CA PRO A 92 4.80 -6.52 6.28
C PRO A 92 3.46 -6.92 5.69
N THR A 93 3.00 -6.16 4.69
CA THR A 93 1.72 -6.45 4.04
C THR A 93 1.89 -6.50 2.54
N VAL A 94 1.77 -7.69 1.98
CA VAL A 94 1.87 -7.86 0.55
C VAL A 94 0.47 -7.88 -0.04
N TYR A 95 0.06 -6.72 -0.57
CA TYR A 95 -1.28 -6.58 -1.14
C TYR A 95 -1.21 -6.57 -2.66
N GLU A 96 -2.24 -7.10 -3.31
CA GLU A 96 -2.26 -7.16 -4.78
C GLU A 96 -3.67 -6.95 -5.33
N PHE A 97 -3.79 -6.07 -6.31
CA PHE A 97 -5.09 -5.80 -6.92
C PHE A 97 -4.90 -5.03 -8.23
N SER A 98 -5.73 -5.35 -9.22
CA SER A 98 -5.63 -4.67 -10.51
C SER A 98 -6.53 -3.44 -10.53
N MET A 99 -6.27 -2.52 -11.46
CA MET A 99 -7.07 -1.30 -11.58
C MET A 99 -8.29 -1.53 -12.48
N PRO A 100 -9.45 -1.03 -12.13
CA PRO A 100 -10.68 -1.18 -12.97
C PRO A 100 -10.64 -0.27 -14.20
N PRO A 101 -11.49 -0.50 -15.17
CA PRO A 101 -11.53 0.37 -16.39
C PRO A 101 -12.00 1.78 -16.04
N LYS A 102 -11.59 2.77 -16.83
CA LYS A 102 -11.97 4.16 -16.55
C LYS A 102 -13.47 4.22 -16.21
N PRO A 103 -13.86 4.88 -15.13
CA PRO A 103 -15.30 4.97 -14.74
C PRO A 103 -16.14 5.76 -15.73
N ASN A 104 -17.16 5.13 -16.28
CA ASN A 104 -18.06 5.84 -17.18
C ASN A 104 -18.90 6.79 -16.34
N ILE A 105 -19.15 6.34 -15.11
CA ILE A 105 -19.91 7.11 -14.13
C ILE A 105 -19.18 7.00 -12.79
N ILE A 106 -18.73 8.13 -12.29
CA ILE A 106 -17.99 8.17 -11.04
C ILE A 106 -18.88 7.93 -9.83
N LYS A 107 -18.32 8.18 -8.64
CA LYS A 107 -19.01 8.00 -7.35
C LYS A 107 -18.59 6.68 -6.72
N ASP A 108 -17.98 6.77 -5.54
CA ASP A 108 -17.52 5.58 -4.82
C ASP A 108 -18.72 4.69 -4.46
N ARG A 7 9.47 -9.91 17.53
CA ARG A 7 8.54 -10.65 16.65
C ARG A 7 7.09 -10.26 16.95
N GLU A 8 6.16 -11.08 16.48
CA GLU A 8 4.72 -10.87 16.68
C GLU A 8 4.11 -10.13 15.49
N PRO A 9 3.92 -10.80 14.39
CA PRO A 9 3.35 -10.22 13.17
C PRO A 9 1.87 -10.60 13.02
N SER A 10 1.33 -10.41 11.83
CA SER A 10 -0.07 -10.77 11.61
C SER A 10 -0.46 -10.61 10.12
N PRO A 11 -1.39 -11.42 9.63
CA PRO A 11 -1.84 -11.36 8.20
C PRO A 11 -1.96 -9.92 7.66
N PRO A 12 -2.02 -9.75 6.35
CA PRO A 12 -2.16 -8.41 5.71
C PRO A 12 -3.11 -7.48 6.47
N SER A 13 -3.02 -6.19 6.16
CA SER A 13 -3.84 -5.18 6.81
C SER A 13 -3.94 -3.96 5.91
N ILE A 14 -4.47 -4.16 4.71
CA ILE A 14 -4.58 -3.07 3.73
C ILE A 14 -5.99 -3.05 3.13
N HIS A 15 -6.60 -1.87 3.12
CA HIS A 15 -7.94 -1.72 2.55
C HIS A 15 -7.86 -0.73 1.38
N GLY A 16 -8.10 -1.21 0.16
CA GLY A 16 -8.04 -0.36 -1.02
C GLY A 16 -9.41 0.15 -1.42
N GLN A 17 -9.48 1.43 -1.79
CA GLN A 17 -10.77 2.03 -2.20
C GLN A 17 -10.54 3.18 -3.19
N PRO A 18 -11.45 3.39 -4.13
CA PRO A 18 -11.32 4.48 -5.14
C PRO A 18 -11.60 5.86 -4.51
N SER A 19 -10.57 6.49 -3.96
CA SER A 19 -10.72 7.79 -3.33
C SER A 19 -11.04 8.86 -4.38
N SER A 20 -10.07 9.15 -5.23
CA SER A 20 -10.23 10.15 -6.29
C SER A 20 -9.63 9.64 -7.59
N GLY A 21 -10.10 10.19 -8.72
CA GLY A 21 -9.60 9.79 -10.03
C GLY A 21 -9.18 8.33 -10.08
N LYS A 22 -7.89 8.10 -10.31
CA LYS A 22 -7.35 6.74 -10.37
C LYS A 22 -6.73 6.35 -9.04
N SER A 23 -6.64 7.34 -8.14
CA SER A 23 -6.05 7.12 -6.83
C SER A 23 -6.81 6.07 -6.01
N PHE A 24 -6.05 5.17 -5.37
CA PHE A 24 -6.63 4.12 -4.53
C PHE A 24 -6.12 4.28 -3.09
N LYS A 25 -7.02 4.52 -2.14
CA LYS A 25 -6.60 4.67 -0.76
C LYS A 25 -6.36 3.32 -0.12
N LEU A 26 -5.10 3.01 0.13
CA LEU A 26 -4.76 1.75 0.78
C LEU A 26 -4.49 2.07 2.24
N SER A 27 -5.54 2.01 3.05
CA SER A 27 -5.42 2.34 4.46
C SER A 27 -4.63 1.29 5.21
N ILE A 28 -3.53 1.71 5.85
CA ILE A 28 -2.71 0.79 6.61
C ILE A 28 -3.36 0.65 7.99
N THR A 29 -3.85 -0.55 8.32
CA THR A 29 -4.51 -0.74 9.62
C THR A 29 -3.52 -1.27 10.65
N LYS A 30 -3.29 -0.46 11.68
CA LYS A 30 -2.36 -0.83 12.76
C LYS A 30 -2.50 -2.32 13.08
N GLN A 31 -1.52 -3.10 12.65
CA GLN A 31 -1.55 -4.54 12.90
C GLN A 31 -0.34 -4.93 13.75
N ASP A 32 -0.59 -5.13 15.05
CA ASP A 32 0.46 -5.51 16.00
C ASP A 32 1.80 -4.89 15.60
N ASP A 33 2.89 -5.52 16.00
CA ASP A 33 4.21 -5.01 15.67
C ASP A 33 5.25 -6.10 15.93
N GLY A 34 6.42 -5.94 15.34
CA GLY A 34 7.48 -6.93 15.53
C GLY A 34 7.96 -6.91 16.98
N GLY A 35 7.28 -6.13 17.82
CA GLY A 35 7.63 -6.03 19.24
C GLY A 35 8.07 -4.62 19.61
N ALA A 36 7.90 -3.67 18.70
CA ALA A 36 8.28 -2.29 18.97
C ALA A 36 7.45 -1.33 18.12
N PRO A 37 7.22 -0.12 18.59
CA PRO A 37 6.42 0.88 17.83
C PRO A 37 7.08 1.27 16.51
N ILE A 38 6.26 1.45 15.48
CA ILE A 38 6.78 1.82 14.17
C ILE A 38 6.89 3.33 14.02
N LEU A 39 8.05 3.79 13.55
CA LEU A 39 8.26 5.21 13.34
C LEU A 39 7.76 5.64 11.96
N GLU A 40 8.03 4.80 10.96
CA GLU A 40 7.59 5.10 9.58
C GLU A 40 7.24 3.83 8.81
N TYR A 41 6.51 4.01 7.72
CA TYR A 41 6.10 2.90 6.86
C TYR A 41 6.76 3.04 5.49
N ILE A 42 7.54 2.03 5.11
CA ILE A 42 8.18 2.03 3.81
C ILE A 42 7.31 1.26 2.84
N VAL A 43 6.71 1.98 1.91
CA VAL A 43 5.82 1.37 0.93
C VAL A 43 6.43 1.43 -0.45
N LYS A 44 6.42 0.29 -1.13
CA LYS A 44 6.96 0.20 -2.47
C LYS A 44 5.93 -0.44 -3.39
N TYR A 45 5.71 0.16 -4.56
CA TYR A 45 4.74 -0.39 -5.50
C TYR A 45 5.28 -0.34 -6.93
N ARG A 46 4.80 -1.25 -7.77
CA ARG A 46 5.26 -1.32 -9.16
C ARG A 46 4.08 -1.62 -10.08
N SER A 47 4.38 -1.84 -11.36
CA SER A 47 3.34 -2.16 -12.36
C SER A 47 3.32 -3.66 -12.62
N LYS A 48 2.12 -4.24 -12.70
CA LYS A 48 1.98 -5.67 -12.96
C LYS A 48 2.46 -6.09 -14.36
N ASP A 49 2.33 -5.18 -15.32
CA ASP A 49 2.74 -5.49 -16.69
C ASP A 49 4.21 -5.82 -16.79
N LYS A 50 5.02 -5.18 -15.95
CA LYS A 50 6.47 -5.39 -15.96
C LYS A 50 7.00 -5.64 -14.57
N GLU A 51 8.25 -6.06 -14.53
CA GLU A 51 8.95 -6.35 -13.27
C GLU A 51 10.44 -6.14 -13.44
N ASP A 52 10.95 -5.07 -12.86
CA ASP A 52 12.38 -4.77 -12.95
C ASP A 52 12.78 -3.71 -11.93
N GLN A 53 11.82 -2.87 -11.52
CA GLN A 53 12.09 -1.82 -10.55
C GLN A 53 10.88 -1.60 -9.65
N TRP A 54 11.10 -0.94 -8.51
CA TRP A 54 10.01 -0.68 -7.56
C TRP A 54 10.02 0.79 -7.12
N LEU A 55 8.84 1.40 -7.13
CA LEU A 55 8.71 2.79 -6.70
C LEU A 55 8.74 2.84 -5.17
N GLU A 56 9.03 4.02 -4.59
CA GLU A 56 9.11 4.16 -3.12
C GLU A 56 8.07 5.15 -2.58
N LYS A 57 7.67 4.93 -1.32
CA LYS A 57 6.70 5.81 -0.67
C LYS A 57 6.81 5.64 0.86
N LYS A 58 7.24 6.70 1.54
CA LYS A 58 7.40 6.66 3.00
C LYS A 58 6.20 7.30 3.68
N VAL A 59 5.83 6.78 4.86
CA VAL A 59 4.70 7.33 5.62
C VAL A 59 5.03 7.39 7.11
N GLN A 60 4.31 8.26 7.82
CA GLN A 60 4.51 8.40 9.26
C GLN A 60 3.83 7.25 9.98
N GLY A 61 4.51 6.69 10.98
CA GLY A 61 3.97 5.55 11.73
C GLY A 61 2.61 5.84 12.33
N ASN A 62 2.09 7.05 12.10
CA ASN A 62 0.78 7.43 12.63
C ASN A 62 -0.15 7.83 11.49
N LYS A 63 0.38 7.88 10.26
CA LYS A 63 -0.44 8.25 9.11
C LYS A 63 -1.51 7.20 8.89
N ASP A 64 -1.07 5.95 8.86
CA ASP A 64 -1.96 4.81 8.68
C ASP A 64 -2.78 4.92 7.39
N HIS A 65 -2.19 5.49 6.33
CA HIS A 65 -2.89 5.63 5.04
C HIS A 65 -1.97 6.29 4.00
N ILE A 66 -2.22 5.94 2.73
CA ILE A 66 -1.44 6.50 1.62
C ILE A 66 -2.28 6.56 0.35
N ILE A 67 -2.03 7.59 -0.47
CA ILE A 67 -2.77 7.76 -1.72
C ILE A 67 -1.82 7.67 -2.92
N LEU A 68 -1.90 6.58 -3.68
CA LEU A 68 -1.07 6.41 -4.87
C LEU A 68 -1.83 6.92 -6.07
N GLU A 69 -1.43 8.10 -6.57
CA GLU A 69 -2.08 8.74 -7.71
C GLU A 69 -1.43 8.34 -9.02
N HIS A 70 -2.24 8.35 -10.08
CA HIS A 70 -1.76 8.03 -11.43
C HIS A 70 -1.70 6.52 -11.65
N LEU A 71 -2.86 5.86 -11.57
CA LEU A 71 -2.93 4.41 -11.77
C LEU A 71 -3.84 4.09 -12.95
N GLN A 72 -3.28 4.06 -14.16
CA GLN A 72 -4.07 3.78 -15.36
C GLN A 72 -5.16 2.75 -15.09
N TRP A 73 -6.24 2.85 -15.85
CA TRP A 73 -7.38 1.95 -15.71
C TRP A 73 -7.16 0.64 -16.46
N THR A 74 -6.06 0.56 -17.21
CA THR A 74 -5.75 -0.64 -17.99
C THR A 74 -4.49 -1.33 -17.49
N MET A 75 -4.05 -0.98 -16.29
CA MET A 75 -2.85 -1.58 -15.72
C MET A 75 -2.97 -1.71 -14.21
N GLY A 76 -2.55 -2.86 -13.70
CA GLY A 76 -2.57 -3.12 -12.27
C GLY A 76 -1.23 -2.76 -11.65
N TYR A 77 -1.22 -2.60 -10.34
CA TYR A 77 0.00 -2.25 -9.62
C TYR A 77 0.06 -2.99 -8.28
N GLU A 78 1.21 -3.61 -8.00
CA GLU A 78 1.38 -4.33 -6.73
C GLU A 78 1.86 -3.37 -5.66
N VAL A 79 1.50 -3.63 -4.40
CA VAL A 79 1.90 -2.77 -3.28
C VAL A 79 2.57 -3.61 -2.20
N GLN A 80 3.67 -3.10 -1.66
CA GLN A 80 4.39 -3.79 -0.61
C GLN A 80 4.62 -2.84 0.56
N ILE A 81 3.87 -3.09 1.62
CA ILE A 81 3.94 -2.27 2.83
C ILE A 81 4.93 -2.88 3.82
N THR A 82 5.79 -2.03 4.39
CA THR A 82 6.76 -2.50 5.36
C THR A 82 6.84 -1.50 6.52
N ALA A 83 6.46 -1.96 7.70
CA ALA A 83 6.47 -1.11 8.89
C ALA A 83 7.86 -1.15 9.52
N ALA A 84 8.46 0.02 9.77
CA ALA A 84 9.82 0.09 10.34
C ALA A 84 9.84 0.47 11.81
N ASN A 85 10.12 -0.51 12.66
CA ASN A 85 10.23 -0.28 14.11
C ASN A 85 11.68 -0.43 14.52
N ARG A 86 11.93 -0.49 15.82
CA ARG A 86 13.29 -0.63 16.32
C ARG A 86 13.99 -1.78 15.57
N LEU A 87 13.21 -2.78 15.18
CA LEU A 87 13.77 -3.92 14.45
C LEU A 87 14.33 -3.43 13.13
N GLY A 88 13.58 -2.54 12.49
CA GLY A 88 13.96 -1.97 11.20
C GLY A 88 12.84 -2.20 10.20
N TYR A 89 12.31 -3.41 10.21
CA TYR A 89 11.21 -3.78 9.33
C TYR A 89 10.41 -4.89 10.01
N SER A 90 9.09 -4.84 9.91
CA SER A 90 8.26 -5.86 10.54
C SER A 90 6.89 -5.96 9.89
N GLU A 91 6.24 -7.09 10.15
CA GLU A 91 4.90 -7.35 9.63
C GLU A 91 4.66 -6.71 8.26
N PRO A 92 5.44 -7.06 7.28
CA PRO A 92 5.28 -6.50 5.91
C PRO A 92 4.00 -7.03 5.27
N THR A 93 3.39 -6.24 4.39
CA THR A 93 2.17 -6.68 3.72
C THR A 93 2.30 -6.51 2.22
N VAL A 94 2.24 -7.64 1.53
CA VAL A 94 2.30 -7.66 0.09
C VAL A 94 0.88 -7.66 -0.46
N TYR A 95 0.39 -6.47 -0.77
CA TYR A 95 -0.98 -6.31 -1.27
C TYR A 95 -0.95 -6.27 -2.80
N GLU A 96 -2.01 -6.78 -3.44
CA GLU A 96 -2.06 -6.80 -4.91
C GLU A 96 -3.48 -6.56 -5.39
N PHE A 97 -3.61 -5.71 -6.41
CA PHE A 97 -4.93 -5.40 -6.96
C PHE A 97 -4.81 -4.67 -8.29
N SER A 98 -5.60 -5.10 -9.28
CA SER A 98 -5.58 -4.46 -10.58
C SER A 98 -6.59 -3.32 -10.63
N MET A 99 -6.60 -2.56 -11.73
CA MET A 99 -7.51 -1.43 -11.88
C MET A 99 -8.64 -1.76 -12.86
N PRO A 100 -9.85 -1.26 -12.62
CA PRO A 100 -11.01 -1.50 -13.53
C PRO A 100 -10.92 -0.60 -14.76
N PRO A 101 -11.68 -0.86 -15.80
CA PRO A 101 -11.65 -0.01 -17.03
C PRO A 101 -12.13 1.41 -16.75
N LYS A 102 -11.64 2.36 -17.55
CA LYS A 102 -12.00 3.78 -17.37
C LYS A 102 -13.46 3.94 -16.95
N PRO A 103 -13.74 4.70 -15.90
CA PRO A 103 -15.13 4.96 -15.46
C PRO A 103 -15.80 6.02 -16.34
N ASN A 104 -17.13 5.94 -16.48
CA ASN A 104 -17.86 6.92 -17.31
C ASN A 104 -18.62 7.90 -16.42
N ILE A 105 -19.50 7.38 -15.58
CA ILE A 105 -20.28 8.23 -14.69
C ILE A 105 -19.38 8.77 -13.58
N ILE A 106 -18.39 7.96 -13.25
CA ILE A 106 -17.42 8.26 -12.20
C ILE A 106 -18.07 8.67 -10.90
N LYS A 107 -17.59 8.05 -9.84
CA LYS A 107 -18.07 8.34 -8.49
C LYS A 107 -17.23 7.61 -7.45
N ASP A 108 -17.89 6.83 -6.59
CA ASP A 108 -17.19 6.08 -5.54
C ASP A 108 -17.83 4.71 -5.35
N ARG A 7 8.87 -11.85 16.56
CA ARG A 7 8.51 -10.63 15.80
C ARG A 7 6.98 -10.57 15.64
N GLU A 8 6.27 -10.92 16.73
CA GLU A 8 4.79 -10.92 16.74
C GLU A 8 4.18 -10.08 15.62
N PRO A 9 4.10 -10.62 14.42
CA PRO A 9 3.54 -9.94 13.23
C PRO A 9 2.13 -10.45 12.95
N SER A 10 1.62 -10.19 11.74
CA SER A 10 0.28 -10.65 11.40
C SER A 10 0.04 -10.56 9.87
N PRO A 11 -0.87 -11.36 9.32
CA PRO A 11 -1.16 -11.34 7.84
C PRO A 11 -1.39 -9.92 7.31
N PRO A 12 -1.82 -9.79 6.06
CA PRO A 12 -2.07 -8.46 5.42
C PRO A 12 -3.03 -7.56 6.21
N SER A 13 -2.75 -6.26 6.14
CA SER A 13 -3.54 -5.24 6.83
C SER A 13 -3.75 -4.03 5.91
N ILE A 14 -4.21 -4.29 4.69
CA ILE A 14 -4.40 -3.22 3.71
C ILE A 14 -5.82 -3.25 3.15
N HIS A 15 -6.46 -2.09 3.19
CA HIS A 15 -7.82 -1.95 2.68
C HIS A 15 -7.84 -0.87 1.60
N GLY A 16 -8.12 -1.26 0.36
CA GLY A 16 -8.15 -0.29 -0.74
C GLY A 16 -9.56 0.23 -0.99
N GLN A 17 -9.63 1.48 -1.42
CA GLN A 17 -10.91 2.13 -1.69
C GLN A 17 -10.70 3.28 -2.67
N PRO A 18 -11.53 3.43 -3.69
CA PRO A 18 -11.35 4.53 -4.68
C PRO A 18 -11.70 5.89 -4.07
N SER A 19 -10.68 6.69 -3.81
CA SER A 19 -10.90 8.02 -3.24
C SER A 19 -11.37 8.97 -4.34
N SER A 20 -10.41 9.49 -5.11
CA SER A 20 -10.72 10.39 -6.20
C SER A 20 -9.77 10.12 -7.36
N GLY A 21 -10.33 10.05 -8.57
CA GLY A 21 -9.52 9.80 -9.76
C GLY A 21 -9.05 8.34 -9.81
N LYS A 22 -7.85 8.16 -10.34
CA LYS A 22 -7.27 6.81 -10.48
C LYS A 22 -6.53 6.42 -9.21
N SER A 23 -6.45 7.34 -8.27
CA SER A 23 -5.75 7.06 -7.03
C SER A 23 -6.55 6.08 -6.16
N PHE A 24 -5.85 5.21 -5.43
CA PHE A 24 -6.49 4.22 -4.55
C PHE A 24 -6.03 4.45 -3.12
N LYS A 25 -6.97 4.61 -2.21
CA LYS A 25 -6.65 4.82 -0.81
C LYS A 25 -6.45 3.49 -0.09
N LEU A 26 -5.19 3.14 0.17
CA LEU A 26 -4.87 1.89 0.87
C LEU A 26 -4.59 2.21 2.34
N SER A 27 -5.59 2.04 3.18
CA SER A 27 -5.44 2.32 4.60
C SER A 27 -4.58 1.27 5.27
N ILE A 28 -3.45 1.69 5.86
CA ILE A 28 -2.59 0.75 6.54
C ILE A 28 -3.19 0.50 7.92
N THR A 29 -3.56 -0.75 8.22
CA THR A 29 -4.17 -1.05 9.51
C THR A 29 -3.08 -1.30 10.54
N LYS A 30 -3.18 -0.61 11.67
CA LYS A 30 -2.19 -0.77 12.72
C LYS A 30 -2.05 -2.24 13.06
N GLN A 31 -0.90 -2.78 12.71
CA GLN A 31 -0.60 -4.19 12.94
C GLN A 31 0.12 -4.37 14.28
N ASP A 32 0.26 -5.61 14.72
CA ASP A 32 0.93 -5.90 15.99
C ASP A 32 2.31 -5.26 16.00
N ASP A 33 2.73 -4.76 14.83
CA ASP A 33 4.01 -4.07 14.68
C ASP A 33 5.17 -4.86 15.29
N GLY A 34 5.10 -6.18 15.21
CA GLY A 34 6.16 -7.04 15.75
C GLY A 34 6.29 -6.90 17.26
N GLY A 35 5.65 -5.88 17.83
CA GLY A 35 5.71 -5.65 19.28
C GLY A 35 6.44 -4.35 19.61
N ALA A 36 6.83 -3.59 18.57
CA ALA A 36 7.53 -2.33 18.77
C ALA A 36 6.88 -1.22 17.93
N PRO A 37 6.98 0.03 18.36
CA PRO A 37 6.37 1.17 17.62
C PRO A 37 7.08 1.44 16.29
N ILE A 38 6.30 1.83 15.28
CA ILE A 38 6.84 2.09 13.95
C ILE A 38 7.08 3.59 13.73
N LEU A 39 8.30 3.92 13.36
CA LEU A 39 8.66 5.30 13.07
C LEU A 39 8.05 5.74 11.75
N GLU A 40 8.06 4.84 10.77
CA GLU A 40 7.51 5.12 9.45
C GLU A 40 7.20 3.84 8.70
N TYR A 41 6.52 3.99 7.56
CA TYR A 41 6.15 2.86 6.71
C TYR A 41 6.81 2.99 5.34
N ILE A 42 7.59 1.97 4.96
CA ILE A 42 8.24 1.95 3.65
C ILE A 42 7.33 1.19 2.70
N VAL A 43 6.72 1.92 1.78
CA VAL A 43 5.79 1.33 0.82
C VAL A 43 6.38 1.37 -0.58
N LYS A 44 6.40 0.20 -1.23
CA LYS A 44 6.93 0.11 -2.58
C LYS A 44 5.90 -0.52 -3.50
N TYR A 45 5.76 0.02 -4.71
CA TYR A 45 4.78 -0.52 -5.66
C TYR A 45 5.32 -0.48 -7.09
N ARG A 46 4.85 -1.43 -7.90
CA ARG A 46 5.25 -1.53 -9.31
C ARG A 46 4.07 -1.96 -10.15
N SER A 47 4.26 -1.98 -11.47
CA SER A 47 3.19 -2.41 -12.38
C SER A 47 3.13 -3.93 -12.43
N LYS A 48 1.94 -4.48 -12.69
CA LYS A 48 1.78 -5.93 -12.77
C LYS A 48 2.35 -6.50 -14.06
N ASP A 49 3.11 -5.68 -14.79
CA ASP A 49 3.71 -6.12 -16.05
C ASP A 49 5.22 -5.87 -16.05
N LYS A 50 5.63 -4.77 -15.42
CA LYS A 50 7.06 -4.41 -15.35
C LYS A 50 7.64 -4.75 -13.98
N GLU A 51 8.49 -5.76 -13.97
CA GLU A 51 9.14 -6.22 -12.74
C GLU A 51 10.60 -5.79 -12.71
N ASP A 52 10.95 -4.83 -13.57
CA ASP A 52 12.34 -4.35 -13.65
C ASP A 52 12.56 -3.10 -12.80
N GLN A 53 11.53 -2.66 -12.07
CA GLN A 53 11.67 -1.46 -11.25
C GLN A 53 10.59 -1.37 -10.17
N TRP A 54 11.01 -1.01 -8.96
CA TRP A 54 10.10 -0.86 -7.82
C TRP A 54 10.15 0.57 -7.31
N LEU A 55 8.98 1.22 -7.27
CA LEU A 55 8.89 2.60 -6.81
C LEU A 55 8.83 2.63 -5.28
N GLU A 56 9.14 3.79 -4.68
CA GLU A 56 9.14 3.91 -3.21
C GLU A 56 8.16 4.98 -2.73
N LYS A 57 7.71 4.81 -1.49
CA LYS A 57 6.76 5.74 -0.87
C LYS A 57 6.90 5.59 0.65
N LYS A 58 7.35 6.66 1.30
CA LYS A 58 7.53 6.63 2.77
C LYS A 58 6.36 7.32 3.46
N VAL A 59 5.93 6.75 4.59
CA VAL A 59 4.79 7.32 5.34
C VAL A 59 5.13 7.43 6.82
N GLN A 60 4.36 8.25 7.51
CA GLN A 60 4.54 8.45 8.95
C GLN A 60 3.94 7.27 9.70
N GLY A 61 4.53 6.92 10.82
CA GLY A 61 4.06 5.79 11.62
C GLY A 61 2.73 6.10 12.31
N ASN A 62 2.17 7.28 12.00
CA ASN A 62 0.90 7.70 12.59
C ASN A 62 -0.14 7.94 11.50
N LYS A 63 0.32 8.06 10.26
CA LYS A 63 -0.59 8.29 9.14
C LYS A 63 -1.51 7.08 8.95
N ASP A 64 -0.90 5.90 8.85
CA ASP A 64 -1.66 4.67 8.68
C ASP A 64 -2.57 4.75 7.45
N HIS A 65 -2.09 5.38 6.37
CA HIS A 65 -2.87 5.52 5.14
C HIS A 65 -2.05 6.23 4.05
N ILE A 66 -2.34 5.93 2.79
CA ILE A 66 -1.62 6.56 1.67
C ILE A 66 -2.49 6.67 0.43
N ILE A 67 -2.20 7.68 -0.39
CA ILE A 67 -2.93 7.91 -1.64
C ILE A 67 -1.95 7.86 -2.80
N LEU A 68 -2.05 6.84 -3.64
CA LEU A 68 -1.13 6.68 -4.78
C LEU A 68 -1.78 7.21 -6.05
N GLU A 69 -1.24 8.29 -6.58
CA GLU A 69 -1.80 8.91 -7.79
C GLU A 69 -1.28 8.26 -9.07
N HIS A 70 -2.10 8.37 -10.12
CA HIS A 70 -1.77 7.81 -11.43
C HIS A 70 -1.55 6.32 -11.35
N LEU A 71 -2.65 5.56 -11.36
CA LEU A 71 -2.59 4.09 -11.29
C LEU A 71 -3.18 3.47 -12.55
N GLN A 72 -3.71 4.32 -13.42
CA GLN A 72 -4.34 3.86 -14.66
C GLN A 72 -5.46 2.88 -14.36
N TRP A 73 -6.48 2.87 -15.22
CA TRP A 73 -7.64 2.00 -15.02
C TRP A 73 -7.45 0.64 -15.70
N THR A 74 -6.46 0.55 -16.60
CA THR A 74 -6.22 -0.69 -17.35
C THR A 74 -4.87 -1.32 -17.02
N MET A 75 -4.20 -0.80 -15.99
CA MET A 75 -2.89 -1.34 -15.60
C MET A 75 -2.83 -1.53 -14.10
N GLY A 76 -2.66 -2.77 -13.68
CA GLY A 76 -2.60 -3.09 -12.27
C GLY A 76 -1.26 -2.69 -11.66
N TYR A 77 -1.27 -2.51 -10.35
CA TYR A 77 -0.07 -2.15 -9.60
C TYR A 77 -0.02 -2.90 -8.28
N GLU A 78 1.10 -3.56 -8.01
CA GLU A 78 1.27 -4.29 -6.76
C GLU A 78 1.79 -3.33 -5.70
N VAL A 79 1.49 -3.62 -4.43
CA VAL A 79 1.94 -2.75 -3.34
C VAL A 79 2.60 -3.60 -2.25
N GLN A 80 3.74 -3.13 -1.75
CA GLN A 80 4.46 -3.83 -0.69
C GLN A 80 4.67 -2.90 0.49
N ILE A 81 3.92 -3.15 1.54
CA ILE A 81 3.97 -2.34 2.76
C ILE A 81 4.94 -2.95 3.77
N THR A 82 5.79 -2.11 4.34
CA THR A 82 6.75 -2.58 5.35
C THR A 82 6.86 -1.54 6.46
N ALA A 83 6.47 -1.93 7.66
CA ALA A 83 6.49 -1.04 8.80
C ALA A 83 7.85 -1.14 9.49
N ALA A 84 8.52 0.00 9.70
CA ALA A 84 9.85 0.00 10.32
C ALA A 84 9.80 0.40 11.79
N ASN A 85 10.06 -0.57 12.65
CA ASN A 85 10.10 -0.36 14.09
C ASN A 85 11.50 -0.62 14.60
N ARG A 86 11.68 -0.55 15.92
CA ARG A 86 13.00 -0.77 16.51
C ARG A 86 13.68 -1.97 15.84
N LEU A 87 12.87 -2.93 15.41
CA LEU A 87 13.38 -4.12 14.73
C LEU A 87 14.03 -3.71 13.41
N GLY A 88 13.36 -2.79 12.71
CA GLY A 88 13.83 -2.29 11.41
C GLY A 88 12.74 -2.48 10.37
N TYR A 89 12.14 -3.67 10.38
CA TYR A 89 11.05 -4.00 9.47
C TYR A 89 10.20 -5.09 10.11
N SER A 90 8.88 -4.99 9.99
CA SER A 90 8.00 -5.99 10.60
C SER A 90 6.72 -6.18 9.78
N GLU A 91 6.08 -7.31 10.04
CA GLU A 91 4.82 -7.70 9.40
C GLU A 91 4.60 -7.00 8.06
N PRO A 92 5.45 -7.20 7.09
CA PRO A 92 5.28 -6.58 5.75
C PRO A 92 4.04 -7.13 5.07
N THR A 93 3.40 -6.33 4.23
CA THR A 93 2.22 -6.78 3.50
C THR A 93 2.37 -6.61 2.01
N VAL A 94 2.33 -7.72 1.31
CA VAL A 94 2.39 -7.72 -0.14
C VAL A 94 0.97 -7.72 -0.66
N TYR A 95 0.43 -6.53 -0.91
CA TYR A 95 -0.94 -6.38 -1.41
C TYR A 95 -0.94 -6.29 -2.93
N GLU A 96 -1.81 -7.05 -3.58
CA GLU A 96 -1.88 -7.05 -5.04
C GLU A 96 -3.33 -6.93 -5.53
N PHE A 97 -3.54 -6.08 -6.53
CA PHE A 97 -4.87 -5.88 -7.09
C PHE A 97 -4.81 -5.02 -8.34
N SER A 98 -5.51 -5.46 -9.39
CA SER A 98 -5.55 -4.71 -10.63
C SER A 98 -6.56 -3.57 -10.53
N MET A 99 -6.45 -2.60 -11.44
CA MET A 99 -7.35 -1.45 -11.41
C MET A 99 -8.62 -1.71 -12.25
N PRO A 100 -9.77 -1.23 -11.81
CA PRO A 100 -11.05 -1.42 -12.55
C PRO A 100 -11.09 -0.55 -13.81
N PRO A 101 -12.01 -0.81 -14.72
CA PRO A 101 -12.15 -0.01 -15.98
C PRO A 101 -12.59 1.43 -15.69
N LYS A 102 -12.21 2.35 -16.56
CA LYS A 102 -12.56 3.76 -16.38
C LYS A 102 -13.99 3.92 -15.86
N PRO A 103 -14.20 4.71 -14.83
CA PRO A 103 -15.57 4.95 -14.28
C PRO A 103 -16.35 5.92 -15.15
N ASN A 104 -17.60 6.19 -14.76
CA ASN A 104 -18.44 7.13 -15.49
C ASN A 104 -19.52 7.71 -14.58
N ILE A 105 -20.71 7.09 -14.55
CA ILE A 105 -21.80 7.57 -13.69
C ILE A 105 -22.01 6.63 -12.50
N ILE A 106 -21.24 5.55 -12.45
CA ILE A 106 -21.36 4.55 -11.39
C ILE A 106 -20.02 4.34 -10.67
N LYS A 107 -20.10 3.73 -9.50
CA LYS A 107 -18.91 3.44 -8.69
C LYS A 107 -18.16 4.70 -8.29
N ASP A 108 -17.90 4.83 -6.98
CA ASP A 108 -17.18 6.00 -6.47
C ASP A 108 -16.35 5.61 -5.25
#